data_6JYG
#
_entry.id   6JYG
#
_cell.length_a   171.207
_cell.length_b   98.865
_cell.length_c   152.515
_cell.angle_alpha   90.00
_cell.angle_beta   106.72
_cell.angle_gamma   90.00
#
_symmetry.space_group_name_H-M   'C 1 2 1'
#
loop_
_entity.id
_entity.type
_entity.pdbx_description
1 polymer 'L-threonine 3-dehydrogenase, putative'
2 non-polymer 'CITRATE ANION'
3 non-polymer 3,6,9,12,15,18,21-HEPTAOXATRICOSANE-1,23-DIOL
4 non-polymer NICOTINAMIDE-ADENINE-DINUCLEOTIDE
5 water water
#
_entity_poly.entity_id   1
_entity_poly.type   'polypeptide(L)'
_entity_poly.pdbx_seq_one_letter_code
;MISATRLQRAVRPAARAFSQSANPSRILVTGGTGQIGMELVPYMRQLFGADTIVNSDIKAPGGGHRDGNFVYCDVQDRDS
MARIVTEQGVDTIVHMASLLSAVGEANPSLALSVNTRGIQNVLELAKQYQLRVFAPSTIAVFGPSTPQDETPDTTIMRPT
TMYGLTKVHVELLGEYYYNKFGVDFRSVRYPGVISSEALPGGGTTDYAVEIFYEALKHGKYTCFLNRDAKLPMMYMPDCL
KATMGLINAPNDCLSQRTYNITAVSFTPEEIVASIQKVMPSFQCDYKPDFRQQIAETWPRSIDDSIARKDWNWQHDFDLD
SMVEDMLVKLDAKLSKPEAAVEETA
;
_entity_poly.pdbx_strand_id   A,B,C,D,E,F
#
# COMPACT_ATOMS: atom_id res chain seq x y z
N SER A 25 2.06 44.59 1.38
CA SER A 25 1.81 44.35 -0.09
C SER A 25 0.38 43.87 -0.43
N ARG A 26 -0.29 43.16 0.45
CA ARG A 26 -1.55 42.55 0.10
C ARG A 26 -2.90 43.23 0.60
N ILE A 27 -3.97 42.99 -0.19
CA ILE A 27 -5.32 43.54 0.08
C ILE A 27 -6.30 42.42 0.37
N LEU A 28 -7.00 42.52 1.50
CA LEU A 28 -8.00 41.58 1.88
C LEU A 28 -9.28 42.19 1.58
N VAL A 29 -10.15 41.50 0.82
CA VAL A 29 -11.56 42.00 0.71
C VAL A 29 -12.46 41.12 1.54
N THR A 30 -13.34 41.74 2.35
CA THR A 30 -14.34 40.97 3.02
C THR A 30 -15.64 41.03 2.21
N GLY A 31 -16.49 40.00 2.39
CA GLY A 31 -17.77 39.93 1.68
C GLY A 31 -17.49 39.91 0.21
N GLY A 32 -16.38 39.26 -0.18
CA GLY A 32 -15.82 39.39 -1.52
C GLY A 32 -16.59 38.72 -2.66
N THR A 33 -17.67 38.01 -2.28
CA THR A 33 -18.28 36.99 -3.11
C THR A 33 -19.65 37.49 -3.43
N GLY A 34 -19.97 38.68 -2.91
CA GLY A 34 -21.20 39.46 -3.18
C GLY A 34 -21.41 40.10 -4.57
N GLN A 35 -22.47 40.91 -4.67
CA GLN A 35 -22.85 41.58 -5.88
C GLN A 35 -21.67 42.35 -6.47
N ILE A 36 -21.08 43.22 -5.65
CA ILE A 36 -19.97 44.05 -6.06
C ILE A 36 -18.64 43.37 -5.99
N GLY A 37 -18.43 42.61 -4.94
CA GLY A 37 -17.26 41.76 -4.75
C GLY A 37 -16.94 40.85 -5.90
N MET A 38 -17.92 40.04 -6.32
CA MET A 38 -17.76 39.17 -7.52
C MET A 38 -17.07 39.89 -8.72
N GLU A 39 -17.25 41.20 -8.91
CA GLU A 39 -16.56 41.93 -10.01
C GLU A 39 -15.45 42.86 -9.48
N LEU A 40 -15.64 43.41 -8.26
CA LEU A 40 -14.55 44.20 -7.66
C LEU A 40 -13.28 43.37 -7.45
N VAL A 41 -13.40 42.11 -6.96
CA VAL A 41 -12.24 41.30 -6.75
C VAL A 41 -11.43 41.05 -8.13
N PRO A 42 -12.09 40.60 -9.25
CA PRO A 42 -11.27 40.42 -10.49
C PRO A 42 -10.71 41.75 -11.03
N TYR A 43 -11.47 42.84 -10.92
CA TYR A 43 -10.92 44.14 -11.34
C TYR A 43 -9.64 44.49 -10.53
N MET A 44 -9.68 44.26 -9.21
CA MET A 44 -8.50 44.54 -8.42
C MET A 44 -7.35 43.60 -8.79
N ARG A 45 -7.69 42.39 -9.18
CA ARG A 45 -6.63 41.42 -9.52
C ARG A 45 -5.91 41.91 -10.81
N GLN A 46 -6.67 42.56 -11.70
CA GLN A 46 -6.18 43.03 -12.97
C GLN A 46 -5.20 44.15 -12.71
N LEU A 47 -5.60 45.05 -11.82
CA LEU A 47 -4.93 46.26 -11.55
C LEU A 47 -3.74 46.03 -10.68
N PHE A 48 -3.74 44.95 -9.87
CA PHE A 48 -2.70 44.79 -8.84
C PHE A 48 -1.89 43.50 -8.89
N GLY A 49 -2.33 42.51 -9.70
CA GLY A 49 -1.84 41.11 -9.49
C GLY A 49 -2.85 40.18 -8.81
N ALA A 50 -3.03 38.99 -9.41
CA ALA A 50 -3.99 37.97 -8.99
C ALA A 50 -3.69 37.78 -7.56
N ASP A 51 -2.37 37.76 -7.29
CA ASP A 51 -1.82 37.35 -6.03
C ASP A 51 -1.86 38.41 -4.96
N THR A 52 -2.05 39.66 -5.34
CA THR A 52 -2.10 40.60 -4.32
C THR A 52 -3.47 40.80 -3.64
N ILE A 53 -4.52 40.10 -4.07
CA ILE A 53 -5.89 40.20 -3.50
C ILE A 53 -6.29 38.88 -2.84
N VAL A 54 -6.69 39.03 -1.58
CA VAL A 54 -7.20 37.94 -0.75
C VAL A 54 -8.66 38.10 -0.74
N ASN A 55 -9.32 37.23 -1.48
CA ASN A 55 -10.78 37.12 -1.51
C ASN A 55 -11.31 36.40 -0.27
N SER A 56 -12.39 36.90 0.31
CA SER A 56 -12.89 36.22 1.42
C SER A 56 -14.35 36.54 1.67
N ASP A 57 -15.08 35.60 2.30
CA ASP A 57 -16.53 35.63 2.54
C ASP A 57 -16.86 34.38 3.41
N ILE A 58 -18.12 34.22 3.69
CA ILE A 58 -18.63 33.07 4.38
C ILE A 58 -19.26 32.05 3.44
N LYS A 59 -19.25 32.33 2.12
CA LYS A 59 -19.53 31.38 1.02
C LYS A 59 -18.54 31.55 -0.16
N ALA A 60 -18.24 30.46 -0.80
CA ALA A 60 -17.38 30.41 -1.91
C ALA A 60 -17.94 31.21 -3.09
N PRO A 61 -17.04 31.67 -3.96
CA PRO A 61 -17.37 32.13 -5.33
C PRO A 61 -18.30 31.16 -6.01
N GLY A 62 -19.37 31.64 -6.66
CA GLY A 62 -20.34 30.75 -7.36
C GLY A 62 -19.93 30.55 -8.84
N ASP A 67 -11.22 31.02 -8.56
CA ASP A 67 -10.55 31.98 -7.66
C ASP A 67 -9.03 31.80 -7.39
N GLY A 68 -8.66 30.87 -6.50
CA GLY A 68 -7.25 30.50 -6.25
C GLY A 68 -6.57 31.17 -5.05
N ASN A 69 -7.25 32.12 -4.41
CA ASN A 69 -6.77 32.74 -3.16
C ASN A 69 -8.05 33.17 -2.36
N PHE A 70 -8.87 32.17 -2.03
CA PHE A 70 -10.12 32.42 -1.37
C PHE A 70 -10.08 31.88 0.02
N VAL A 71 -10.31 32.74 1.01
CA VAL A 71 -10.34 32.20 2.40
C VAL A 71 -11.67 32.46 3.03
N TYR A 72 -12.09 31.57 3.92
CA TYR A 72 -13.27 31.85 4.72
C TYR A 72 -13.02 33.00 5.65
N CYS A 73 -13.95 33.95 5.76
CA CYS A 73 -13.81 34.82 6.88
C CYS A 73 -15.21 35.35 7.28
N ASP A 74 -15.63 35.04 8.49
CA ASP A 74 -16.74 35.69 9.08
C ASP A 74 -16.18 36.91 9.78
N VAL A 75 -16.70 38.07 9.45
CA VAL A 75 -16.20 39.35 9.86
C VAL A 75 -16.71 39.58 11.32
N GLN A 76 -17.57 38.72 11.90
CA GLN A 76 -17.91 38.92 13.33
C GLN A 76 -16.79 38.18 14.23
N ASP A 77 -15.80 37.55 13.61
CA ASP A 77 -14.84 36.79 14.34
C ASP A 77 -13.48 37.53 14.15
N ARG A 78 -13.30 38.57 14.95
CA ARG A 78 -12.05 39.33 15.02
C ARG A 78 -10.72 38.55 14.84
N ASP A 79 -10.47 37.52 15.70
CA ASP A 79 -9.23 36.81 15.49
C ASP A 79 -9.01 36.01 14.21
N SER A 80 -10.04 35.37 13.68
CA SER A 80 -9.90 34.74 12.36
C SER A 80 -9.42 35.92 11.37
N MET A 81 -9.99 37.12 11.48
CA MET A 81 -9.44 38.23 10.63
C MET A 81 -8.00 38.54 10.94
N ALA A 82 -7.67 38.56 12.23
CA ALA A 82 -6.29 38.87 12.64
C ALA A 82 -5.31 37.82 11.99
N ARG A 83 -5.76 36.53 11.89
CA ARG A 83 -4.97 35.49 11.37
C ARG A 83 -4.65 35.75 9.92
N ILE A 84 -5.72 36.15 9.22
CA ILE A 84 -5.68 36.33 7.79
C ILE A 84 -4.77 37.50 7.56
N VAL A 85 -5.01 38.61 8.27
CA VAL A 85 -4.17 39.87 8.10
C VAL A 85 -2.65 39.58 8.16
N THR A 86 -2.28 39.04 9.31
CA THR A 86 -0.93 38.57 9.67
C THR A 86 -0.30 37.54 8.73
N GLU A 87 -1.11 36.55 8.29
CA GLU A 87 -0.57 35.45 7.57
C GLU A 87 -0.34 35.84 6.10
N GLN A 88 -1.17 36.75 5.59
CA GLN A 88 -1.27 37.13 4.19
C GLN A 88 -0.47 38.44 3.97
N GLY A 89 0.11 39.00 5.02
CA GLY A 89 0.81 40.28 4.91
C GLY A 89 -0.18 41.37 4.39
N VAL A 90 -1.38 41.48 5.00
CA VAL A 90 -2.38 42.33 4.47
C VAL A 90 -2.03 43.78 4.88
N ASP A 91 -2.28 44.79 4.02
CA ASP A 91 -2.13 46.18 4.55
C ASP A 91 -3.37 47.06 4.41
N THR A 92 -4.42 46.49 3.80
CA THR A 92 -5.62 47.22 3.35
C THR A 92 -6.76 46.24 3.48
N ILE A 93 -7.81 46.61 4.15
CA ILE A 93 -9.02 45.82 4.14
C ILE A 93 -10.07 46.50 3.24
N VAL A 94 -10.59 45.81 2.21
CA VAL A 94 -11.72 46.39 1.46
C VAL A 94 -12.97 45.65 2.00
N HIS A 95 -13.75 46.34 2.86
CA HIS A 95 -14.71 45.66 3.74
C HIS A 95 -16.08 45.71 3.01
N MET A 96 -16.45 44.67 2.26
CA MET A 96 -17.69 44.70 1.44
C MET A 96 -18.76 43.99 2.24
N ALA A 97 -18.36 43.23 3.26
CA ALA A 97 -19.27 42.30 3.90
C ALA A 97 -20.39 43.14 4.63
N SER A 98 -21.61 42.75 4.41
CA SER A 98 -22.77 43.38 4.96
C SER A 98 -23.96 42.57 4.71
N LEU A 99 -24.92 42.66 5.58
CA LEU A 99 -26.23 42.21 5.20
C LEU A 99 -26.85 43.50 4.52
N LEU A 100 -27.85 43.38 3.65
CA LEU A 100 -28.30 44.60 2.95
C LEU A 100 -29.71 44.92 3.44
N SER A 101 -30.57 45.59 2.67
CA SER A 101 -31.76 46.21 3.29
C SER A 101 -32.88 45.26 3.61
N ALA A 102 -33.08 44.23 2.77
CA ALA A 102 -34.15 43.16 2.96
C ALA A 102 -33.85 42.07 4.02
N VAL A 103 -32.62 41.59 4.10
CA VAL A 103 -32.28 40.68 5.20
C VAL A 103 -32.37 41.51 6.50
N GLY A 104 -31.99 42.81 6.39
CA GLY A 104 -32.06 43.78 7.50
C GLY A 104 -33.48 43.89 8.04
N GLU A 105 -34.45 44.21 7.15
CA GLU A 105 -35.83 44.36 7.57
C GLU A 105 -36.39 42.99 7.92
N ALA A 106 -36.05 41.94 7.13
CA ALA A 106 -36.52 40.55 7.50
C ALA A 106 -35.92 40.02 8.82
N ASN A 107 -34.62 40.20 8.99
CA ASN A 107 -33.89 39.69 10.18
C ASN A 107 -33.08 40.83 10.89
N PRO A 108 -33.76 41.75 11.65
CA PRO A 108 -33.00 42.95 12.06
C PRO A 108 -31.81 42.75 13.06
N SER A 109 -32.00 41.93 14.05
CA SER A 109 -30.94 41.68 15.06
C SER A 109 -29.65 41.10 14.36
N LEU A 110 -29.86 40.32 13.30
CA LEU A 110 -28.71 39.70 12.63
C LEU A 110 -27.96 40.76 11.85
N ALA A 111 -28.68 41.58 11.10
CA ALA A 111 -28.16 42.72 10.41
C ALA A 111 -27.24 43.60 11.27
N LEU A 112 -27.71 43.88 12.47
CA LEU A 112 -27.06 44.68 13.45
C LEU A 112 -25.69 44.04 13.87
N SER A 113 -25.69 42.73 14.13
CA SER A 113 -24.49 42.04 14.55
C SER A 113 -23.47 42.06 13.35
N VAL A 114 -23.91 41.77 12.10
CA VAL A 114 -22.94 41.70 10.97
C VAL A 114 -22.35 43.06 10.67
N ASN A 115 -23.17 44.07 10.38
CA ASN A 115 -22.73 45.35 9.90
C ASN A 115 -21.93 46.15 10.95
N THR A 116 -22.48 46.29 12.21
CA THR A 116 -21.84 47.12 13.22
C THR A 116 -20.65 46.32 13.78
N ARG A 117 -20.79 45.04 14.09
CA ARG A 117 -19.64 44.28 14.54
C ARG A 117 -18.53 44.02 13.49
N GLY A 118 -18.85 43.87 12.18
CA GLY A 118 -17.79 43.65 11.17
C GLY A 118 -17.04 44.95 11.06
N ILE A 119 -17.72 46.14 11.02
CA ILE A 119 -16.94 47.39 10.95
C ILE A 119 -16.09 47.54 12.19
N GLN A 120 -16.68 47.38 13.36
CA GLN A 120 -15.89 47.45 14.54
C GLN A 120 -14.62 46.63 14.58
N ASN A 121 -14.74 45.34 14.31
CA ASN A 121 -13.62 44.45 14.24
C ASN A 121 -12.71 44.88 13.13
N VAL A 122 -13.28 45.39 12.03
CA VAL A 122 -12.30 45.87 10.97
C VAL A 122 -11.48 47.09 11.44
N LEU A 123 -12.08 47.93 12.25
CA LEU A 123 -11.39 49.19 12.48
C LEU A 123 -10.37 48.97 13.61
N GLU A 124 -10.80 48.16 14.56
CA GLU A 124 -9.91 47.73 15.69
C GLU A 124 -8.62 47.01 15.21
N LEU A 125 -8.71 46.25 14.15
CA LEU A 125 -7.54 45.62 13.55
C LEU A 125 -6.72 46.53 12.71
N ALA A 126 -7.36 47.45 11.98
CA ALA A 126 -6.68 48.51 11.25
C ALA A 126 -5.81 49.31 12.14
N LYS A 127 -6.35 49.61 13.34
CA LYS A 127 -5.61 50.30 14.36
C LYS A 127 -4.40 49.46 14.87
N GLN A 128 -4.63 48.20 15.23
CA GLN A 128 -3.52 47.40 15.80
C GLN A 128 -2.47 47.15 14.73
N TYR A 129 -2.89 46.94 13.45
CA TYR A 129 -1.99 46.42 12.43
C TYR A 129 -1.55 47.56 11.52
N GLN A 130 -1.96 48.78 11.88
CA GLN A 130 -1.79 49.94 11.01
C GLN A 130 -2.32 49.65 9.62
N LEU A 131 -3.57 49.27 9.50
CA LEU A 131 -4.10 49.01 8.17
C LEU A 131 -4.87 50.20 7.65
N ARG A 132 -4.98 50.28 6.31
CA ARG A 132 -6.03 51.13 5.66
C ARG A 132 -7.36 50.41 5.42
N VAL A 133 -8.48 51.14 5.36
CA VAL A 133 -9.73 50.47 5.11
C VAL A 133 -10.58 51.17 4.10
N PHE A 134 -11.26 50.41 3.31
CA PHE A 134 -12.24 51.04 2.43
C PHE A 134 -13.44 50.35 2.95
N ALA A 135 -14.51 51.06 3.20
CA ALA A 135 -15.81 50.41 3.55
C ALA A 135 -16.95 51.24 2.96
N PRO A 136 -17.87 50.61 2.23
CA PRO A 136 -18.81 51.49 1.60
C PRO A 136 -20.02 51.81 2.52
N SER A 137 -20.69 52.91 2.20
CA SER A 137 -21.92 53.23 2.81
C SER A 137 -22.88 53.15 1.66
N THR A 138 -23.96 53.94 1.71
CA THR A 138 -25.09 53.67 0.95
C THR A 138 -25.91 54.94 1.08
N ILE A 139 -26.62 55.25 0.00
CA ILE A 139 -27.64 56.23 0.08
C ILE A 139 -28.76 55.94 1.11
N ALA A 140 -28.93 54.71 1.64
CA ALA A 140 -29.91 54.44 2.74
C ALA A 140 -29.50 55.04 4.08
N VAL A 141 -28.36 55.76 4.13
CA VAL A 141 -28.14 56.59 5.36
C VAL A 141 -29.14 57.73 5.55
N PHE A 142 -29.79 58.14 4.44
CA PHE A 142 -30.68 59.29 4.38
C PHE A 142 -32.10 58.79 4.59
N GLY A 143 -32.90 59.60 5.33
CA GLY A 143 -34.30 59.38 5.57
C GLY A 143 -35.29 60.44 5.08
N PRO A 144 -36.53 60.38 5.60
CA PRO A 144 -37.58 61.32 5.05
C PRO A 144 -37.23 62.77 5.36
N SER A 145 -36.38 62.99 6.35
CA SER A 145 -35.88 64.33 6.81
C SER A 145 -34.84 64.93 5.91
N THR A 146 -34.17 64.05 5.16
CA THR A 146 -33.13 64.44 4.28
C THR A 146 -33.68 65.24 3.08
N PRO A 147 -33.06 66.39 2.79
CA PRO A 147 -33.61 66.96 1.54
C PRO A 147 -33.17 65.97 0.46
N GLN A 148 -34.16 65.60 -0.37
CA GLN A 148 -34.05 64.47 -1.32
C GLN A 148 -33.63 64.74 -2.81
N ASP A 149 -33.61 66.00 -3.22
CA ASP A 149 -33.02 66.45 -4.49
C ASP A 149 -31.63 66.96 -4.19
N GLU A 150 -30.62 66.55 -4.98
CA GLU A 150 -29.24 67.09 -4.81
C GLU A 150 -28.81 67.11 -3.34
N THR A 151 -28.90 65.92 -2.74
CA THR A 151 -28.61 65.64 -1.37
C THR A 151 -27.11 65.82 -1.25
N PRO A 152 -26.70 66.71 -0.38
CA PRO A 152 -25.27 67.04 -0.03
C PRO A 152 -24.57 65.88 0.73
N ASP A 153 -23.26 65.92 0.66
CA ASP A 153 -22.43 65.04 1.58
C ASP A 153 -22.74 65.16 3.03
N THR A 154 -22.98 66.39 3.42
CA THR A 154 -23.17 66.62 4.86
C THR A 154 -24.51 67.28 5.16
N THR A 155 -25.38 66.50 5.81
CA THR A 155 -26.79 66.78 5.81
C THR A 155 -27.48 65.93 6.87
N ILE A 156 -28.83 65.98 6.95
CA ILE A 156 -29.53 65.13 7.98
C ILE A 156 -29.59 63.69 7.49
N MET A 157 -29.40 62.77 8.41
CA MET A 157 -29.36 61.31 8.20
C MET A 157 -30.18 60.65 9.33
N ARG A 158 -31.49 60.44 9.06
CA ARG A 158 -32.32 59.72 10.02
C ARG A 158 -32.96 58.53 9.28
N PRO A 159 -32.20 57.47 9.05
CA PRO A 159 -32.60 56.42 8.11
C PRO A 159 -33.66 55.56 8.70
N THR A 160 -34.51 54.88 7.90
CA THR A 160 -35.67 54.22 8.61
C THR A 160 -35.41 52.77 8.63
N THR A 161 -34.36 52.32 7.92
CA THR A 161 -34.14 50.91 7.88
C THR A 161 -32.96 50.58 8.82
N MET A 162 -32.96 49.34 9.33
CA MET A 162 -31.82 48.76 10.12
C MET A 162 -30.54 48.94 9.35
N TYR A 163 -30.59 48.59 8.08
CA TYR A 163 -29.40 48.68 7.21
C TYR A 163 -28.89 50.08 7.23
N GLY A 164 -29.82 51.02 6.97
CA GLY A 164 -29.36 52.40 6.97
C GLY A 164 -28.58 52.79 8.25
N LEU A 165 -29.19 52.48 9.40
CA LEU A 165 -28.70 53.04 10.60
C LEU A 165 -27.32 52.32 10.86
N THR A 166 -27.22 51.03 10.57
CA THR A 166 -25.87 50.45 10.69
C THR A 166 -24.83 51.08 9.87
N LYS A 167 -25.23 51.60 8.73
CA LYS A 167 -24.28 52.29 7.84
C LYS A 167 -23.86 53.68 8.33
N VAL A 168 -24.72 54.31 9.14
CA VAL A 168 -24.41 55.68 9.65
C VAL A 168 -23.33 55.35 10.67
N HIS A 169 -23.49 54.23 11.38
CA HIS A 169 -22.49 53.81 12.39
C HIS A 169 -21.12 53.43 11.70
N VAL A 170 -21.11 52.65 10.62
CA VAL A 170 -19.83 52.54 9.79
C VAL A 170 -19.10 53.90 9.48
N GLU A 171 -19.75 54.78 8.77
CA GLU A 171 -19.26 56.21 8.60
C GLU A 171 -18.64 56.94 9.83
N LEU A 172 -19.49 57.15 10.87
CA LEU A 172 -19.15 57.89 12.03
C LEU A 172 -17.97 57.22 12.70
N LEU A 173 -18.06 55.90 12.82
CA LEU A 173 -16.96 55.19 13.49
C LEU A 173 -15.65 55.20 12.61
N GLY A 174 -15.77 55.02 11.28
CA GLY A 174 -14.60 55.02 10.33
C GLY A 174 -13.91 56.35 10.44
N GLU A 175 -14.72 57.40 10.45
CA GLU A 175 -14.20 58.78 10.60
C GLU A 175 -13.48 59.03 11.94
N TYR A 176 -14.04 58.41 12.99
CA TYR A 176 -13.46 58.52 14.29
C TYR A 176 -12.09 57.80 14.31
N TYR A 177 -12.05 56.63 13.83
CA TYR A 177 -10.75 55.98 13.81
C TYR A 177 -9.68 56.79 13.00
N TYR A 178 -10.13 57.39 11.87
CA TYR A 178 -9.31 58.32 11.08
C TYR A 178 -8.78 59.50 11.94
N ASN A 179 -9.70 60.21 12.64
CA ASN A 179 -9.31 61.39 13.46
C ASN A 179 -8.58 61.02 14.74
N LYS A 180 -8.96 59.93 15.34
CA LYS A 180 -8.39 59.65 16.58
C LYS A 180 -7.07 58.92 16.44
N PHE A 181 -6.96 57.96 15.52
CA PHE A 181 -5.82 57.04 15.45
C PHE A 181 -5.03 57.10 14.12
N GLY A 182 -5.40 57.94 13.19
CA GLY A 182 -4.71 57.94 11.91
C GLY A 182 -5.02 56.69 11.12
N VAL A 183 -6.16 56.01 11.35
CA VAL A 183 -6.47 54.87 10.45
C VAL A 183 -7.02 55.47 9.15
N ASP A 184 -6.30 55.21 8.04
CA ASP A 184 -6.71 55.75 6.74
C ASP A 184 -7.98 55.08 6.31
N PHE A 185 -9.08 55.79 6.60
CA PHE A 185 -10.40 55.20 6.47
C PHE A 185 -11.02 55.98 5.35
N ARG A 186 -11.68 55.25 4.44
CA ARG A 186 -12.40 55.87 3.32
C ARG A 186 -13.66 55.12 3.03
N SER A 187 -14.70 55.87 2.65
CA SER A 187 -15.94 55.24 2.22
C SER A 187 -16.56 56.00 1.03
N VAL A 188 -17.45 55.29 0.34
CA VAL A 188 -18.30 55.91 -0.74
C VAL A 188 -19.75 55.46 -0.44
N ARG A 189 -20.69 56.37 -0.61
CA ARG A 189 -22.11 55.98 -0.47
C ARG A 189 -22.56 55.53 -1.84
N TYR A 190 -22.73 54.21 -2.05
CA TYR A 190 -23.18 53.77 -3.38
C TYR A 190 -24.64 54.08 -3.55
N PRO A 191 -25.04 54.44 -4.77
CA PRO A 191 -26.50 54.55 -4.95
C PRO A 191 -26.95 53.09 -5.42
N GLY A 192 -28.14 52.85 -5.94
CA GLY A 192 -28.42 51.49 -6.41
C GLY A 192 -27.31 51.10 -7.41
N VAL A 193 -26.88 49.83 -7.41
CA VAL A 193 -25.80 49.41 -8.35
C VAL A 193 -26.42 48.45 -9.30
N ILE A 194 -26.15 48.63 -10.60
CA ILE A 194 -26.67 47.72 -11.59
C ILE A 194 -25.60 46.85 -12.21
N SER A 195 -25.79 45.52 -12.20
CA SER A 195 -24.92 44.69 -13.05
C SER A 195 -25.52 43.49 -13.63
N SER A 196 -24.84 42.97 -14.64
CA SER A 196 -25.25 41.79 -15.38
C SER A 196 -24.80 40.45 -14.74
N GLU A 197 -23.92 40.47 -13.73
CA GLU A 197 -23.32 39.23 -13.23
C GLU A 197 -24.05 38.58 -12.06
N ALA A 198 -24.58 39.41 -11.16
CA ALA A 198 -25.17 38.95 -9.92
C ALA A 198 -26.69 39.02 -10.02
N LEU A 199 -27.30 37.92 -9.65
CA LEU A 199 -28.70 37.76 -9.86
C LEU A 199 -29.27 38.74 -8.86
N PRO A 200 -30.41 39.41 -9.17
CA PRO A 200 -31.17 40.22 -8.19
C PRO A 200 -31.46 39.40 -6.91
N GLY A 201 -31.78 40.09 -5.81
CA GLY A 201 -31.92 39.46 -4.48
C GLY A 201 -32.78 40.30 -3.54
N GLY A 202 -33.91 40.78 -4.08
CA GLY A 202 -34.98 41.33 -3.28
C GLY A 202 -34.72 42.59 -2.50
N GLY A 203 -33.75 43.38 -2.95
CA GLY A 203 -33.51 44.74 -2.45
C GLY A 203 -34.32 45.75 -3.21
N THR A 204 -34.17 47.01 -2.83
CA THR A 204 -35.13 48.03 -3.26
C THR A 204 -34.76 48.52 -4.66
N THR A 205 -33.49 48.73 -4.90
CA THR A 205 -33.09 49.18 -6.22
C THR A 205 -32.90 47.99 -7.21
N ASP A 206 -33.10 46.79 -6.68
CA ASP A 206 -33.02 45.57 -7.45
C ASP A 206 -33.98 45.48 -8.62
N TYR A 207 -35.14 46.18 -8.54
CA TYR A 207 -36.07 46.38 -9.75
C TYR A 207 -35.31 46.69 -11.03
N ALA A 208 -34.32 47.61 -10.95
CA ALA A 208 -33.48 47.89 -12.13
C ALA A 208 -32.45 46.83 -12.53
N VAL A 209 -32.30 45.71 -11.79
CA VAL A 209 -31.60 44.57 -12.35
C VAL A 209 -32.58 43.54 -12.94
N GLU A 210 -33.60 43.23 -12.14
CA GLU A 210 -34.76 42.35 -12.47
C GLU A 210 -35.33 42.67 -13.83
N ILE A 211 -35.62 43.96 -14.00
CA ILE A 211 -36.27 44.44 -15.18
C ILE A 211 -35.65 43.83 -16.43
N PHE A 212 -34.34 43.75 -16.52
CA PHE A 212 -33.76 43.29 -17.77
C PHE A 212 -33.94 41.82 -18.03
N TYR A 213 -33.78 40.98 -16.96
CA TYR A 213 -34.04 39.52 -17.03
C TYR A 213 -35.47 39.27 -17.55
N GLU A 214 -36.43 40.01 -17.01
CA GLU A 214 -37.82 39.87 -17.47
C GLU A 214 -38.07 40.33 -18.92
N ALA A 215 -37.35 41.38 -19.37
CA ALA A 215 -37.46 41.88 -20.72
C ALA A 215 -37.04 40.78 -21.73
N LEU A 216 -35.92 40.19 -21.44
CA LEU A 216 -35.36 39.19 -22.28
C LEU A 216 -36.10 37.82 -22.20
N LYS A 217 -36.73 37.53 -21.08
CA LYS A 217 -37.22 36.17 -20.79
C LYS A 217 -38.70 36.14 -21.16
N HIS A 218 -39.43 37.22 -20.82
CA HIS A 218 -40.87 37.27 -21.01
C HIS A 218 -41.32 38.47 -21.85
N GLY A 219 -40.37 39.38 -22.11
CA GLY A 219 -40.65 40.60 -22.88
C GLY A 219 -41.50 41.57 -22.11
N LYS A 220 -41.41 41.53 -20.79
CA LYS A 220 -42.46 42.12 -19.97
C LYS A 220 -42.08 42.05 -18.50
N TYR A 221 -42.60 42.97 -17.71
CA TYR A 221 -42.18 43.08 -16.30
C TYR A 221 -43.23 43.69 -15.44
N THR A 222 -43.29 43.24 -14.20
CA THR A 222 -44.16 43.89 -13.20
C THR A 222 -43.22 44.53 -12.12
N CYS A 223 -43.21 45.87 -12.07
CA CYS A 223 -42.34 46.62 -11.17
C CYS A 223 -43.01 46.81 -9.80
N PHE A 224 -42.17 46.78 -8.75
CA PHE A 224 -42.66 46.82 -7.35
C PHE A 224 -42.42 48.16 -6.69
N LEU A 225 -41.85 49.10 -7.44
CA LEU A 225 -41.85 50.48 -7.05
C LEU A 225 -42.86 51.20 -7.95
N ASN A 226 -43.53 52.24 -7.43
CA ASN A 226 -44.32 53.19 -8.29
C ASN A 226 -43.59 53.51 -9.57
N ARG A 227 -44.35 53.74 -10.63
CA ARG A 227 -43.82 54.19 -11.92
C ARG A 227 -42.87 55.40 -11.87
N ASP A 228 -43.13 56.28 -10.88
CA ASP A 228 -42.44 57.51 -10.86
C ASP A 228 -41.41 57.68 -9.68
N ALA A 229 -41.04 56.55 -9.05
CA ALA A 229 -40.03 56.46 -7.94
C ALA A 229 -38.63 56.63 -8.45
N LYS A 230 -38.19 57.89 -8.35
CA LYS A 230 -36.90 58.44 -8.80
C LYS A 230 -35.89 58.10 -7.70
N LEU A 231 -34.76 57.53 -8.15
CA LEU A 231 -33.67 57.08 -7.29
C LEU A 231 -32.36 57.27 -8.06
N PRO A 232 -31.26 57.52 -7.35
CA PRO A 232 -29.89 57.54 -7.95
C PRO A 232 -29.42 56.13 -8.26
N MET A 233 -28.72 55.91 -9.38
CA MET A 233 -28.32 54.59 -9.77
C MET A 233 -27.00 54.69 -10.50
N MET A 234 -26.24 53.60 -10.51
CA MET A 234 -24.96 53.64 -11.17
C MET A 234 -24.70 52.27 -11.76
N TYR A 235 -24.23 52.26 -13.01
CA TYR A 235 -23.90 51.01 -13.67
C TYR A 235 -22.60 50.50 -13.02
N MET A 236 -22.44 49.18 -12.92
CA MET A 236 -21.30 48.50 -12.18
C MET A 236 -19.93 49.01 -12.60
N PRO A 237 -19.66 49.21 -13.91
CA PRO A 237 -18.26 49.66 -14.19
C PRO A 237 -17.93 51.05 -13.64
N ASP A 238 -18.92 51.93 -13.58
CA ASP A 238 -18.79 53.21 -12.87
C ASP A 238 -18.60 52.98 -11.38
N CYS A 239 -19.30 51.96 -10.90
CA CYS A 239 -19.25 51.61 -9.45
C CYS A 239 -17.78 51.15 -9.14
N LEU A 240 -17.17 50.37 -10.05
CA LEU A 240 -15.79 49.94 -9.84
C LEU A 240 -14.80 51.07 -10.03
N LYS A 241 -15.13 51.97 -10.92
CA LYS A 241 -14.27 53.15 -11.12
C LYS A 241 -14.29 54.18 -9.93
N ALA A 242 -15.47 54.46 -9.37
CA ALA A 242 -15.56 55.25 -8.13
C ALA A 242 -14.82 54.59 -6.97
N THR A 243 -15.03 53.26 -6.76
CA THR A 243 -14.31 52.47 -5.71
C THR A 243 -12.79 52.58 -5.83
N MET A 244 -12.22 52.33 -7.01
CA MET A 244 -10.80 52.43 -7.16
C MET A 244 -10.35 53.84 -7.20
N GLY A 245 -11.12 54.77 -7.75
CA GLY A 245 -10.72 56.22 -7.70
C GLY A 245 -10.52 56.72 -6.21
N LEU A 246 -11.50 56.49 -5.28
CA LEU A 246 -11.32 56.87 -3.84
C LEU A 246 -10.10 56.15 -3.24
N ILE A 247 -10.12 54.84 -3.25
CA ILE A 247 -9.04 53.98 -2.76
C ILE A 247 -7.64 54.39 -3.25
N ASN A 248 -7.51 54.80 -4.52
CA ASN A 248 -6.24 55.22 -5.09
C ASN A 248 -5.92 56.71 -4.90
N ALA A 249 -6.92 57.52 -4.54
CA ALA A 249 -6.68 58.91 -4.49
C ALA A 249 -5.51 59.15 -3.52
N PRO A 250 -4.69 60.21 -3.75
CA PRO A 250 -3.74 60.55 -2.66
C PRO A 250 -4.47 61.14 -1.38
N ASN A 251 -4.01 60.81 -0.16
CA ASN A 251 -4.68 61.21 1.08
C ASN A 251 -4.96 62.68 1.28
N ASP A 252 -3.97 63.50 0.90
CA ASP A 252 -4.06 64.98 0.96
C ASP A 252 -5.08 65.63 -0.02
N CYS A 253 -5.46 64.98 -1.09
CA CYS A 253 -6.50 65.59 -1.89
C CYS A 253 -7.89 65.42 -1.23
N LEU A 254 -7.97 64.77 -0.06
CA LEU A 254 -9.28 64.38 0.43
C LEU A 254 -9.80 65.36 1.48
N SER A 255 -10.88 66.05 1.16
CA SER A 255 -11.41 66.99 2.16
C SER A 255 -12.37 66.25 3.12
N GLN A 256 -12.75 65.00 2.80
CA GLN A 256 -13.69 64.32 3.69
C GLN A 256 -13.23 62.88 3.65
N ARG A 257 -13.88 62.01 4.44
CA ARG A 257 -13.53 60.59 4.43
C ARG A 257 -14.63 59.75 3.74
N THR A 258 -15.87 60.25 3.77
CA THR A 258 -17.01 59.69 3.10
C THR A 258 -17.58 60.57 1.99
N TYR A 259 -17.75 59.99 0.79
CA TYR A 259 -18.25 60.71 -0.41
C TYR A 259 -19.53 60.12 -1.06
N ASN A 260 -20.55 60.97 -1.23
CA ASN A 260 -21.61 60.69 -2.20
C ASN A 260 -20.84 60.45 -3.53
N ILE A 261 -21.30 59.45 -4.29
CA ILE A 261 -21.01 59.21 -5.67
C ILE A 261 -22.29 58.81 -6.46
N THR A 262 -22.38 59.34 -7.67
CA THR A 262 -23.57 59.11 -8.48
C THR A 262 -23.20 59.13 -9.94
N ALA A 263 -24.14 58.71 -10.76
CA ALA A 263 -24.03 58.75 -12.21
C ALA A 263 -25.32 59.38 -12.76
N VAL A 264 -26.46 58.70 -12.52
CA VAL A 264 -27.76 59.17 -13.06
C VAL A 264 -28.83 58.95 -12.02
N SER A 265 -30.04 59.51 -12.26
CA SER A 265 -31.20 59.12 -11.54
C SER A 265 -32.25 58.89 -12.54
N PHE A 266 -33.06 57.87 -12.33
CA PHE A 266 -34.23 57.59 -13.15
C PHE A 266 -35.37 57.02 -12.31
N THR A 267 -36.57 57.03 -12.89
CA THR A 267 -37.74 56.36 -12.36
C THR A 267 -37.92 55.07 -13.11
N PRO A 268 -38.79 54.19 -12.57
CA PRO A 268 -38.98 52.94 -13.33
C PRO A 268 -39.50 53.22 -14.77
N GLU A 269 -40.49 54.13 -14.91
CA GLU A 269 -40.88 54.54 -16.29
C GLU A 269 -39.75 55.08 -17.22
N GLU A 270 -38.74 55.74 -16.64
CA GLU A 270 -37.58 56.14 -17.42
C GLU A 270 -36.81 54.94 -18.01
N ILE A 271 -36.49 53.97 -17.15
CA ILE A 271 -35.84 52.73 -17.57
C ILE A 271 -36.77 51.95 -18.45
N VAL A 272 -38.05 51.92 -18.13
CA VAL A 272 -38.94 51.31 -19.10
C VAL A 272 -38.78 52.00 -20.48
N ALA A 273 -39.16 53.29 -20.62
CA ALA A 273 -38.91 53.98 -21.89
C ALA A 273 -37.50 53.69 -22.50
N SER A 274 -36.43 53.76 -21.71
CA SER A 274 -35.06 53.47 -22.25
C SER A 274 -34.94 52.06 -22.87
N ILE A 275 -35.38 51.05 -22.12
CA ILE A 275 -35.42 49.65 -22.62
C ILE A 275 -36.14 49.54 -23.99
N GLN A 276 -37.19 50.33 -24.15
CA GLN A 276 -37.99 50.24 -25.38
C GLN A 276 -37.27 50.84 -26.63
N LYS A 277 -36.20 51.61 -26.40
CA LYS A 277 -35.41 52.14 -27.52
C LYS A 277 -34.67 51.04 -28.22
N VAL A 278 -34.39 49.95 -27.50
CA VAL A 278 -33.82 48.73 -28.10
C VAL A 278 -34.92 47.68 -28.31
N MET A 279 -35.87 47.57 -27.37
CA MET A 279 -36.85 46.51 -27.35
C MET A 279 -38.24 47.16 -27.25
N PRO A 280 -38.72 47.72 -28.40
CA PRO A 280 -39.95 48.48 -28.49
C PRO A 280 -41.18 47.77 -27.99
N SER A 281 -41.25 46.44 -28.10
CA SER A 281 -42.39 45.58 -27.64
C SER A 281 -42.47 45.34 -26.11
N PHE A 282 -41.39 45.66 -25.39
CA PHE A 282 -41.31 45.43 -23.97
C PHE A 282 -42.42 46.18 -23.22
N GLN A 283 -42.99 45.55 -22.21
CA GLN A 283 -44.06 46.12 -21.43
C GLN A 283 -43.83 46.00 -19.93
N CYS A 284 -44.20 47.07 -19.22
CA CYS A 284 -44.07 47.16 -17.77
C CYS A 284 -45.37 47.46 -17.02
N ASP A 285 -45.73 46.60 -16.07
CA ASP A 285 -46.91 46.79 -15.18
C ASP A 285 -46.43 47.40 -13.86
N TYR A 286 -47.37 47.84 -13.00
CA TYR A 286 -46.99 48.40 -11.71
C TYR A 286 -47.78 47.80 -10.58
N LYS A 287 -47.08 47.12 -9.66
CA LYS A 287 -47.65 46.60 -8.41
C LYS A 287 -46.67 46.94 -7.26
N PRO A 288 -46.85 48.11 -6.62
CA PRO A 288 -46.02 48.49 -5.46
C PRO A 288 -46.22 47.50 -4.28
N ASP A 289 -45.13 47.10 -3.60
CA ASP A 289 -45.19 46.48 -2.25
C ASP A 289 -44.46 47.35 -1.16
N PHE A 290 -44.10 46.71 -0.03
CA PHE A 290 -43.42 47.41 1.08
C PHE A 290 -42.22 48.24 0.61
N ARG A 291 -41.60 47.83 -0.50
CA ARG A 291 -40.42 48.46 -0.95
C ARG A 291 -40.60 49.93 -1.40
N GLN A 292 -41.85 50.33 -1.75
CA GLN A 292 -42.13 51.69 -2.08
C GLN A 292 -41.94 52.61 -0.89
N GLN A 293 -42.46 52.22 0.26
CA GLN A 293 -42.30 53.01 1.49
C GLN A 293 -40.82 53.02 1.93
N ILE A 294 -39.99 52.09 1.45
CA ILE A 294 -38.51 52.23 1.62
C ILE A 294 -37.95 53.35 0.67
N ALA A 295 -38.09 53.08 -0.64
CA ALA A 295 -37.70 53.98 -1.75
C ALA A 295 -38.04 55.42 -1.42
N GLU A 296 -39.29 55.66 -0.96
CA GLU A 296 -39.81 57.01 -0.74
C GLU A 296 -39.00 57.72 0.33
N THR A 297 -38.19 56.99 1.14
CA THR A 297 -37.44 57.69 2.23
C THR A 297 -35.99 57.89 1.83
N TRP A 298 -35.68 57.53 0.58
CA TRP A 298 -34.36 57.78 -0.01
C TRP A 298 -34.17 59.06 -0.92
N PRO A 299 -32.93 59.45 -1.11
CA PRO A 299 -32.77 60.63 -1.95
C PRO A 299 -33.28 60.32 -3.38
N ARG A 300 -33.84 61.29 -4.14
CA ARG A 300 -34.09 61.16 -5.60
C ARG A 300 -32.82 61.35 -6.43
N SER A 301 -32.00 62.30 -5.96
CA SER A 301 -30.72 62.52 -6.59
C SER A 301 -29.68 62.93 -5.52
N ILE A 302 -28.42 62.79 -5.86
CA ILE A 302 -27.31 63.18 -4.98
C ILE A 302 -26.24 64.09 -5.64
N ASP A 303 -25.75 64.98 -4.74
CA ASP A 303 -24.71 65.98 -4.98
C ASP A 303 -23.33 65.39 -4.67
N ASP A 304 -22.59 65.07 -5.73
CA ASP A 304 -21.29 64.49 -5.57
C ASP A 304 -20.20 65.47 -6.02
N SER A 305 -20.54 66.75 -5.98
CA SER A 305 -19.65 67.79 -6.52
C SER A 305 -18.23 67.68 -5.81
N ILE A 306 -18.28 67.51 -4.49
CA ILE A 306 -17.07 67.18 -3.69
C ILE A 306 -16.13 66.02 -4.15
N ALA A 307 -16.68 64.84 -4.43
CA ALA A 307 -15.85 63.71 -5.00
C ALA A 307 -15.27 64.14 -6.38
N ARG A 308 -16.02 65.02 -7.05
CA ARG A 308 -15.60 65.49 -8.39
C ARG A 308 -14.45 66.51 -8.28
N LYS A 309 -14.56 67.41 -7.29
CA LYS A 309 -13.52 68.42 -7.03
C LYS A 309 -12.34 67.67 -6.54
N ASP A 310 -12.49 67.05 -5.38
CA ASP A 310 -11.34 66.44 -4.67
C ASP A 310 -10.62 65.32 -5.43
N TRP A 311 -11.33 64.35 -6.03
CA TRP A 311 -10.59 63.18 -6.59
C TRP A 311 -10.87 62.86 -8.04
N ASN A 312 -11.46 63.84 -8.74
CA ASN A 312 -11.72 63.72 -10.19
C ASN A 312 -12.72 62.59 -10.57
N TRP A 313 -13.69 62.36 -9.67
CA TRP A 313 -14.78 61.48 -9.98
C TRP A 313 -15.55 61.95 -11.23
N GLN A 314 -15.67 61.04 -12.18
CA GLN A 314 -16.41 61.26 -13.41
C GLN A 314 -17.03 59.87 -13.76
N HIS A 315 -18.37 59.77 -13.81
CA HIS A 315 -19.00 58.55 -14.33
C HIS A 315 -18.92 58.51 -15.89
N ASP A 316 -19.10 57.33 -16.45
CA ASP A 316 -19.10 57.13 -17.87
C ASP A 316 -20.47 56.68 -18.46
N PHE A 317 -21.36 56.07 -17.65
CA PHE A 317 -22.61 55.49 -18.20
C PHE A 317 -23.85 56.27 -17.73
N ASP A 318 -24.57 56.76 -18.73
CA ASP A 318 -25.86 57.43 -18.56
C ASP A 318 -26.92 56.32 -18.69
N LEU A 319 -28.18 56.72 -18.70
CA LEU A 319 -29.24 55.66 -18.66
C LEU A 319 -29.12 54.75 -19.91
N ASP A 320 -29.33 55.34 -21.05
CA ASP A 320 -29.38 54.63 -22.28
C ASP A 320 -28.18 53.65 -22.47
N SER A 321 -26.95 54.05 -22.16
CA SER A 321 -25.82 53.22 -22.48
C SER A 321 -25.70 52.02 -21.60
N MET A 322 -26.20 52.13 -20.37
CA MET A 322 -26.13 51.03 -19.40
C MET A 322 -27.24 50.01 -19.78
N VAL A 323 -28.41 50.53 -20.21
CA VAL A 323 -29.48 49.73 -20.72
C VAL A 323 -29.02 48.93 -21.97
N GLU A 324 -28.48 49.57 -23.01
CA GLU A 324 -27.96 48.80 -24.18
C GLU A 324 -26.97 47.74 -23.77
N ASP A 325 -25.96 48.12 -22.98
CA ASP A 325 -24.93 47.20 -22.49
C ASP A 325 -25.41 46.02 -21.60
N MET A 326 -26.32 46.24 -20.63
CA MET A 326 -27.05 45.23 -19.85
C MET A 326 -27.82 44.23 -20.76
N LEU A 327 -28.59 44.76 -21.72
CA LEU A 327 -29.33 43.96 -22.60
C LEU A 327 -28.40 43.00 -23.42
N VAL A 328 -27.33 43.51 -23.98
CA VAL A 328 -26.51 42.67 -24.83
C VAL A 328 -25.90 41.56 -23.98
N LYS A 329 -25.18 41.98 -22.94
CA LYS A 329 -24.53 41.13 -21.95
C LYS A 329 -25.41 40.05 -21.37
N LEU A 330 -26.63 40.41 -20.95
CA LEU A 330 -27.58 39.41 -20.46
C LEU A 330 -28.11 38.47 -21.56
N ASP A 331 -28.43 39.04 -22.72
CA ASP A 331 -28.90 38.24 -23.82
C ASP A 331 -27.89 37.12 -24.14
N ALA A 332 -26.60 37.46 -24.21
CA ALA A 332 -25.57 36.43 -24.43
C ALA A 332 -25.57 35.35 -23.30
N LYS A 333 -25.87 35.77 -22.08
CA LYS A 333 -25.77 34.91 -20.91
C LYS A 333 -27.09 34.18 -20.61
N LEU A 334 -28.02 34.08 -21.58
CA LEU A 334 -29.24 33.21 -21.47
C LEU A 334 -29.51 32.47 -22.76
N SER B 25 -10.52 -16.48 -13.58
CA SER B 25 -9.84 -16.82 -12.28
C SER B 25 -8.48 -16.15 -11.98
N ARG B 26 -7.37 -16.54 -12.63
CA ARG B 26 -6.07 -15.95 -12.22
C ARG B 26 -5.20 -15.27 -13.28
N ILE B 27 -4.38 -14.33 -12.81
CA ILE B 27 -3.38 -13.77 -13.69
C ILE B 27 -2.01 -14.21 -13.26
N LEU B 28 -1.24 -14.66 -14.26
CA LEU B 28 0.17 -14.94 -14.09
C LEU B 28 0.94 -13.77 -14.55
N VAL B 29 1.84 -13.25 -13.71
CA VAL B 29 2.83 -12.19 -14.13
C VAL B 29 4.24 -12.81 -14.29
N THR B 30 4.86 -12.61 -15.43
CA THR B 30 6.20 -13.12 -15.53
C THR B 30 7.13 -11.95 -15.35
N GLY B 31 8.36 -12.17 -14.83
CA GLY B 31 9.29 -11.08 -14.72
C GLY B 31 8.79 -10.20 -13.56
N GLY B 32 8.09 -10.79 -12.58
CA GLY B 32 7.27 -9.98 -11.69
C GLY B 32 8.07 -9.24 -10.67
N THR B 33 9.40 -9.38 -10.73
CA THR B 33 10.32 -9.00 -9.60
C THR B 33 11.31 -7.92 -10.07
N GLY B 34 11.23 -7.54 -11.34
CA GLY B 34 11.91 -6.33 -11.82
C GLY B 34 11.36 -4.95 -11.34
N GLN B 35 11.89 -3.89 -11.94
CA GLN B 35 11.48 -2.56 -11.54
C GLN B 35 9.94 -2.30 -11.62
N ILE B 36 9.34 -2.67 -12.76
CA ILE B 36 7.86 -2.59 -12.88
C ILE B 36 7.08 -3.69 -12.16
N GLY B 37 7.55 -4.93 -12.15
CA GLY B 37 6.81 -5.95 -11.47
C GLY B 37 6.63 -5.71 -9.95
N MET B 38 7.65 -5.17 -9.31
CA MET B 38 7.71 -5.21 -7.86
C MET B 38 6.67 -4.19 -7.38
N GLU B 39 6.32 -3.26 -8.25
CA GLU B 39 5.18 -2.34 -7.93
C GLU B 39 3.87 -2.68 -8.66
N LEU B 40 3.94 -3.26 -9.88
CA LEU B 40 2.72 -3.68 -10.60
C LEU B 40 1.98 -4.89 -9.98
N VAL B 41 2.71 -5.85 -9.43
CA VAL B 41 2.09 -6.98 -8.81
C VAL B 41 1.18 -6.58 -7.56
N PRO B 42 1.75 -5.87 -6.58
CA PRO B 42 0.90 -5.60 -5.40
C PRO B 42 -0.30 -4.72 -5.71
N TYR B 43 -0.23 -3.96 -6.81
CA TYR B 43 -1.30 -3.03 -7.24
C TYR B 43 -2.49 -3.77 -7.80
N MET B 44 -2.22 -4.64 -8.77
CA MET B 44 -3.20 -5.67 -9.20
C MET B 44 -3.73 -6.57 -8.04
N ARG B 45 -2.94 -6.88 -7.01
CA ARG B 45 -3.49 -7.59 -5.86
C ARG B 45 -4.64 -6.81 -5.19
N GLN B 46 -4.43 -5.52 -4.83
CA GLN B 46 -5.47 -4.52 -4.47
C GLN B 46 -6.79 -4.57 -5.27
N LEU B 47 -6.65 -4.53 -6.59
CA LEU B 47 -7.75 -4.45 -7.53
C LEU B 47 -8.50 -5.74 -7.74
N PHE B 48 -7.82 -6.87 -7.54
CA PHE B 48 -8.35 -8.19 -7.86
C PHE B 48 -8.29 -9.21 -6.69
N GLY B 49 -7.61 -8.88 -5.59
CA GLY B 49 -7.29 -9.84 -4.54
C GLY B 49 -5.93 -10.47 -4.78
N ALA B 50 -5.45 -11.07 -3.72
CA ALA B 50 -4.07 -11.29 -3.50
C ALA B 50 -3.83 -12.70 -3.99
N ASP B 51 -4.82 -13.54 -3.73
CA ASP B 51 -4.80 -14.91 -4.19
C ASP B 51 -4.98 -14.96 -5.76
N THR B 52 -5.58 -13.93 -6.34
CA THR B 52 -5.76 -13.80 -7.78
C THR B 52 -4.53 -13.46 -8.68
N ILE B 53 -3.39 -13.01 -8.12
CA ILE B 53 -2.16 -12.89 -8.89
C ILE B 53 -1.09 -13.91 -8.52
N VAL B 54 -0.55 -14.60 -9.54
CA VAL B 54 0.52 -15.56 -9.38
C VAL B 54 1.71 -14.73 -9.82
N ASN B 55 2.62 -14.45 -8.89
CA ASN B 55 3.85 -13.70 -9.17
C ASN B 55 4.89 -14.72 -9.62
N SER B 56 5.65 -14.52 -10.67
CA SER B 56 6.72 -15.47 -10.96
C SER B 56 7.96 -14.72 -11.52
N ASP B 57 9.18 -15.26 -11.30
CA ASP B 57 10.37 -14.66 -11.90
C ASP B 57 11.37 -15.76 -11.71
N ILE B 58 12.63 -15.51 -12.08
CA ILE B 58 13.75 -16.38 -11.82
C ILE B 58 14.53 -15.95 -10.61
N LYS B 59 14.14 -14.88 -9.99
CA LYS B 59 14.72 -14.54 -8.67
C LYS B 59 13.57 -14.25 -7.70
N ALA B 60 13.68 -14.57 -6.42
CA ALA B 60 12.56 -14.27 -5.50
C ALA B 60 12.43 -12.74 -5.32
N PRO B 61 11.29 -12.24 -4.77
CA PRO B 61 11.28 -10.75 -4.51
C PRO B 61 12.26 -10.41 -3.41
N GLY B 62 12.86 -9.22 -3.53
CA GLY B 62 13.78 -8.65 -2.54
C GLY B 62 13.03 -8.08 -1.33
N ASP B 67 6.22 -14.37 -0.53
CA ASP B 67 5.37 -13.38 -1.23
C ASP B 67 3.83 -13.68 -1.09
N GLY B 68 3.49 -14.97 -0.99
CA GLY B 68 2.10 -15.46 -0.85
C GLY B 68 1.78 -16.46 -1.94
N ASN B 69 1.69 -15.90 -3.15
CA ASN B 69 1.69 -16.70 -4.32
C ASN B 69 2.85 -16.32 -5.22
N PHE B 70 4.06 -16.77 -4.81
CA PHE B 70 5.25 -16.72 -5.71
C PHE B 70 5.76 -18.06 -6.28
N VAL B 71 6.04 -18.07 -7.58
CA VAL B 71 6.52 -19.26 -8.22
C VAL B 71 7.71 -18.92 -9.14
N TYR B 72 8.58 -19.88 -9.28
CA TYR B 72 9.69 -19.62 -10.06
C TYR B 72 9.27 -19.88 -11.49
N CYS B 73 9.48 -18.92 -12.37
CA CYS B 73 9.16 -19.26 -13.75
C CYS B 73 10.13 -18.70 -14.76
N ASP B 74 10.93 -19.51 -15.42
CA ASP B 74 11.83 -19.07 -16.52
C ASP B 74 11.03 -19.14 -17.80
N VAL B 75 10.74 -18.02 -18.40
CA VAL B 75 9.81 -17.88 -19.54
C VAL B 75 10.46 -18.46 -20.86
N GLN B 76 11.76 -18.77 -20.80
CA GLN B 76 12.29 -19.70 -21.84
C GLN B 76 11.99 -21.16 -21.68
N ASP B 77 11.23 -21.53 -20.67
CA ASP B 77 10.91 -22.94 -20.48
C ASP B 77 9.37 -23.17 -20.61
N ARG B 78 8.94 -23.51 -21.80
CA ARG B 78 7.50 -23.57 -22.01
C ARG B 78 6.61 -24.59 -21.20
N ASP B 79 7.11 -25.83 -21.04
CA ASP B 79 6.43 -26.83 -20.18
C ASP B 79 6.00 -26.28 -18.78
N SER B 80 6.96 -25.60 -18.12
CA SER B 80 6.83 -25.14 -16.73
C SER B 80 5.73 -24.11 -16.65
N MET B 81 5.71 -23.26 -17.66
CA MET B 81 4.61 -22.31 -17.87
C MET B 81 3.23 -22.99 -18.12
N ALA B 82 3.22 -23.98 -19.00
CA ALA B 82 2.09 -24.91 -19.08
C ALA B 82 1.62 -25.44 -17.65
N ARG B 83 2.54 -25.97 -16.86
CA ARG B 83 2.23 -26.37 -15.54
C ARG B 83 1.57 -25.29 -14.69
N ILE B 84 2.28 -24.16 -14.45
CA ILE B 84 1.70 -22.96 -13.75
C ILE B 84 0.31 -22.49 -14.29
N VAL B 85 0.20 -22.37 -15.65
CA VAL B 85 -1.10 -21.91 -16.26
C VAL B 85 -2.22 -22.90 -15.81
N THR B 86 -1.88 -24.21 -15.90
CA THR B 86 -2.81 -25.28 -15.68
C THR B 86 -3.16 -25.37 -14.15
N GLU B 87 -2.19 -25.39 -13.24
CA GLU B 87 -2.53 -25.74 -11.86
C GLU B 87 -3.12 -24.55 -11.13
N GLN B 88 -3.04 -23.34 -11.72
CA GLN B 88 -3.38 -22.03 -11.09
C GLN B 88 -4.67 -21.37 -11.62
N GLY B 89 -5.22 -21.94 -12.70
CA GLY B 89 -6.48 -21.49 -13.36
C GLY B 89 -6.17 -20.15 -13.99
N VAL B 90 -5.06 -20.07 -14.71
CA VAL B 90 -4.64 -18.76 -15.24
C VAL B 90 -5.53 -18.46 -16.39
N ASP B 91 -5.94 -17.23 -16.59
CA ASP B 91 -6.52 -16.90 -17.91
C ASP B 91 -5.90 -15.67 -18.58
N THR B 92 -4.86 -15.07 -17.94
CA THR B 92 -4.19 -13.89 -18.44
C THR B 92 -2.75 -14.10 -17.96
N ILE B 93 -1.84 -13.78 -18.88
CA ILE B 93 -0.39 -13.66 -18.70
C ILE B 93 -0.05 -12.18 -18.93
N VAL B 94 0.54 -11.55 -17.92
CA VAL B 94 1.01 -10.21 -17.96
C VAL B 94 2.49 -10.45 -18.01
N HIS B 95 3.06 -10.26 -19.20
CA HIS B 95 4.33 -10.89 -19.53
C HIS B 95 5.41 -9.82 -19.41
N MET B 96 6.01 -9.75 -18.21
CA MET B 96 7.01 -8.68 -17.95
C MET B 96 8.42 -9.16 -18.22
N ALA B 97 8.65 -10.47 -18.28
CA ALA B 97 9.99 -10.94 -18.26
C ALA B 97 10.70 -10.45 -19.57
N SER B 98 11.90 -9.89 -19.43
CA SER B 98 12.74 -9.39 -20.51
C SER B 98 14.13 -9.14 -19.96
N LEU B 99 15.15 -9.25 -20.79
CA LEU B 99 16.46 -8.59 -20.52
C LEU B 99 16.31 -7.16 -21.04
N LEU B 100 17.12 -6.20 -20.53
CA LEU B 100 16.95 -4.72 -20.86
C LEU B 100 18.09 -4.18 -21.74
N SER B 101 18.06 -2.88 -22.09
CA SER B 101 18.98 -2.31 -23.12
C SER B 101 20.47 -2.55 -22.82
N ALA B 102 20.78 -2.54 -21.52
CA ALA B 102 22.12 -2.76 -20.95
C ALA B 102 22.64 -4.22 -21.16
N VAL B 103 22.00 -5.23 -20.54
CA VAL B 103 22.44 -6.64 -20.75
C VAL B 103 22.26 -7.07 -22.23
N GLY B 104 21.29 -6.42 -22.90
CA GLY B 104 21.01 -6.62 -24.32
C GLY B 104 22.32 -6.43 -25.11
N GLU B 105 22.88 -5.20 -25.01
CA GLU B 105 24.17 -4.87 -25.59
C GLU B 105 25.37 -5.70 -25.01
N ALA B 106 25.35 -5.94 -23.69
CA ALA B 106 26.48 -6.64 -23.07
C ALA B 106 26.41 -8.17 -23.30
N ASN B 107 25.24 -8.80 -23.22
CA ASN B 107 25.10 -10.24 -23.61
C ASN B 107 24.01 -10.39 -24.71
N PRO B 108 24.34 -10.01 -25.98
CA PRO B 108 23.22 -10.01 -26.97
C PRO B 108 22.43 -11.36 -27.23
N SER B 109 23.12 -12.49 -27.20
CA SER B 109 22.46 -13.79 -27.57
C SER B 109 21.55 -14.28 -26.45
N LEU B 110 21.85 -13.81 -25.26
CA LEU B 110 21.14 -14.23 -24.14
C LEU B 110 19.84 -13.44 -24.20
N ALA B 111 19.97 -12.14 -24.56
CA ALA B 111 18.82 -11.22 -24.61
C ALA B 111 17.75 -11.64 -25.62
N LEU B 112 18.28 -12.09 -26.73
CA LEU B 112 17.51 -12.49 -27.88
C LEU B 112 16.73 -13.79 -27.60
N SER B 113 17.37 -14.67 -26.83
CA SER B 113 16.79 -15.90 -26.40
C SER B 113 15.70 -15.68 -25.30
N VAL B 114 16.02 -15.01 -24.19
CA VAL B 114 14.92 -14.75 -23.22
C VAL B 114 13.77 -13.96 -23.82
N ASN B 115 14.07 -12.89 -24.58
CA ASN B 115 12.98 -12.04 -25.04
C ASN B 115 12.22 -12.71 -26.19
N THR B 116 12.90 -13.41 -27.11
CA THR B 116 12.16 -14.02 -28.21
C THR B 116 11.54 -15.28 -27.76
N ARG B 117 12.27 -16.16 -27.07
CA ARG B 117 11.62 -17.42 -26.72
C ARG B 117 10.48 -17.12 -25.64
N GLY B 118 10.70 -16.10 -24.79
CA GLY B 118 9.69 -15.72 -23.85
C GLY B 118 8.39 -15.31 -24.53
N ILE B 119 8.46 -14.41 -25.56
CA ILE B 119 7.22 -14.00 -26.20
C ILE B 119 6.61 -15.15 -26.96
N GLN B 120 7.38 -16.13 -27.35
CA GLN B 120 6.85 -17.16 -28.29
C GLN B 120 6.20 -18.20 -27.50
N ASN B 121 6.84 -18.61 -26.41
CA ASN B 121 6.16 -19.47 -25.46
C ASN B 121 4.91 -18.87 -24.96
N VAL B 122 4.88 -17.63 -24.59
CA VAL B 122 3.69 -17.11 -23.85
C VAL B 122 2.49 -17.09 -24.84
N LEU B 123 2.82 -16.69 -26.08
CA LEU B 123 1.85 -16.62 -27.23
C LEU B 123 1.34 -18.04 -27.67
N GLU B 124 2.26 -18.99 -27.64
CA GLU B 124 1.92 -20.29 -28.12
C GLU B 124 0.96 -20.99 -27.08
N LEU B 125 1.15 -20.76 -25.77
CA LEU B 125 0.20 -21.14 -24.69
C LEU B 125 -1.00 -20.31 -24.60
N ALA B 126 -0.91 -19.01 -24.94
CA ALA B 126 -2.19 -18.25 -25.01
C ALA B 126 -3.23 -18.86 -26.02
N LYS B 127 -2.71 -19.30 -27.18
CA LYS B 127 -3.46 -19.99 -28.16
C LYS B 127 -3.97 -21.35 -27.61
N GLN B 128 -3.07 -22.26 -27.16
CA GLN B 128 -3.42 -23.61 -26.65
C GLN B 128 -4.49 -23.45 -25.58
N TYR B 129 -4.32 -22.47 -24.64
CA TYR B 129 -5.15 -22.40 -23.41
C TYR B 129 -6.21 -21.31 -23.43
N GLN B 130 -6.37 -20.60 -24.54
CA GLN B 130 -7.30 -19.45 -24.63
C GLN B 130 -7.04 -18.39 -23.62
N LEU B 131 -5.83 -17.93 -23.68
CA LEU B 131 -5.38 -17.03 -22.68
C LEU B 131 -5.18 -15.56 -23.20
N ARG B 132 -5.45 -14.57 -22.37
CA ARG B 132 -5.10 -13.20 -22.83
C ARG B 132 -3.73 -12.81 -22.45
N VAL B 133 -3.13 -11.87 -23.21
CA VAL B 133 -1.76 -11.50 -22.92
C VAL B 133 -1.48 -10.03 -22.98
N PHE B 134 -0.69 -9.56 -22.00
CA PHE B 134 -0.16 -8.19 -21.97
C PHE B 134 1.31 -8.29 -22.08
N ALA B 135 1.87 -7.68 -23.04
CA ALA B 135 3.32 -7.65 -22.98
C ALA B 135 3.76 -6.16 -23.23
N PRO B 136 4.61 -5.63 -22.35
CA PRO B 136 5.09 -4.30 -22.61
C PRO B 136 6.03 -4.35 -23.82
N SER B 137 5.92 -3.28 -24.61
CA SER B 137 6.94 -2.84 -25.53
C SER B 137 7.71 -1.62 -24.94
N THR B 138 8.26 -0.75 -25.78
CA THR B 138 9.24 0.17 -25.34
C THR B 138 9.52 1.17 -26.46
N ILE B 139 9.88 2.39 -26.02
CA ILE B 139 10.30 3.35 -26.99
C ILE B 139 11.56 2.92 -27.78
N ALA B 140 12.31 1.90 -27.31
CA ALA B 140 13.52 1.47 -27.93
C ALA B 140 13.30 0.72 -29.29
N VAL B 141 12.02 0.47 -29.66
CA VAL B 141 11.64 -0.10 -31.00
C VAL B 141 11.94 0.88 -32.14
N PHE B 142 11.98 2.17 -31.75
CA PHE B 142 12.24 3.30 -32.67
C PHE B 142 13.71 3.42 -33.00
N GLY B 143 14.01 4.03 -34.15
CA GLY B 143 15.41 4.23 -34.66
C GLY B 143 15.76 5.66 -35.12
N PRO B 144 16.99 5.84 -35.65
CA PRO B 144 17.55 7.09 -36.11
C PRO B 144 16.70 7.69 -37.19
N SER B 145 16.02 6.79 -37.94
CA SER B 145 15.22 7.10 -39.14
C SER B 145 13.68 7.19 -38.86
N THR B 146 13.27 7.02 -37.58
CA THR B 146 11.96 7.36 -37.08
C THR B 146 11.91 8.89 -36.78
N PRO B 147 10.79 9.53 -37.21
CA PRO B 147 10.65 10.91 -36.86
C PRO B 147 10.57 10.98 -35.33
N GLN B 148 11.48 11.76 -34.77
CA GLN B 148 11.68 11.76 -33.32
C GLN B 148 10.86 12.76 -32.39
N ASP B 149 10.05 13.64 -33.00
CA ASP B 149 9.16 14.58 -32.23
C ASP B 149 7.75 14.09 -32.46
N GLU B 150 6.93 13.94 -31.40
CA GLU B 150 5.56 13.43 -31.52
C GLU B 150 5.38 12.19 -32.43
N THR B 151 6.34 11.28 -32.22
CA THR B 151 6.39 9.94 -32.83
C THR B 151 5.05 9.20 -32.73
N PRO B 152 4.47 8.88 -33.90
CA PRO B 152 3.17 8.19 -33.97
C PRO B 152 3.24 6.69 -33.72
N ASP B 153 2.06 6.09 -33.63
CA ASP B 153 1.88 4.64 -33.40
C ASP B 153 2.38 3.82 -34.52
N THR B 154 2.05 4.25 -35.75
CA THR B 154 2.38 3.47 -36.89
C THR B 154 3.41 4.26 -37.70
N THR B 155 4.63 3.74 -37.69
CA THR B 155 5.74 4.47 -38.21
C THR B 155 6.99 3.61 -38.47
N ILE B 156 8.06 4.23 -38.95
CA ILE B 156 9.31 3.53 -39.27
C ILE B 156 9.87 3.12 -37.91
N MET B 157 10.23 1.83 -37.83
CA MET B 157 10.82 1.11 -36.72
C MET B 157 12.18 0.37 -37.10
N ARG B 158 13.34 0.98 -36.88
CA ARG B 158 14.57 0.28 -37.24
C ARG B 158 15.46 0.39 -36.07
N PRO B 159 15.20 -0.40 -35.06
CA PRO B 159 16.07 -0.05 -33.85
C PRO B 159 17.49 -0.50 -34.04
N THR B 160 18.40 0.24 -33.35
CA THR B 160 19.80 -0.10 -33.29
C THR B 160 20.25 -1.04 -32.16
N THR B 161 19.43 -1.30 -31.16
CA THR B 161 19.92 -2.11 -30.01
C THR B 161 19.23 -3.46 -30.06
N MET B 162 19.91 -4.48 -29.57
CA MET B 162 19.37 -5.78 -29.56
C MET B 162 18.07 -5.66 -28.82
N TYR B 163 18.07 -5.05 -27.66
CA TYR B 163 16.80 -4.92 -26.94
C TYR B 163 15.65 -4.41 -27.84
N GLY B 164 15.91 -3.32 -28.56
CA GLY B 164 14.81 -2.72 -29.35
C GLY B 164 14.14 -3.67 -30.38
N LEU B 165 15.02 -4.37 -31.10
CA LEU B 165 14.65 -5.25 -32.15
C LEU B 165 13.89 -6.45 -31.57
N THR B 166 14.31 -6.98 -30.44
CA THR B 166 13.51 -8.05 -29.88
C THR B 166 12.13 -7.56 -29.56
N LYS B 167 11.98 -6.28 -29.24
CA LYS B 167 10.64 -5.87 -28.89
C LYS B 167 9.79 -5.56 -30.13
N VAL B 168 10.38 -5.28 -31.32
CA VAL B 168 9.56 -5.12 -32.56
C VAL B 168 9.00 -6.55 -32.81
N HIS B 169 9.85 -7.57 -32.54
CA HIS B 169 9.34 -8.96 -32.70
C HIS B 169 8.14 -9.15 -31.72
N VAL B 170 8.34 -8.66 -30.48
CA VAL B 170 7.21 -8.72 -29.53
C VAL B 170 5.89 -8.27 -30.16
N GLU B 171 5.92 -7.09 -30.78
CA GLU B 171 4.74 -6.40 -31.30
C GLU B 171 4.18 -7.14 -32.44
N LEU B 172 5.01 -7.40 -33.50
CA LEU B 172 4.60 -8.12 -34.68
C LEU B 172 3.94 -9.47 -34.41
N LEU B 173 4.58 -10.28 -33.53
CA LEU B 173 4.08 -11.62 -33.20
C LEU B 173 2.79 -11.59 -32.34
N GLY B 174 2.64 -10.62 -31.43
CA GLY B 174 1.35 -10.56 -30.57
C GLY B 174 0.25 -10.07 -31.53
N GLU B 175 0.56 -9.06 -32.35
CA GLU B 175 -0.44 -8.68 -33.38
C GLU B 175 -0.89 -9.91 -34.18
N TYR B 176 0.06 -10.74 -34.61
CA TYR B 176 -0.34 -11.79 -35.54
C TYR B 176 -1.18 -12.94 -34.81
N TYR B 177 -0.82 -13.32 -33.56
CA TYR B 177 -1.68 -14.13 -32.73
C TYR B 177 -3.06 -13.60 -32.50
N TYR B 178 -3.18 -12.26 -32.35
CA TYR B 178 -4.50 -11.59 -32.36
C TYR B 178 -5.34 -11.87 -33.65
N ASN B 179 -4.82 -11.41 -34.81
CA ASN B 179 -5.53 -11.49 -36.11
C ASN B 179 -5.63 -12.91 -36.56
N LYS B 180 -4.62 -13.74 -36.21
CA LYS B 180 -4.63 -15.17 -36.64
C LYS B 180 -5.47 -16.18 -35.77
N PHE B 181 -5.32 -16.09 -34.45
CA PHE B 181 -5.95 -17.05 -33.58
C PHE B 181 -6.81 -16.39 -32.53
N GLY B 182 -6.97 -15.06 -32.59
CA GLY B 182 -7.85 -14.37 -31.67
C GLY B 182 -7.29 -14.36 -30.25
N VAL B 183 -5.98 -14.50 -30.14
CA VAL B 183 -5.51 -14.34 -28.80
C VAL B 183 -5.70 -12.84 -28.50
N ASP B 184 -6.43 -12.51 -27.42
CA ASP B 184 -6.51 -11.10 -26.98
C ASP B 184 -5.12 -10.62 -26.52
N PHE B 185 -4.39 -9.97 -27.40
CA PHE B 185 -3.05 -9.65 -27.01
C PHE B 185 -2.96 -8.12 -27.05
N ARG B 186 -2.38 -7.48 -26.03
CA ARG B 186 -2.20 -6.01 -25.90
C ARG B 186 -0.85 -5.65 -25.32
N SER B 187 -0.31 -4.50 -25.75
CA SER B 187 0.88 -3.88 -25.17
C SER B 187 0.77 -2.36 -25.28
N VAL B 188 1.79 -1.79 -24.64
CA VAL B 188 1.95 -0.42 -24.48
C VAL B 188 3.42 -0.29 -24.61
N ARG B 189 3.83 0.77 -25.28
CA ARG B 189 5.24 1.04 -25.48
C ARG B 189 5.70 1.94 -24.36
N TYR B 190 6.45 1.41 -23.36
CA TYR B 190 6.76 2.34 -22.23
C TYR B 190 7.87 3.34 -22.61
N PRO B 191 7.76 4.56 -22.09
CA PRO B 191 8.85 5.47 -22.24
C PRO B 191 9.81 5.17 -20.99
N GLY B 192 10.78 6.02 -20.63
CA GLY B 192 11.61 5.81 -19.44
C GLY B 192 10.67 5.88 -18.24
N VAL B 193 10.83 4.92 -17.33
CA VAL B 193 9.90 4.77 -16.19
C VAL B 193 10.71 5.14 -14.99
N ILE B 194 10.13 5.96 -14.14
CA ILE B 194 10.84 6.47 -12.97
C ILE B 194 10.21 5.95 -11.73
N SER B 195 11.03 5.46 -10.80
CA SER B 195 10.44 5.01 -9.51
C SER B 195 11.39 5.07 -8.28
N SER B 196 10.81 5.18 -7.07
CA SER B 196 11.53 5.17 -5.75
C SER B 196 11.98 3.76 -5.35
N GLU B 197 11.20 2.75 -5.75
CA GLU B 197 11.29 1.42 -5.12
C GLU B 197 12.55 0.70 -5.49
N ALA B 198 12.54 0.22 -6.73
CA ALA B 198 13.58 -0.46 -7.47
C ALA B 198 14.86 0.34 -7.68
N LEU B 199 16.00 -0.33 -7.61
CA LEU B 199 17.30 0.34 -7.65
C LEU B 199 17.53 0.55 -9.10
N PRO B 200 18.24 1.66 -9.51
CA PRO B 200 18.74 1.90 -10.92
C PRO B 200 19.77 0.86 -11.35
N GLY B 201 19.97 0.67 -12.65
CA GLY B 201 20.90 -0.37 -13.07
C GLY B 201 21.41 -0.36 -14.49
N GLY B 202 21.90 0.80 -14.94
CA GLY B 202 22.68 0.81 -16.19
C GLY B 202 21.94 1.10 -17.46
N GLY B 203 20.63 1.31 -17.37
CA GLY B 203 19.82 1.66 -18.55
C GLY B 203 20.09 3.11 -18.95
N THR B 204 19.50 3.47 -20.09
CA THR B 204 19.78 4.71 -20.70
C THR B 204 18.86 5.67 -20.09
N THR B 205 17.60 5.33 -19.88
CA THR B 205 16.71 6.27 -19.22
C THR B 205 16.88 6.26 -17.70
N ASP B 206 17.72 5.35 -17.18
CA ASP B 206 18.16 5.33 -15.76
C ASP B 206 18.78 6.56 -15.14
N TYR B 207 19.31 7.47 -15.95
CA TYR B 207 19.87 8.68 -15.37
C TYR B 207 18.79 9.29 -14.50
N ALA B 208 17.52 9.01 -14.78
CA ALA B 208 16.46 9.79 -14.16
C ALA B 208 16.05 9.20 -12.83
N VAL B 209 16.64 8.05 -12.52
CA VAL B 209 16.49 7.55 -11.18
C VAL B 209 17.79 7.78 -10.33
N GLU B 210 18.98 7.61 -10.91
CA GLU B 210 20.26 7.79 -10.18
C GLU B 210 20.42 9.19 -9.59
N ILE B 211 19.96 10.14 -10.42
CA ILE B 211 19.96 11.55 -10.15
C ILE B 211 19.45 11.84 -8.76
N PHE B 212 18.34 11.18 -8.41
CA PHE B 212 17.68 11.37 -7.11
C PHE B 212 18.43 10.84 -5.88
N TYR B 213 19.14 9.71 -6.05
CA TYR B 213 19.93 9.15 -4.99
C TYR B 213 21.08 10.09 -4.77
N GLU B 214 21.84 10.31 -5.82
CA GLU B 214 22.92 11.28 -5.79
C GLU B 214 22.54 12.68 -5.22
N ALA B 215 21.35 13.19 -5.53
CA ALA B 215 20.94 14.47 -4.97
C ALA B 215 20.71 14.36 -3.46
N LEU B 216 20.03 13.31 -3.04
CA LEU B 216 19.84 13.07 -1.65
C LEU B 216 21.16 12.72 -0.95
N LYS B 217 22.06 11.95 -1.56
CA LYS B 217 23.18 11.48 -0.75
C LYS B 217 24.27 12.51 -0.75
N HIS B 218 24.41 13.30 -1.82
CA HIS B 218 25.64 14.09 -2.07
C HIS B 218 25.51 15.56 -2.55
N GLY B 219 24.29 16.04 -2.75
CA GLY B 219 24.09 17.36 -3.34
C GLY B 219 24.36 17.41 -4.82
N LYS B 220 24.87 16.33 -5.43
CA LYS B 220 25.31 16.39 -6.83
C LYS B 220 25.38 15.07 -7.60
N TYR B 221 25.45 15.23 -8.92
CA TYR B 221 25.33 14.13 -9.83
C TYR B 221 26.20 14.37 -11.00
N THR B 222 26.85 13.32 -11.43
CA THR B 222 27.42 13.31 -12.80
C THR B 222 26.47 12.54 -13.76
N CYS B 223 25.80 13.26 -14.65
CA CYS B 223 24.90 12.69 -15.66
C CYS B 223 25.65 12.13 -16.88
N PHE B 224 25.20 10.97 -17.38
CA PHE B 224 25.87 10.27 -18.51
C PHE B 224 25.19 10.48 -19.89
N LEU B 225 24.14 11.31 -19.93
CA LEU B 225 23.55 11.81 -21.19
C LEU B 225 23.99 13.25 -21.34
N ASN B 226 24.01 13.81 -22.56
CA ASN B 226 24.24 15.23 -22.76
C ASN B 226 23.19 16.01 -22.01
N ARG B 227 23.53 17.16 -21.45
CA ARG B 227 22.50 18.02 -20.80
C ARG B 227 21.13 18.13 -21.54
N ASP B 228 21.12 17.99 -22.87
CA ASP B 228 19.95 18.38 -23.74
C ASP B 228 19.25 17.20 -24.44
N ALA B 229 19.63 15.99 -24.04
CA ALA B 229 19.08 14.70 -24.58
C ALA B 229 17.65 14.50 -24.04
N LYS B 230 16.68 14.91 -24.88
CA LYS B 230 15.25 14.96 -24.56
C LYS B 230 14.86 13.49 -24.69
N LEU B 231 14.15 12.98 -23.69
CA LEU B 231 13.57 11.68 -23.76
C LEU B 231 12.13 11.76 -23.24
N PRO B 232 11.28 10.80 -23.74
CA PRO B 232 9.97 10.68 -23.04
C PRO B 232 10.14 9.76 -21.84
N MET B 233 9.33 10.09 -20.81
CA MET B 233 9.42 9.54 -19.49
C MET B 233 8.06 9.53 -18.79
N MET B 234 7.92 8.65 -17.77
CA MET B 234 6.73 8.59 -16.92
C MET B 234 7.03 8.07 -15.53
N TYR B 235 6.24 8.54 -14.56
CA TYR B 235 6.49 8.20 -13.19
C TYR B 235 5.70 6.90 -12.94
N MET B 236 6.24 5.94 -12.16
CA MET B 236 5.51 4.65 -11.94
C MET B 236 3.96 4.70 -11.79
N PRO B 237 3.38 5.65 -10.99
CA PRO B 237 1.91 5.57 -10.82
C PRO B 237 1.17 5.71 -12.10
N ASP B 238 1.70 6.48 -13.04
CA ASP B 238 1.17 6.59 -14.39
C ASP B 238 1.55 5.34 -15.24
N CYS B 239 2.68 4.74 -14.98
CA CYS B 239 3.01 3.52 -15.70
C CYS B 239 1.97 2.45 -15.30
N LEU B 240 1.70 2.38 -13.98
CA LEU B 240 0.70 1.49 -13.45
C LEU B 240 -0.67 1.79 -14.02
N LYS B 241 -1.07 3.05 -14.03
CA LYS B 241 -2.42 3.39 -14.51
C LYS B 241 -2.62 3.01 -16.00
N ALA B 242 -1.62 3.33 -16.81
CA ALA B 242 -1.69 3.02 -18.24
C ALA B 242 -1.79 1.51 -18.44
N THR B 243 -0.97 0.71 -17.72
CA THR B 243 -1.03 -0.76 -17.77
C THR B 243 -2.44 -1.34 -17.53
N MET B 244 -3.10 -0.86 -16.49
CA MET B 244 -4.42 -1.32 -16.11
C MET B 244 -5.53 -0.74 -16.97
N GLY B 245 -5.37 0.54 -17.39
CA GLY B 245 -6.19 1.14 -18.41
C GLY B 245 -6.26 0.24 -19.64
N LEU B 246 -5.12 -0.08 -20.29
CA LEU B 246 -5.22 -0.94 -21.53
C LEU B 246 -5.72 -2.34 -21.19
N ILE B 247 -5.18 -2.95 -20.11
CA ILE B 247 -5.64 -4.30 -19.65
C ILE B 247 -7.17 -4.33 -19.38
N ASN B 248 -7.72 -3.30 -18.72
CA ASN B 248 -9.15 -3.35 -18.39
C ASN B 248 -10.00 -2.77 -19.48
N ALA B 249 -9.43 -2.28 -20.58
CA ALA B 249 -10.37 -1.67 -21.50
C ALA B 249 -11.25 -2.77 -22.21
N PRO B 250 -12.51 -2.43 -22.52
CA PRO B 250 -13.22 -3.40 -23.34
C PRO B 250 -12.47 -3.59 -24.71
N ASN B 251 -12.36 -4.86 -25.16
CA ASN B 251 -11.71 -5.13 -26.48
C ASN B 251 -12.22 -4.32 -27.69
N ASP B 252 -13.57 -4.08 -27.75
CA ASP B 252 -14.27 -3.36 -28.90
C ASP B 252 -13.91 -1.89 -29.07
N CYS B 253 -13.06 -1.44 -28.16
CA CYS B 253 -12.46 -0.10 -28.00
C CYS B 253 -11.19 0.22 -28.77
N LEU B 254 -10.46 -0.84 -29.11
CA LEU B 254 -9.05 -0.71 -29.42
C LEU B 254 -8.96 -0.77 -30.91
N SER B 255 -8.66 0.35 -31.52
CA SER B 255 -8.29 0.35 -32.96
C SER B 255 -6.91 -0.36 -33.28
N GLN B 256 -6.12 -0.74 -32.26
CA GLN B 256 -4.74 -1.29 -32.42
C GLN B 256 -4.52 -2.15 -31.21
N ARG B 257 -3.41 -2.85 -31.20
CA ARG B 257 -2.98 -3.68 -30.10
C ARG B 257 -1.84 -3.13 -29.32
N THR B 258 -0.87 -2.55 -29.99
CA THR B 258 0.11 -1.72 -29.35
C THR B 258 -0.13 -0.12 -29.32
N TYR B 259 0.08 0.49 -28.18
CA TYR B 259 -0.14 1.91 -28.01
C TYR B 259 1.02 2.62 -27.41
N ASN B 260 1.36 3.76 -27.97
CA ASN B 260 2.31 4.64 -27.37
C ASN B 260 1.61 5.23 -26.12
N ILE B 261 2.32 5.32 -25.01
CA ILE B 261 1.87 5.97 -23.80
C ILE B 261 2.98 6.96 -23.43
N THR B 262 2.65 8.25 -23.29
CA THR B 262 3.61 9.11 -22.62
C THR B 262 3.01 9.94 -21.47
N ALA B 263 3.90 10.59 -20.73
CA ALA B 263 3.44 11.50 -19.68
C ALA B 263 4.06 12.87 -20.05
N VAL B 264 5.34 13.04 -19.79
CA VAL B 264 6.01 14.27 -20.13
C VAL B 264 7.25 13.90 -21.00
N SER B 265 7.89 14.87 -21.64
CA SER B 265 9.32 14.68 -22.08
C SER B 265 10.27 15.70 -21.41
N PHE B 266 11.56 15.36 -21.24
CA PHE B 266 12.53 16.31 -20.73
C PHE B 266 13.98 15.95 -20.94
N THR B 267 14.82 16.95 -20.73
CA THR B 267 16.27 16.85 -20.84
C THR B 267 16.84 16.61 -19.43
N PRO B 268 18.10 16.14 -19.36
CA PRO B 268 18.75 16.09 -18.04
C PRO B 268 18.78 17.49 -17.33
N GLU B 269 19.11 18.56 -18.09
CA GLU B 269 19.05 19.90 -17.50
C GLU B 269 17.68 20.34 -16.96
N GLU B 270 16.61 19.91 -17.60
CA GLU B 270 15.32 20.27 -17.11
C GLU B 270 14.98 19.60 -15.79
N ILE B 271 15.26 18.30 -15.66
CA ILE B 271 14.94 17.60 -14.39
C ILE B 271 15.87 18.09 -13.27
N VAL B 272 17.12 18.37 -13.69
CA VAL B 272 18.09 19.07 -12.78
C VAL B 272 17.40 20.35 -12.23
N ALA B 273 16.85 21.15 -13.15
CA ALA B 273 16.26 22.40 -12.79
C ALA B 273 15.00 22.18 -11.93
N SER B 274 14.27 21.12 -12.23
CA SER B 274 13.12 20.70 -11.42
C SER B 274 13.53 20.36 -9.99
N ILE B 275 14.54 19.50 -9.84
CA ILE B 275 15.15 19.21 -8.51
C ILE B 275 15.54 20.49 -7.76
N GLN B 276 16.13 21.41 -8.50
CA GLN B 276 16.63 22.61 -7.81
C GLN B 276 15.51 23.50 -7.28
N LYS B 277 14.26 23.26 -7.71
CA LYS B 277 13.09 23.96 -7.13
C LYS B 277 12.92 23.65 -5.66
N VAL B 278 13.25 22.40 -5.32
CA VAL B 278 13.07 21.85 -3.98
C VAL B 278 14.38 21.76 -3.25
N MET B 279 15.48 21.55 -3.97
CA MET B 279 16.81 21.46 -3.43
C MET B 279 17.73 22.41 -4.25
N PRO B 280 17.69 23.72 -3.90
CA PRO B 280 18.40 24.79 -4.60
C PRO B 280 19.86 24.53 -4.76
N SER B 281 20.45 23.76 -3.84
CA SER B 281 21.89 23.63 -3.81
C SER B 281 22.38 22.46 -4.63
N PHE B 282 21.47 21.85 -5.39
CA PHE B 282 21.81 20.69 -6.19
C PHE B 282 22.54 21.10 -7.46
N GLN B 283 23.57 20.35 -7.84
CA GLN B 283 24.42 20.70 -8.96
C GLN B 283 24.48 19.49 -9.92
N CYS B 284 24.82 19.74 -11.17
CA CYS B 284 24.93 18.63 -12.05
C CYS B 284 26.11 18.77 -13.00
N ASP B 285 26.67 17.64 -13.37
CA ASP B 285 27.87 17.54 -14.17
C ASP B 285 27.41 16.65 -15.35
N TYR B 286 28.09 16.73 -16.49
CA TYR B 286 27.86 15.86 -17.62
C TYR B 286 29.20 15.30 -18.13
N LYS B 287 29.38 14.01 -17.89
CA LYS B 287 30.37 13.18 -18.57
C LYS B 287 29.53 12.13 -19.42
N PRO B 288 29.21 12.43 -20.69
CA PRO B 288 28.43 11.49 -21.49
C PRO B 288 29.23 10.24 -21.89
N ASP B 289 28.56 9.06 -21.91
CA ASP B 289 29.17 7.73 -22.32
C ASP B 289 28.37 6.97 -23.47
N PHE B 290 28.54 5.62 -23.65
CA PHE B 290 27.90 4.86 -24.79
C PHE B 290 26.38 5.08 -24.88
N ARG B 291 25.77 5.21 -23.69
CA ARG B 291 24.39 5.45 -23.53
C ARG B 291 23.88 6.70 -24.25
N GLN B 292 24.73 7.73 -24.45
CA GLN B 292 24.31 8.85 -25.33
C GLN B 292 24.03 8.42 -26.78
N GLN B 293 24.90 7.58 -27.33
CA GLN B 293 24.66 7.04 -28.66
C GLN B 293 23.31 6.20 -28.71
N ILE B 294 22.91 5.56 -27.59
CA ILE B 294 21.62 4.89 -27.53
C ILE B 294 20.55 5.96 -27.59
N ALA B 295 20.68 6.94 -26.69
CA ALA B 295 19.61 7.97 -26.42
C ALA B 295 19.22 8.81 -27.63
N GLU B 296 20.18 9.08 -28.52
CA GLU B 296 19.92 9.91 -29.64
C GLU B 296 19.28 9.15 -30.81
N THR B 297 19.30 7.80 -30.72
CA THR B 297 18.47 6.91 -31.65
C THR B 297 16.99 6.78 -31.26
N TRP B 298 16.61 7.21 -30.06
CA TRP B 298 15.22 7.11 -29.56
C TRP B 298 14.34 8.38 -29.68
N PRO B 299 13.00 8.21 -29.53
CA PRO B 299 12.25 9.45 -29.63
C PRO B 299 12.59 10.58 -28.53
N ARG B 300 12.31 11.83 -28.94
CA ARG B 300 12.33 12.96 -28.02
C ARG B 300 10.92 13.09 -27.33
N SER B 301 9.83 12.86 -28.10
CA SER B 301 8.52 12.80 -27.50
C SER B 301 7.67 11.85 -28.29
N ILE B 302 6.61 11.39 -27.64
CA ILE B 302 5.70 10.38 -28.27
C ILE B 302 4.25 10.81 -28.34
N ASP B 303 3.75 10.59 -29.55
CA ASP B 303 2.34 10.80 -29.81
C ASP B 303 1.54 9.53 -29.44
N ASP B 304 0.84 9.68 -28.29
CA ASP B 304 -0.02 8.68 -27.66
C ASP B 304 -1.56 9.01 -27.76
N SER B 305 -1.83 9.91 -28.72
CA SER B 305 -3.18 10.33 -29.20
C SER B 305 -4.20 9.20 -29.22
N ILE B 306 -3.72 8.11 -29.74
CA ILE B 306 -4.58 7.05 -30.02
C ILE B 306 -4.96 6.28 -28.74
N ALA B 307 -4.07 6.14 -27.77
CA ALA B 307 -4.52 5.66 -26.46
C ALA B 307 -5.45 6.68 -25.73
N ARG B 308 -5.22 7.98 -25.94
CA ARG B 308 -6.07 8.97 -25.25
C ARG B 308 -7.51 8.83 -25.81
N LYS B 309 -7.65 8.80 -27.15
CA LYS B 309 -8.92 8.56 -27.82
C LYS B 309 -9.52 7.12 -27.59
N ASP B 310 -8.83 6.01 -27.95
CA ASP B 310 -9.40 4.62 -27.72
C ASP B 310 -9.77 4.32 -26.32
N TRP B 311 -8.90 4.53 -25.34
CA TRP B 311 -9.31 4.01 -24.03
C TRP B 311 -9.18 4.99 -22.88
N ASN B 312 -9.26 6.29 -23.21
CA ASN B 312 -9.19 7.44 -22.27
C ASN B 312 -7.93 7.47 -21.39
N TRP B 313 -6.79 7.15 -22.00
CA TRP B 313 -5.50 7.28 -21.31
C TRP B 313 -5.27 8.77 -20.91
N GLN B 314 -4.87 9.02 -19.67
CA GLN B 314 -4.63 10.37 -19.13
C GLN B 314 -3.63 10.15 -18.02
N HIS B 315 -2.44 10.73 -18.18
CA HIS B 315 -1.42 10.85 -17.13
C HIS B 315 -1.74 12.01 -16.17
N ASP B 316 -1.30 11.85 -14.93
CA ASP B 316 -1.55 12.72 -13.80
C ASP B 316 -0.27 13.45 -13.33
N PHE B 317 0.91 12.90 -13.62
CA PHE B 317 2.16 13.45 -13.07
C PHE B 317 2.90 14.15 -14.15
N ASP B 318 3.32 15.37 -13.89
CA ASP B 318 4.25 16.12 -14.73
C ASP B 318 5.56 16.01 -14.01
N LEU B 319 6.53 16.71 -14.51
CA LEU B 319 7.89 16.71 -14.01
C LEU B 319 8.04 17.27 -12.58
N ASP B 320 7.54 18.45 -12.31
CA ASP B 320 7.66 18.96 -10.92
C ASP B 320 7.09 18.05 -9.88
N SER B 321 5.83 17.66 -10.01
CA SER B 321 5.17 16.64 -9.12
C SER B 321 5.97 15.34 -8.93
N MET B 322 6.54 14.79 -10.01
CA MET B 322 7.16 13.51 -9.90
C MET B 322 8.43 13.72 -9.17
N VAL B 323 9.02 14.90 -9.41
CA VAL B 323 10.31 15.28 -8.80
C VAL B 323 10.18 15.39 -7.27
N GLU B 324 9.16 16.17 -6.90
CA GLU B 324 8.76 16.34 -5.54
C GLU B 324 8.48 15.07 -4.81
N ASP B 325 7.64 14.23 -5.40
CA ASP B 325 7.31 12.94 -4.81
C ASP B 325 8.57 12.03 -4.71
N MET B 326 9.43 12.01 -5.76
CA MET B 326 10.62 11.18 -5.81
C MET B 326 11.50 11.54 -4.61
N LEU B 327 11.71 12.84 -4.44
CA LEU B 327 12.51 13.34 -3.34
C LEU B 327 11.90 12.97 -1.95
N VAL B 328 10.58 13.18 -1.75
CA VAL B 328 9.93 12.84 -0.50
C VAL B 328 10.10 11.34 -0.26
N LYS B 329 9.80 10.49 -1.27
CA LYS B 329 9.82 9.01 -1.06
C LYS B 329 11.22 8.46 -0.76
N LEU B 330 12.21 9.02 -1.45
CA LEU B 330 13.59 8.58 -1.36
C LEU B 330 14.19 9.01 -0.04
N ASP B 331 13.74 10.16 0.45
CA ASP B 331 14.28 10.71 1.67
C ASP B 331 13.80 9.82 2.80
N ALA B 332 12.53 9.42 2.76
CA ALA B 332 11.98 8.44 3.67
C ALA B 332 12.87 7.17 3.67
N LYS B 333 12.99 6.48 2.51
CA LYS B 333 13.89 5.31 2.34
C LYS B 333 15.31 5.56 2.95
N LEU B 334 16.00 6.61 2.49
CA LEU B 334 17.33 6.95 2.98
C LEU B 334 17.29 7.78 4.29
N SER C 25 -36.53 18.43 49.77
CA SER C 25 -36.91 19.76 50.45
C SER C 25 -37.59 20.76 49.53
N ARG C 26 -37.09 20.93 48.33
CA ARG C 26 -37.80 21.77 47.39
C ARG C 26 -37.87 21.17 46.00
N ILE C 27 -38.88 21.66 45.27
CA ILE C 27 -39.13 21.25 43.91
C ILE C 27 -38.92 22.36 42.90
N LEU C 28 -38.00 22.13 41.92
CA LEU C 28 -37.85 23.06 40.80
C LEU C 28 -38.64 22.70 39.60
N VAL C 29 -39.52 23.60 39.25
CA VAL C 29 -40.26 23.38 37.98
C VAL C 29 -39.72 24.22 36.87
N THR C 30 -39.22 23.55 35.80
CA THR C 30 -38.79 24.30 34.63
C THR C 30 -39.90 24.48 33.62
N GLY C 31 -39.90 25.61 32.90
CA GLY C 31 -40.88 25.77 31.82
C GLY C 31 -42.22 25.97 32.51
N GLY C 32 -42.21 26.62 33.70
CA GLY C 32 -43.39 26.48 34.57
C GLY C 32 -44.56 27.40 34.19
N THR C 33 -44.38 28.20 33.12
CA THR C 33 -45.36 29.21 32.72
C THR C 33 -46.13 28.83 31.41
N GLY C 34 -45.71 27.69 30.81
CA GLY C 34 -46.49 26.91 29.79
C GLY C 34 -47.93 26.49 30.14
N GLN C 35 -48.62 25.95 29.16
CA GLN C 35 -49.98 25.47 29.34
C GLN C 35 -50.11 24.49 30.54
N ILE C 36 -49.16 23.57 30.63
CA ILE C 36 -49.23 22.57 31.70
C ILE C 36 -48.76 23.17 33.01
N GLY C 37 -47.63 23.90 32.98
CA GLY C 37 -47.05 24.55 34.15
C GLY C 37 -47.98 25.52 34.85
N MET C 38 -48.70 26.32 34.09
CA MET C 38 -49.50 27.29 34.79
C MET C 38 -50.61 26.59 35.64
N GLU C 39 -50.97 25.35 35.33
CA GLU C 39 -51.92 24.67 36.24
C GLU C 39 -51.23 23.58 37.08
N LEU C 40 -50.13 22.94 36.61
CA LEU C 40 -49.31 21.99 37.42
C LEU C 40 -48.69 22.63 38.62
N VAL C 41 -48.13 23.85 38.47
CA VAL C 41 -47.52 24.55 39.57
C VAL C 41 -48.50 24.89 40.75
N PRO C 42 -49.72 25.48 40.48
CA PRO C 42 -50.63 25.65 41.64
C PRO C 42 -51.15 24.29 42.24
N TYR C 43 -51.22 23.24 41.43
CA TYR C 43 -51.69 21.97 41.94
C TYR C 43 -50.64 21.45 42.97
N MET C 44 -49.36 21.54 42.61
CA MET C 44 -48.24 21.11 43.47
C MET C 44 -48.10 21.96 44.73
N ARG C 45 -48.57 23.22 44.69
CA ARG C 45 -48.35 24.10 45.83
C ARG C 45 -49.45 23.77 46.85
N GLN C 46 -50.58 23.26 46.36
CA GLN C 46 -51.65 22.80 47.21
C GLN C 46 -51.29 21.48 47.87
N LEU C 47 -50.67 20.56 47.13
CA LEU C 47 -50.28 19.30 47.71
C LEU C 47 -49.14 19.48 48.71
N PHE C 48 -48.18 20.39 48.42
CA PHE C 48 -46.94 20.49 49.21
C PHE C 48 -46.62 21.80 49.90
N GLY C 49 -47.46 22.84 49.79
CA GLY C 49 -47.08 24.21 50.24
C GLY C 49 -46.58 25.13 49.11
N ALA C 50 -47.04 26.38 49.14
CA ALA C 50 -46.76 27.35 48.10
C ALA C 50 -45.23 27.46 47.96
N ASP C 51 -44.58 27.51 49.10
CA ASP C 51 -43.17 27.78 49.18
C ASP C 51 -42.24 26.56 48.84
N THR C 52 -42.80 25.38 48.85
CA THR C 52 -42.06 24.20 48.43
C THR C 52 -41.83 24.05 46.92
N ILE C 53 -42.49 24.83 46.06
CA ILE C 53 -42.27 24.79 44.58
C ILE C 53 -41.60 26.07 44.09
N VAL C 54 -40.47 25.93 43.45
CA VAL C 54 -39.77 27.03 42.83
C VAL C 54 -40.34 27.00 41.43
N ASN C 55 -41.14 27.97 41.04
CA ASN C 55 -41.63 28.09 39.69
C ASN C 55 -40.54 28.80 38.94
N SER C 56 -40.13 28.28 37.79
CA SER C 56 -39.24 29.09 36.93
C SER C 56 -39.60 28.94 35.42
N ASP C 57 -39.16 29.96 34.64
CA ASP C 57 -39.42 30.03 33.18
C ASP C 57 -38.53 31.17 32.62
N ILE C 58 -38.55 31.35 31.31
CA ILE C 58 -37.94 32.52 30.68
C ILE C 58 -38.98 33.66 30.46
N LYS C 59 -40.26 33.39 30.70
CA LYS C 59 -41.34 34.42 30.75
C LYS C 59 -41.98 34.32 32.15
N ALA C 60 -42.55 35.39 32.68
CA ALA C 60 -43.20 35.36 33.99
C ALA C 60 -44.62 34.93 33.85
N PRO C 61 -45.26 34.46 34.92
CA PRO C 61 -46.73 34.21 35.00
C PRO C 61 -47.63 35.30 34.43
N GLY C 62 -48.74 34.86 33.80
CA GLY C 62 -49.78 35.75 33.18
C GLY C 62 -49.78 37.26 33.45
N ASP C 67 -47.62 35.14 42.19
CA ASP C 67 -46.79 33.95 42.34
C ASP C 67 -46.15 33.85 43.69
N GLY C 68 -45.07 34.59 43.85
CA GLY C 68 -44.15 34.38 44.94
C GLY C 68 -42.85 33.79 44.42
N ASN C 69 -42.63 32.54 44.74
CA ASN C 69 -41.36 31.93 44.44
C ASN C 69 -41.16 31.64 42.95
N PHE C 70 -41.13 32.68 42.11
CA PHE C 70 -40.79 32.61 40.72
C PHE C 70 -39.34 33.04 40.48
N VAL C 71 -38.57 32.21 39.75
CA VAL C 71 -37.24 32.63 39.25
C VAL C 71 -37.03 32.47 37.74
N TYR C 72 -36.07 33.19 37.19
CA TYR C 72 -35.89 33.16 35.75
C TYR C 72 -35.01 31.96 35.59
N CYS C 73 -35.39 30.98 34.78
CA CYS C 73 -34.40 29.97 34.50
C CYS C 73 -34.37 29.62 33.00
N ASP C 74 -33.28 29.92 32.31
CA ASP C 74 -33.12 29.40 30.95
C ASP C 74 -32.39 28.08 31.04
N VAL C 75 -33.05 27.05 30.58
CA VAL C 75 -32.66 25.64 30.87
C VAL C 75 -31.46 25.27 29.95
N GLN C 76 -31.14 26.12 28.99
CA GLN C 76 -29.87 25.82 28.27
C GLN C 76 -28.58 26.41 28.97
N ASP C 77 -28.83 27.14 30.08
CA ASP C 77 -27.73 27.70 30.88
C ASP C 77 -27.51 26.83 32.21
N ARG C 78 -26.64 25.83 32.11
CA ARG C 78 -26.42 24.86 33.16
C ARG C 78 -26.19 25.52 34.55
N ASP C 79 -25.25 26.49 34.59
CA ASP C 79 -24.92 26.98 35.92
C ASP C 79 -25.91 27.89 36.65
N SER C 80 -26.77 28.56 35.85
CA SER C 80 -27.82 29.30 36.48
C SER C 80 -28.72 28.26 37.23
N MET C 81 -28.81 27.11 36.62
CA MET C 81 -29.63 26.02 37.10
C MET C 81 -28.98 25.43 38.37
N ALA C 82 -27.66 25.28 38.33
CA ALA C 82 -26.89 24.81 39.55
C ALA C 82 -27.11 25.84 40.63
N ARG C 83 -27.20 27.14 40.24
CA ARG C 83 -27.37 28.16 41.22
C ARG C 83 -28.69 27.99 41.96
N ILE C 84 -29.76 27.86 41.22
CA ILE C 84 -31.07 27.82 41.74
C ILE C 84 -31.19 26.62 42.69
N VAL C 85 -30.70 25.46 42.22
CA VAL C 85 -30.78 24.14 42.87
C VAL C 85 -30.13 24.20 44.22
N THR C 86 -28.89 24.69 44.28
CA THR C 86 -28.13 24.79 45.53
C THR C 86 -28.75 25.87 46.43
N GLU C 87 -29.01 27.10 45.96
CA GLU C 87 -29.57 28.17 46.85
C GLU C 87 -30.97 27.84 47.43
N GLN C 88 -31.80 27.20 46.63
CA GLN C 88 -33.17 26.94 46.97
C GLN C 88 -33.42 25.54 47.58
N GLY C 89 -32.39 24.74 47.81
CA GLY C 89 -32.49 23.43 48.46
C GLY C 89 -33.22 22.35 47.64
N VAL C 90 -33.12 22.42 46.30
CA VAL C 90 -33.96 21.63 45.36
C VAL C 90 -33.53 20.17 45.46
N ASP C 91 -34.48 19.22 45.44
CA ASP C 91 -34.05 17.78 45.41
C ASP C 91 -34.72 17.03 44.23
N THR C 92 -35.60 17.75 43.52
CA THR C 92 -36.38 17.28 42.41
C THR C 92 -36.51 18.40 41.37
N ILE C 93 -36.14 18.07 40.13
CA ILE C 93 -36.44 18.96 38.96
C ILE C 93 -37.68 18.43 38.20
N VAL C 94 -38.75 19.22 38.09
CA VAL C 94 -39.96 18.81 37.30
C VAL C 94 -39.81 19.59 36.01
N HIS C 95 -39.29 18.90 35.00
CA HIS C 95 -38.64 19.56 33.87
C HIS C 95 -39.67 19.74 32.75
N MET C 96 -40.32 20.91 32.74
CA MET C 96 -41.41 21.14 31.73
C MET C 96 -40.97 21.86 30.48
N ALA C 97 -39.84 22.52 30.51
CA ALA C 97 -39.43 23.43 29.45
C ALA C 97 -39.15 22.59 28.18
N SER C 98 -39.58 23.18 27.08
CA SER C 98 -39.54 22.67 25.73
C SER C 98 -40.13 23.66 24.75
N LEU C 99 -39.79 23.47 23.50
CA LEU C 99 -40.44 24.13 22.40
C LEU C 99 -41.39 23.03 21.85
N LEU C 100 -42.59 23.39 21.37
CA LEU C 100 -43.61 22.34 20.91
C LEU C 100 -43.46 22.05 19.40
N SER C 101 -44.33 21.20 18.86
CA SER C 101 -44.27 20.78 17.41
C SER C 101 -44.27 21.93 16.42
N ALA C 102 -45.05 22.98 16.76
CA ALA C 102 -45.20 24.29 15.95
C ALA C 102 -43.91 25.07 15.69
N VAL C 103 -43.27 25.48 16.79
CA VAL C 103 -41.97 26.21 16.74
C VAL C 103 -40.84 25.16 16.37
N GLY C 104 -41.02 23.87 16.75
CA GLY C 104 -40.16 22.80 16.26
C GLY C 104 -39.99 22.91 14.71
N GLU C 105 -41.09 22.81 13.95
CA GLU C 105 -41.04 22.88 12.51
C GLU C 105 -40.68 24.26 11.99
N ALA C 106 -41.06 25.34 12.69
CA ALA C 106 -40.82 26.71 12.18
C ALA C 106 -39.35 27.13 12.35
N ASN C 107 -38.82 26.94 13.56
CA ASN C 107 -37.45 27.31 13.92
C ASN C 107 -36.86 25.98 14.38
N PRO C 108 -36.49 25.12 13.43
CA PRO C 108 -36.07 23.77 13.90
C PRO C 108 -34.65 23.77 14.59
N SER C 109 -33.96 24.88 14.64
CA SER C 109 -32.65 24.77 15.14
C SER C 109 -32.67 25.14 16.63
N LEU C 110 -33.67 25.93 17.01
CA LEU C 110 -33.69 26.32 18.37
C LEU C 110 -34.43 25.24 19.06
N ALA C 111 -35.47 24.71 18.46
CA ALA C 111 -36.10 23.64 19.19
C ALA C 111 -35.04 22.62 19.63
N LEU C 112 -34.10 22.33 18.74
CA LEU C 112 -33.06 21.38 18.97
C LEU C 112 -32.14 21.65 20.23
N SER C 113 -31.68 22.87 20.35
CA SER C 113 -30.90 23.31 21.45
C SER C 113 -31.74 23.38 22.86
N VAL C 114 -32.88 24.06 22.96
CA VAL C 114 -33.65 24.11 24.24
C VAL C 114 -33.89 22.64 24.64
N ASN C 115 -34.43 21.85 23.73
CA ASN C 115 -34.95 20.52 24.10
C ASN C 115 -33.88 19.46 24.41
N THR C 116 -32.86 19.37 23.56
CA THR C 116 -31.75 18.47 23.81
C THR C 116 -30.84 19.05 24.91
N ARG C 117 -30.50 20.36 24.90
CA ARG C 117 -29.61 20.92 25.98
C ARG C 117 -30.34 21.02 27.35
N GLY C 118 -31.59 21.35 27.36
CA GLY C 118 -32.27 21.30 28.61
C GLY C 118 -32.31 19.96 29.30
N ILE C 119 -32.75 18.85 28.65
CA ILE C 119 -32.74 17.57 29.33
C ILE C 119 -31.27 17.20 29.66
N GLN C 120 -30.31 17.64 28.89
CA GLN C 120 -28.94 17.25 29.19
C GLN C 120 -28.38 17.95 30.39
N ASN C 121 -28.64 19.23 30.49
CA ASN C 121 -28.22 19.97 31.64
C ASN C 121 -29.00 19.47 32.86
N VAL C 122 -30.29 19.29 32.75
CA VAL C 122 -31.06 18.83 33.92
C VAL C 122 -30.60 17.40 34.42
N LEU C 123 -30.08 16.54 33.52
CA LEU C 123 -29.71 15.16 33.90
C LEU C 123 -28.29 15.17 34.58
N GLU C 124 -27.40 16.00 34.00
CA GLU C 124 -26.06 16.22 34.47
C GLU C 124 -26.13 16.88 35.89
N LEU C 125 -27.07 17.79 36.12
CA LEU C 125 -27.22 18.34 37.46
C LEU C 125 -27.87 17.38 38.37
N ALA C 126 -28.80 16.55 37.86
CA ALA C 126 -29.42 15.51 38.68
C ALA C 126 -28.44 14.46 39.19
N LYS C 127 -27.45 14.12 38.35
CA LYS C 127 -26.40 13.25 38.75
C LYS C 127 -25.44 13.93 39.81
N GLN C 128 -24.95 15.15 39.52
CA GLN C 128 -24.05 15.87 40.41
C GLN C 128 -24.71 16.11 41.79
N TYR C 129 -25.98 16.49 41.83
CA TYR C 129 -26.66 16.93 43.07
C TYR C 129 -27.60 15.85 43.51
N GLN C 130 -27.61 14.69 42.82
CA GLN C 130 -28.48 13.63 43.26
C GLN C 130 -29.92 14.10 43.35
N LEU C 131 -30.49 14.49 42.23
CA LEU C 131 -31.91 14.94 42.17
C LEU C 131 -32.75 13.92 41.46
N ARG C 132 -34.01 13.85 41.80
CA ARG C 132 -34.93 13.21 40.91
C ARG C 132 -35.39 14.12 39.81
N VAL C 133 -35.71 13.53 38.65
CA VAL C 133 -36.26 14.32 37.58
C VAL C 133 -37.60 13.77 37.02
N PHE C 134 -38.52 14.63 36.78
CA PHE C 134 -39.66 14.27 35.98
C PHE C 134 -39.47 15.09 34.70
N ALA C 135 -39.68 14.50 33.54
CA ALA C 135 -39.54 15.19 32.24
C ALA C 135 -40.55 14.49 31.30
N PRO C 136 -41.64 15.18 30.90
CA PRO C 136 -42.65 14.78 29.97
C PRO C 136 -42.09 14.31 28.63
N SER C 137 -42.64 13.18 28.14
CA SER C 137 -42.49 12.85 26.73
C SER C 137 -43.83 13.15 26.02
N THR C 138 -44.02 12.65 24.84
CA THR C 138 -45.15 13.07 24.07
C THR C 138 -45.55 11.91 23.12
N ILE C 139 -46.82 11.92 22.68
CA ILE C 139 -47.20 10.99 21.64
C ILE C 139 -46.42 11.16 20.30
N ALA C 140 -45.78 12.31 20.06
CA ALA C 140 -45.01 12.50 18.86
C ALA C 140 -43.64 11.80 18.90
N VAL C 141 -43.29 11.06 19.94
CA VAL C 141 -42.16 10.12 19.70
C VAL C 141 -42.49 9.02 18.57
N PHE C 142 -43.79 8.83 18.33
CA PHE C 142 -44.25 7.83 17.39
C PHE C 142 -44.35 8.41 15.97
N GLY C 143 -44.08 7.57 14.97
CA GLY C 143 -44.22 7.90 13.54
C GLY C 143 -45.11 6.96 12.72
N PRO C 144 -44.95 7.00 11.38
CA PRO C 144 -45.85 6.31 10.46
C PRO C 144 -45.60 4.82 10.50
N SER C 145 -44.38 4.43 10.83
CA SER C 145 -44.08 3.02 11.03
C SER C 145 -44.50 2.40 12.38
N THR C 146 -45.01 3.21 13.31
CA THR C 146 -45.39 2.73 14.63
C THR C 146 -46.78 2.21 14.43
N PRO C 147 -47.13 1.02 15.01
CA PRO C 147 -48.55 0.55 14.96
C PRO C 147 -49.43 1.54 15.71
N GLN C 148 -50.49 1.99 15.04
CA GLN C 148 -51.23 3.19 15.45
C GLN C 148 -52.50 3.04 16.25
N ASP C 149 -52.82 1.82 16.66
CA ASP C 149 -54.05 1.48 17.44
C ASP C 149 -53.46 0.85 18.65
N GLU C 150 -53.84 1.34 19.82
CA GLU C 150 -53.37 0.73 21.04
C GLU C 150 -51.84 0.57 20.99
N THR C 151 -51.20 1.68 20.55
CA THR C 151 -49.74 1.85 20.55
C THR C 151 -49.13 1.42 21.92
N PRO C 152 -48.27 0.38 21.89
CA PRO C 152 -47.63 -0.10 23.17
C PRO C 152 -46.54 0.85 23.67
N ASP C 153 -46.07 0.55 24.89
CA ASP C 153 -45.00 1.31 25.51
C ASP C 153 -43.68 1.08 24.81
N THR C 154 -43.43 -0.17 24.43
CA THR C 154 -42.16 -0.44 23.74
C THR C 154 -42.44 -0.85 22.29
N THR C 155 -42.00 0.00 21.38
CA THR C 155 -42.38 -0.13 19.98
C THR C 155 -41.52 0.81 19.13
N ILE C 156 -41.78 0.84 17.83
CA ILE C 156 -40.94 1.52 16.88
C ILE C 156 -41.23 2.99 17.10
N MET C 157 -40.19 3.85 16.98
CA MET C 157 -40.30 5.28 17.15
C MET C 157 -39.47 5.99 16.10
N ARG C 158 -40.10 6.36 14.98
CA ARG C 158 -39.40 7.15 13.95
C ARG C 158 -40.19 8.43 13.75
N PRO C 159 -40.04 9.38 14.62
CA PRO C 159 -40.90 10.56 14.51
C PRO C 159 -40.42 11.41 13.38
N THR C 160 -41.41 12.11 12.78
CA THR C 160 -41.13 12.89 11.61
C THR C 160 -40.85 14.34 11.97
N THR C 161 -41.11 14.74 13.22
CA THR C 161 -41.07 16.14 13.60
C THR C 161 -39.78 16.34 14.42
N MET C 162 -39.19 17.54 14.44
CA MET C 162 -38.12 17.91 15.31
C MET C 162 -38.60 17.67 16.77
N TYR C 163 -39.79 18.15 17.07
CA TYR C 163 -40.32 17.98 18.40
C TYR C 163 -40.33 16.55 18.89
N GLY C 164 -40.74 15.64 18.04
CA GLY C 164 -40.68 14.22 18.46
C GLY C 164 -39.26 13.62 18.48
N LEU C 165 -38.37 13.97 17.59
CA LEU C 165 -37.08 13.32 17.68
C LEU C 165 -36.39 13.86 19.00
N THR C 166 -36.56 15.15 19.31
CA THR C 166 -35.94 15.61 20.57
C THR C 166 -36.47 14.88 21.82
N LYS C 167 -37.73 14.52 21.83
CA LYS C 167 -38.29 13.78 22.95
C LYS C 167 -37.88 12.29 23.08
N VAL C 168 -37.32 11.68 22.03
CA VAL C 168 -36.86 10.32 22.05
C VAL C 168 -35.53 10.43 22.69
N HIS C 169 -34.78 11.47 22.29
CA HIS C 169 -33.54 11.70 23.01
C HIS C 169 -33.87 12.03 24.50
N VAL C 170 -34.87 12.89 24.75
CA VAL C 170 -35.28 12.99 26.19
C VAL C 170 -35.43 11.60 26.96
N GLU C 171 -36.28 10.70 26.41
CA GLU C 171 -36.51 9.36 27.03
C GLU C 171 -35.27 8.49 27.14
N LEU C 172 -34.52 8.43 26.04
CA LEU C 172 -33.42 7.56 25.96
C LEU C 172 -32.32 7.97 26.92
N LEU C 173 -32.03 9.29 26.96
CA LEU C 173 -31.06 9.84 27.86
C LEU C 173 -31.52 9.66 29.38
N GLY C 174 -32.82 9.92 29.66
CA GLY C 174 -33.30 9.90 31.07
C GLY C 174 -33.10 8.41 31.48
N GLU C 175 -33.46 7.46 30.58
CA GLU C 175 -33.27 6.03 30.96
C GLU C 175 -31.83 5.67 31.24
N TYR C 176 -30.95 6.21 30.40
CA TYR C 176 -29.56 5.96 30.59
C TYR C 176 -29.03 6.47 31.96
N TYR C 177 -29.29 7.71 32.30
CA TYR C 177 -29.01 8.23 33.60
C TYR C 177 -29.51 7.43 34.83
N TYR C 178 -30.76 6.93 34.74
CA TYR C 178 -31.28 5.93 35.67
C TYR C 178 -30.38 4.66 35.79
N ASN C 179 -30.13 3.98 34.66
CA ASN C 179 -29.44 2.69 34.74
C ASN C 179 -27.99 2.87 35.02
N LYS C 180 -27.47 4.05 34.71
CA LYS C 180 -26.04 4.24 34.79
C LYS C 180 -25.57 4.86 36.12
N PHE C 181 -26.21 5.95 36.55
CA PHE C 181 -25.82 6.78 37.63
C PHE C 181 -26.92 6.81 38.71
N GLY C 182 -27.92 5.95 38.56
CA GLY C 182 -28.98 5.88 39.53
C GLY C 182 -29.72 7.19 39.65
N VAL C 183 -29.86 7.96 38.55
CA VAL C 183 -30.77 9.08 38.67
C VAL C 183 -32.19 8.58 38.54
N ASP C 184 -32.99 8.89 39.54
CA ASP C 184 -34.43 8.65 39.54
C ASP C 184 -35.20 9.55 38.53
N PHE C 185 -35.30 9.01 37.32
CA PHE C 185 -35.82 9.64 36.16
C PHE C 185 -37.17 8.99 35.81
N ARG C 186 -38.15 9.82 35.46
CA ARG C 186 -39.49 9.35 35.11
C ARG C 186 -40.06 10.37 34.15
N SER C 187 -40.73 9.84 33.11
CA SER C 187 -41.65 10.55 32.24
C SER C 187 -42.99 9.79 32.00
N VAL C 188 -43.89 10.63 31.48
CA VAL C 188 -45.09 10.21 30.86
C VAL C 188 -45.10 10.78 29.47
N ARG C 189 -45.68 10.01 28.57
CA ARG C 189 -45.94 10.47 27.19
C ARG C 189 -47.32 11.18 27.14
N TYR C 190 -47.33 12.52 27.24
CA TYR C 190 -48.64 13.16 27.23
C TYR C 190 -49.24 12.91 25.89
N PRO C 191 -50.53 12.53 25.90
CA PRO C 191 -51.36 12.61 24.68
C PRO C 191 -51.70 14.14 24.46
N GLY C 192 -52.44 14.57 23.44
CA GLY C 192 -52.91 15.99 23.36
C GLY C 192 -53.61 16.36 24.65
N VAL C 193 -53.24 17.52 25.22
CA VAL C 193 -53.79 18.04 26.50
C VAL C 193 -54.77 19.26 26.34
N ILE C 194 -55.95 19.13 26.90
CA ILE C 194 -57.01 20.05 26.77
C ILE C 194 -57.16 20.87 28.10
N SER C 195 -57.07 22.18 28.06
CA SER C 195 -57.40 22.98 29.22
C SER C 195 -58.00 24.36 28.92
N SER C 196 -58.70 24.93 29.90
CA SER C 196 -59.40 26.17 29.70
C SER C 196 -58.42 27.33 29.83
N GLU C 197 -57.63 27.28 30.89
CA GLU C 197 -56.82 28.38 31.40
C GLU C 197 -55.78 28.95 30.46
N ALA C 198 -55.30 28.12 29.53
CA ALA C 198 -54.19 28.48 28.65
C ALA C 198 -54.61 28.66 27.21
N LEU C 199 -54.00 29.68 26.60
CA LEU C 199 -54.33 30.08 25.22
C LEU C 199 -53.72 29.10 24.22
N PRO C 200 -54.55 28.46 23.36
CA PRO C 200 -54.04 27.46 22.40
C PRO C 200 -52.99 28.09 21.53
N GLY C 201 -51.86 27.39 21.37
CA GLY C 201 -50.73 27.85 20.57
C GLY C 201 -50.51 27.22 19.17
N GLY C 202 -51.58 27.08 18.39
CA GLY C 202 -51.39 26.50 17.05
C GLY C 202 -50.56 25.19 16.95
N GLY C 203 -50.49 24.43 18.04
CA GLY C 203 -50.03 23.05 17.89
C GLY C 203 -51.03 22.19 17.11
N THR C 204 -50.66 20.93 16.89
CA THR C 204 -51.48 20.01 16.14
C THR C 204 -52.75 19.53 16.86
N THR C 205 -52.69 19.12 18.11
CA THR C 205 -53.91 18.61 18.81
C THR C 205 -54.74 19.74 19.39
N ASP C 206 -54.24 20.96 19.28
CA ASP C 206 -54.84 22.03 19.99
C ASP C 206 -56.06 22.67 19.30
N TYR C 207 -56.47 22.03 18.21
CA TYR C 207 -57.78 22.28 17.63
C TYR C 207 -58.83 22.07 18.65
N ALA C 208 -58.47 21.29 19.65
CA ALA C 208 -59.44 20.82 20.62
C ALA C 208 -59.50 21.74 21.82
N VAL C 209 -58.68 22.80 21.74
CA VAL C 209 -58.86 23.94 22.60
C VAL C 209 -59.57 25.08 21.81
N GLU C 210 -59.11 25.37 20.59
CA GLU C 210 -59.77 26.34 19.68
C GLU C 210 -61.25 26.11 19.55
N ILE C 211 -61.62 24.86 19.25
CA ILE C 211 -63.02 24.49 19.00
C ILE C 211 -63.93 25.18 20.03
N PHE C 212 -63.49 25.26 21.27
CA PHE C 212 -64.35 25.71 22.33
C PHE C 212 -64.51 27.27 22.37
N TYR C 213 -63.47 28.00 22.02
CA TYR C 213 -63.50 29.48 22.09
C TYR C 213 -64.40 29.92 20.97
N GLU C 214 -64.22 29.27 19.83
CA GLU C 214 -65.05 29.54 18.63
C GLU C 214 -66.54 29.16 18.84
N ALA C 215 -66.76 28.07 19.58
CA ALA C 215 -68.07 27.60 19.87
C ALA C 215 -68.77 28.69 20.61
N LEU C 216 -68.15 29.23 21.63
CA LEU C 216 -68.86 30.23 22.45
C LEU C 216 -68.86 31.62 21.84
N LYS C 217 -67.86 31.94 21.01
CA LYS C 217 -67.75 33.32 20.50
C LYS C 217 -68.62 33.47 19.28
N HIS C 218 -68.71 32.38 18.53
CA HIS C 218 -69.28 32.37 17.16
C HIS C 218 -70.38 31.30 16.82
N GLY C 219 -70.53 30.25 17.68
CA GLY C 219 -71.45 29.14 17.37
C GLY C 219 -70.97 28.26 16.22
N LYS C 220 -69.73 28.48 15.77
CA LYS C 220 -69.19 27.81 14.60
C LYS C 220 -67.67 27.73 14.72
N TYR C 221 -67.09 26.69 14.13
CA TYR C 221 -65.63 26.61 14.03
C TYR C 221 -65.12 26.08 12.67
N THR C 222 -63.89 26.44 12.33
CA THR C 222 -63.20 25.81 11.18
C THR C 222 -62.04 24.92 11.73
N CYS C 223 -62.22 23.57 11.74
CA CYS C 223 -61.15 22.62 12.00
C CYS C 223 -60.04 22.49 10.92
N PHE C 224 -58.77 22.62 11.31
CA PHE C 224 -57.60 22.49 10.39
C PHE C 224 -57.18 21.03 10.23
N LEU C 225 -57.85 20.13 10.96
CA LEU C 225 -57.66 18.70 10.75
C LEU C 225 -58.86 18.15 10.03
N ASN C 226 -58.62 17.14 9.19
CA ASN C 226 -59.64 16.27 8.62
C ASN C 226 -60.62 15.85 9.66
N ARG C 227 -61.77 15.50 9.17
CA ARG C 227 -62.90 15.23 9.97
C ARG C 227 -62.70 13.97 10.78
N ASP C 228 -61.86 13.07 10.29
CA ASP C 228 -61.68 11.77 10.95
C ASP C 228 -60.25 11.40 11.45
N ALA C 229 -59.41 12.40 11.66
CA ALA C 229 -58.11 12.29 12.42
C ALA C 229 -58.32 11.96 13.90
N LYS C 230 -58.33 10.67 14.21
CA LYS C 230 -58.37 10.17 15.59
C LYS C 230 -56.99 10.41 16.30
N LEU C 231 -57.06 10.97 17.51
CA LEU C 231 -55.90 11.15 18.40
C LEU C 231 -56.27 10.78 19.79
N PRO C 232 -55.29 10.27 20.54
CA PRO C 232 -55.46 10.24 22.02
C PRO C 232 -55.26 11.68 22.60
N MET C 233 -56.06 11.99 23.64
CA MET C 233 -56.29 13.26 24.24
C MET C 233 -56.63 13.10 25.69
N MET C 234 -56.38 14.15 26.48
CA MET C 234 -56.76 14.11 27.93
C MET C 234 -56.98 15.50 28.49
N TYR C 235 -57.92 15.59 29.45
CA TYR C 235 -58.31 16.84 29.95
C TYR C 235 -57.26 17.08 30.96
N MET C 236 -56.93 18.39 31.16
CA MET C 236 -55.95 18.85 32.12
C MET C 236 -56.06 18.18 33.48
N PRO C 237 -57.25 18.18 34.17
CA PRO C 237 -57.25 17.45 35.49
C PRO C 237 -56.59 16.03 35.51
N ASP C 238 -56.78 15.23 34.45
CA ASP C 238 -56.23 13.87 34.35
C ASP C 238 -54.69 13.93 34.02
N CYS C 239 -54.31 14.91 33.23
CA CYS C 239 -52.93 15.34 33.09
C CYS C 239 -52.14 15.58 34.44
N LEU C 240 -52.78 16.34 35.34
CA LEU C 240 -52.18 16.69 36.57
C LEU C 240 -52.07 15.40 37.31
N LYS C 241 -53.18 14.67 37.35
CA LYS C 241 -53.31 13.51 38.22
C LYS C 241 -52.28 12.44 37.89
N ALA C 242 -52.10 12.22 36.57
CA ALA C 242 -51.07 11.31 36.01
C ALA C 242 -49.68 11.75 36.39
N THR C 243 -49.38 13.06 36.13
CA THR C 243 -48.06 13.66 36.51
C THR C 243 -47.82 13.38 38.00
N MET C 244 -48.63 13.92 38.84
CA MET C 244 -48.58 13.56 40.23
C MET C 244 -48.55 12.05 40.59
N GLY C 245 -49.46 11.21 40.02
CA GLY C 245 -49.44 9.75 40.22
C GLY C 245 -48.03 9.20 39.95
N LEU C 246 -47.39 9.54 38.78
CA LEU C 246 -46.09 8.89 38.41
C LEU C 246 -45.01 9.39 39.43
N ILE C 247 -44.99 10.70 39.71
CA ILE C 247 -44.09 11.37 40.64
C ILE C 247 -44.14 10.74 42.05
N ASN C 248 -45.33 10.65 42.66
CA ASN C 248 -45.38 9.99 44.00
C ASN C 248 -45.27 8.48 43.96
N ALA C 249 -45.26 7.80 42.83
CA ALA C 249 -45.26 6.34 43.02
C ALA C 249 -43.96 5.81 43.71
N PRO C 250 -44.06 4.66 44.45
CA PRO C 250 -42.81 4.13 45.03
C PRO C 250 -41.99 3.53 43.86
N ASN C 251 -40.69 3.87 43.77
CA ASN C 251 -39.81 3.45 42.67
C ASN C 251 -39.82 1.95 42.44
N ASP C 252 -39.95 1.18 43.56
CA ASP C 252 -39.89 -0.30 43.56
C ASP C 252 -41.07 -0.90 42.79
N CYS C 253 -42.06 -0.06 42.45
CA CYS C 253 -43.17 -0.54 41.64
C CYS C 253 -43.03 -0.19 40.14
N LEU C 254 -42.04 0.59 39.80
CA LEU C 254 -41.93 0.96 38.39
C LEU C 254 -41.20 -0.04 37.58
N SER C 255 -41.91 -0.74 36.70
CA SER C 255 -41.27 -1.68 35.73
C SER C 255 -40.62 -0.92 34.59
N GLN C 256 -40.94 0.37 34.41
CA GLN C 256 -40.22 1.15 33.38
C GLN C 256 -40.15 2.61 33.80
N ARG C 257 -39.40 3.42 33.05
CA ARG C 257 -39.19 4.87 33.35
C ARG C 257 -40.15 5.88 32.61
N THR C 258 -40.39 5.63 31.33
CA THR C 258 -41.43 6.34 30.61
C THR C 258 -42.77 5.60 30.48
N TYR C 259 -43.91 6.29 30.68
CA TYR C 259 -45.20 5.61 30.58
C TYR C 259 -46.13 6.29 29.60
N ASN C 260 -46.64 5.55 28.61
CA ASN C 260 -47.89 5.93 27.89
C ASN C 260 -48.99 6.22 28.89
N ILE C 261 -49.63 7.36 28.70
CA ILE C 261 -50.86 7.66 29.36
C ILE C 261 -52.00 8.21 28.41
N THR C 262 -53.14 7.60 28.46
CA THR C 262 -54.28 8.15 27.74
C THR C 262 -55.47 8.29 28.71
N ALA C 263 -56.54 8.84 28.19
CA ALA C 263 -57.78 8.97 28.93
C ALA C 263 -58.80 8.50 27.89
N VAL C 264 -58.98 9.26 26.81
CA VAL C 264 -59.76 8.82 25.73
C VAL C 264 -59.01 9.07 24.40
N SER C 265 -59.66 8.71 23.26
CA SER C 265 -59.22 9.01 21.91
C SER C 265 -60.48 9.46 21.12
N PHE C 266 -60.37 10.51 20.32
CA PHE C 266 -61.43 10.99 19.45
C PHE C 266 -61.02 11.83 18.20
N THR C 267 -61.96 11.83 17.27
CA THR C 267 -61.94 12.63 16.08
C THR C 267 -62.63 14.00 16.22
N PRO C 268 -62.34 14.87 15.25
CA PRO C 268 -62.97 16.18 15.36
C PRO C 268 -64.49 16.09 15.21
N GLU C 269 -65.02 15.28 14.27
CA GLU C 269 -66.48 15.18 14.22
C GLU C 269 -67.06 14.64 15.54
N GLU C 270 -66.34 13.69 16.18
CA GLU C 270 -66.65 13.18 17.54
C GLU C 270 -66.69 14.27 18.65
N ILE C 271 -65.65 15.09 18.78
CA ILE C 271 -65.76 16.29 19.67
C ILE C 271 -66.80 17.27 19.24
N VAL C 272 -66.94 17.49 17.91
CA VAL C 272 -67.98 18.42 17.40
C VAL C 272 -69.35 17.96 17.90
N ALA C 273 -69.61 16.63 17.74
CA ALA C 273 -70.77 16.03 18.18
C ALA C 273 -71.00 16.16 19.69
N SER C 274 -69.93 16.15 20.48
CA SER C 274 -70.10 16.15 21.95
C SER C 274 -70.63 17.51 22.36
N ILE C 275 -69.96 18.55 21.85
CA ILE C 275 -70.34 19.98 22.03
C ILE C 275 -71.81 20.17 21.68
N GLN C 276 -72.19 19.65 20.53
CA GLN C 276 -73.56 19.92 20.10
C GLN C 276 -74.68 19.18 20.88
N LYS C 277 -74.27 18.59 22.00
CA LYS C 277 -75.09 17.87 22.96
C LYS C 277 -75.50 18.83 24.07
N VAL C 278 -74.72 19.91 24.22
CA VAL C 278 -74.97 21.01 25.13
C VAL C 278 -75.30 22.24 24.29
N MET C 279 -74.60 22.47 23.18
CA MET C 279 -74.79 23.65 22.34
C MET C 279 -75.27 23.15 20.98
N PRO C 280 -76.57 22.81 20.88
CA PRO C 280 -76.95 22.06 19.70
C PRO C 280 -76.80 22.87 18.44
N SER C 281 -76.92 24.20 18.54
CA SER C 281 -76.65 25.17 17.43
C SER C 281 -75.25 25.07 16.81
N PHE C 282 -74.33 24.36 17.48
CA PHE C 282 -72.91 24.42 17.09
C PHE C 282 -72.60 23.72 15.75
N GLN C 283 -71.83 24.40 14.89
CA GLN C 283 -71.55 23.87 13.57
C GLN C 283 -70.06 23.84 13.36
N CYS C 284 -69.59 22.99 12.45
CA CYS C 284 -68.18 22.86 12.20
C CYS C 284 -67.78 22.69 10.76
N ASP C 285 -66.69 23.31 10.38
CA ASP C 285 -66.16 23.23 8.98
C ASP C 285 -64.86 22.48 9.07
N TYR C 286 -64.36 22.01 7.94
CA TYR C 286 -63.06 21.39 7.93
C TYR C 286 -62.31 21.93 6.72
N LYS C 287 -61.20 22.64 6.98
CA LYS C 287 -60.22 23.11 6.01
C LYS C 287 -58.83 22.61 6.48
N PRO C 288 -58.38 21.43 6.01
CA PRO C 288 -57.10 20.79 6.50
C PRO C 288 -55.86 21.49 6.02
N ASP C 289 -54.87 21.64 6.88
CA ASP C 289 -53.57 22.10 6.40
C ASP C 289 -52.45 21.12 6.81
N PHE C 290 -51.20 21.60 6.82
CA PHE C 290 -49.99 20.79 7.15
C PHE C 290 -50.14 19.93 8.41
N ARG C 291 -50.68 20.49 9.49
CA ARG C 291 -50.94 19.76 10.75
C ARG C 291 -51.65 18.42 10.56
N GLN C 292 -52.41 18.25 9.48
CA GLN C 292 -53.01 16.95 9.12
C GLN C 292 -51.97 15.87 8.85
N GLN C 293 -50.92 16.22 8.09
CA GLN C 293 -49.88 15.28 7.81
C GLN C 293 -48.95 15.00 9.00
N ILE C 294 -48.95 15.93 9.97
CA ILE C 294 -48.40 15.69 11.27
C ILE C 294 -49.28 14.61 11.95
N ALA C 295 -50.56 14.95 12.13
CA ALA C 295 -51.55 14.10 12.90
C ALA C 295 -51.58 12.66 12.40
N GLU C 296 -51.51 12.50 11.08
CA GLU C 296 -51.45 11.20 10.35
C GLU C 296 -50.23 10.33 10.76
N THR C 297 -49.17 10.96 11.29
CA THR C 297 -48.03 10.19 11.74
C THR C 297 -48.07 9.82 13.23
N TRP C 298 -49.15 10.21 13.92
CA TRP C 298 -49.33 9.88 15.38
C TRP C 298 -50.28 8.72 15.77
N PRO C 299 -50.20 8.20 17.00
CA PRO C 299 -51.18 7.17 17.33
C PRO C 299 -52.59 7.65 17.22
N ARG C 300 -53.50 6.72 16.97
CA ARG C 300 -54.95 6.98 17.05
C ARG C 300 -55.40 6.74 18.46
N SER C 301 -54.74 5.78 19.12
CA SER C 301 -55.00 5.44 20.52
C SER C 301 -53.77 4.87 21.18
N ILE C 302 -53.61 5.18 22.46
CA ILE C 302 -52.44 4.64 23.19
C ILE C 302 -52.82 3.57 24.24
N ASP C 303 -51.95 2.55 24.36
CA ASP C 303 -52.12 1.51 25.34
C ASP C 303 -51.24 1.84 26.55
N ASP C 304 -51.88 2.18 27.65
CA ASP C 304 -51.27 2.65 28.92
C ASP C 304 -51.51 1.64 30.14
N SER C 305 -51.72 0.36 29.79
CA SER C 305 -52.00 -0.71 30.76
C SER C 305 -50.81 -1.04 31.66
N ILE C 306 -49.58 -0.99 31.13
CA ILE C 306 -48.35 -1.00 32.02
C ILE C 306 -48.41 0.04 33.19
N ALA C 307 -48.75 1.29 32.91
CA ALA C 307 -48.97 2.28 33.98
C ALA C 307 -50.16 1.98 34.87
N ARG C 308 -51.28 1.51 34.28
CA ARG C 308 -52.51 1.24 35.04
C ARG C 308 -52.21 0.09 36.00
N LYS C 309 -51.44 -0.89 35.54
CA LYS C 309 -50.87 -1.87 36.41
C LYS C 309 -49.85 -1.38 37.40
N ASP C 310 -48.64 -1.06 36.95
CA ASP C 310 -47.57 -0.55 37.88
C ASP C 310 -48.02 0.48 38.87
N TRP C 311 -48.71 1.55 38.46
CA TRP C 311 -48.89 2.62 39.45
C TRP C 311 -50.25 3.14 39.59
N ASN C 312 -51.23 2.35 39.14
CA ASN C 312 -52.67 2.57 39.36
C ASN C 312 -53.15 3.80 38.70
N TRP C 313 -52.60 4.07 37.52
CA TRP C 313 -53.13 5.11 36.67
C TRP C 313 -54.56 4.87 36.27
N GLN C 314 -55.39 5.90 36.38
CA GLN C 314 -56.84 5.79 36.09
C GLN C 314 -57.37 7.22 35.79
N HIS C 315 -57.66 7.54 34.51
CA HIS C 315 -58.34 8.84 34.15
C HIS C 315 -59.82 8.95 34.71
N ASP C 316 -60.29 10.17 34.98
CA ASP C 316 -61.67 10.43 35.49
C ASP C 316 -62.59 11.04 34.42
N PHE C 317 -61.97 11.69 33.39
CA PHE C 317 -62.67 12.47 32.33
C PHE C 317 -62.69 11.75 30.97
N ASP C 318 -63.89 11.26 30.61
CA ASP C 318 -64.29 10.94 29.19
C ASP C 318 -64.64 12.25 28.45
N LEU C 319 -64.76 12.17 27.12
CA LEU C 319 -65.15 13.30 26.25
C LEU C 319 -66.34 14.19 26.66
N ASP C 320 -67.49 13.60 26.93
CA ASP C 320 -68.70 14.40 27.08
C ASP C 320 -68.53 15.32 28.27
N SER C 321 -67.87 14.82 29.33
CA SER C 321 -67.76 15.55 30.60
C SER C 321 -66.60 16.50 30.57
N MET C 322 -65.54 16.19 29.84
CA MET C 322 -64.57 17.23 29.63
C MET C 322 -65.20 18.33 28.71
N VAL C 323 -66.01 17.93 27.73
CA VAL C 323 -66.72 18.93 26.92
C VAL C 323 -67.67 19.83 27.71
N GLU C 324 -68.52 19.22 28.56
CA GLU C 324 -69.39 19.97 29.48
C GLU C 324 -68.57 20.93 30.35
N ASP C 325 -67.45 20.43 30.93
CA ASP C 325 -66.58 21.24 31.79
C ASP C 325 -65.82 22.41 31.09
N MET C 326 -65.24 22.17 29.90
CA MET C 326 -64.60 23.22 29.15
C MET C 326 -65.59 24.32 28.81
N LEU C 327 -66.77 23.93 28.37
CA LEU C 327 -67.77 24.89 27.98
C LEU C 327 -68.18 25.74 29.20
N VAL C 328 -68.49 25.08 30.36
CA VAL C 328 -68.86 25.85 31.54
C VAL C 328 -67.73 26.86 31.76
N LYS C 329 -66.54 26.35 32.09
CA LYS C 329 -65.36 27.15 32.45
C LYS C 329 -64.95 28.30 31.46
N LEU C 330 -65.12 28.06 30.17
CA LEU C 330 -64.83 29.04 29.13
C LEU C 330 -66.00 29.98 28.96
N ASP C 331 -67.20 29.58 29.36
CA ASP C 331 -68.32 30.53 29.38
C ASP C 331 -67.96 31.60 30.44
N ALA C 332 -67.43 31.08 31.55
CA ALA C 332 -66.96 31.85 32.69
C ALA C 332 -66.02 33.05 32.34
N LYS C 333 -64.90 32.81 31.63
CA LYS C 333 -64.11 33.90 31.00
C LYS C 333 -64.89 34.40 29.76
N LEU C 334 -64.50 35.54 29.20
CA LEU C 334 -65.14 36.08 27.97
C LEU C 334 -66.52 36.64 28.30
N SER D 25 44.64 -48.59 -36.64
CA SER D 25 45.63 -47.84 -37.49
C SER D 25 45.48 -46.29 -37.66
N ARG D 26 44.55 -45.66 -36.97
CA ARG D 26 44.46 -44.20 -37.05
C ARG D 26 44.50 -43.41 -35.69
N ILE D 27 45.10 -42.23 -35.67
CA ILE D 27 45.14 -41.40 -34.50
C ILE D 27 44.30 -40.09 -34.64
N LEU D 28 43.42 -39.86 -33.65
CA LEU D 28 42.55 -38.71 -33.68
C LEU D 28 43.12 -37.70 -32.73
N VAL D 29 43.57 -36.57 -33.25
CA VAL D 29 43.81 -35.48 -32.34
C VAL D 29 42.58 -34.51 -32.13
N THR D 30 42.20 -34.31 -30.88
CA THR D 30 41.30 -33.25 -30.59
C THR D 30 42.05 -32.02 -30.13
N GLY D 31 41.48 -30.81 -30.29
CA GLY D 31 42.14 -29.54 -29.94
C GLY D 31 43.33 -29.41 -30.85
N GLY D 32 43.22 -29.98 -32.05
CA GLY D 32 44.34 -30.03 -32.97
C GLY D 32 44.95 -28.69 -33.46
N THR D 33 44.26 -27.59 -33.23
CA THR D 33 44.53 -26.35 -33.93
C THR D 33 45.18 -25.35 -32.98
N GLY D 34 45.31 -25.75 -31.71
CA GLY D 34 45.86 -24.89 -30.66
C GLY D 34 47.37 -24.71 -30.81
N GLN D 35 48.01 -24.08 -29.81
CA GLN D 35 49.46 -23.94 -29.76
C GLN D 35 50.30 -25.28 -29.96
N ILE D 36 49.96 -26.31 -29.17
CA ILE D 36 50.72 -27.54 -29.21
C ILE D 36 50.41 -28.28 -30.48
N GLY D 37 49.11 -28.53 -30.71
CA GLY D 37 48.55 -29.29 -31.88
C GLY D 37 48.97 -28.80 -33.25
N MET D 38 49.02 -27.46 -33.39
CA MET D 38 49.48 -26.80 -34.62
C MET D 38 50.89 -27.25 -35.06
N GLU D 39 51.70 -27.73 -34.11
CA GLU D 39 53.00 -28.40 -34.40
C GLU D 39 53.00 -29.93 -34.11
N LEU D 40 52.21 -30.37 -33.12
CA LEU D 40 52.17 -31.79 -32.79
C LEU D 40 51.68 -32.61 -33.98
N VAL D 41 50.57 -32.15 -34.62
CA VAL D 41 49.92 -32.85 -35.73
C VAL D 41 50.91 -33.02 -36.94
N PRO D 42 51.55 -31.91 -37.43
CA PRO D 42 52.55 -32.14 -38.48
C PRO D 42 53.70 -33.09 -38.13
N TYR D 43 54.04 -33.21 -36.87
CA TYR D 43 55.14 -34.07 -36.44
C TYR D 43 54.74 -35.55 -36.37
N MET D 44 53.62 -35.86 -35.72
CA MET D 44 52.98 -37.16 -35.89
C MET D 44 52.71 -37.55 -37.37
N ARG D 45 52.39 -36.61 -38.24
CA ARG D 45 52.16 -36.95 -39.63
C ARG D 45 53.51 -37.36 -40.31
N GLN D 46 54.58 -36.60 -40.02
CA GLN D 46 55.95 -36.94 -40.32
C GLN D 46 56.26 -38.38 -39.95
N LEU D 47 56.05 -38.75 -38.67
CA LEU D 47 56.35 -40.07 -38.13
C LEU D 47 55.47 -41.22 -38.65
N PHE D 48 54.22 -40.94 -39.01
CA PHE D 48 53.28 -42.05 -39.17
C PHE D 48 52.54 -42.10 -40.50
N GLY D 49 52.78 -41.09 -41.35
CA GLY D 49 51.99 -40.94 -42.57
C GLY D 49 50.88 -39.90 -42.36
N ALA D 50 50.81 -38.98 -43.33
CA ALA D 50 49.86 -37.86 -43.36
C ALA D 50 48.46 -38.38 -42.99
N ASP D 51 48.17 -39.54 -43.58
CA ASP D 51 46.85 -40.04 -43.62
C ASP D 51 46.46 -40.76 -42.31
N THR D 52 47.46 -41.16 -41.51
CA THR D 52 47.17 -41.85 -40.26
C THR D 52 46.75 -40.93 -39.04
N ILE D 53 46.88 -39.60 -39.23
CA ILE D 53 46.56 -38.62 -38.20
C ILE D 53 45.33 -37.85 -38.66
N VAL D 54 44.25 -37.93 -37.84
CA VAL D 54 43.01 -37.20 -38.00
C VAL D 54 43.04 -35.99 -37.08
N ASN D 55 43.19 -34.82 -37.65
CA ASN D 55 43.22 -33.60 -36.91
C ASN D 55 41.77 -32.96 -36.81
N SER D 56 41.41 -32.53 -35.61
CA SER D 56 40.04 -32.05 -35.32
C SER D 56 40.01 -30.88 -34.34
N ASP D 57 39.04 -29.98 -34.47
CA ASP D 57 38.98 -28.86 -33.57
C ASP D 57 37.60 -28.27 -33.80
N ILE D 58 37.41 -27.07 -33.31
CA ILE D 58 36.14 -26.44 -33.43
C ILE D 58 36.45 -25.27 -34.28
N LYS D 59 37.75 -25.04 -34.54
CA LYS D 59 38.26 -24.04 -35.57
C LYS D 59 39.29 -24.71 -36.52
N ALA D 60 39.30 -24.28 -37.79
CA ALA D 60 40.04 -24.89 -38.84
C ALA D 60 41.48 -24.46 -38.62
N PRO D 61 42.46 -25.21 -39.16
CA PRO D 61 43.82 -24.64 -39.25
C PRO D 61 43.90 -23.22 -39.86
N GLY D 62 44.89 -22.44 -39.38
CA GLY D 62 45.27 -21.13 -39.98
C GLY D 62 45.37 -21.17 -41.52
N ARG D 66 47.01 -25.07 -44.57
CA ARG D 66 46.41 -26.22 -45.28
C ARG D 66 45.90 -27.32 -44.34
N ASP D 67 46.44 -28.55 -44.46
CA ASP D 67 46.07 -29.78 -43.67
C ASP D 67 45.54 -31.02 -44.47
N GLY D 68 44.27 -30.93 -44.93
CA GLY D 68 43.64 -31.88 -45.89
C GLY D 68 43.14 -33.22 -45.37
N ASN D 69 42.85 -33.25 -44.04
CA ASN D 69 42.35 -34.43 -43.34
C ASN D 69 41.87 -33.98 -41.95
N PHE D 70 40.99 -32.98 -42.02
CA PHE D 70 40.60 -32.21 -40.86
C PHE D 70 39.16 -32.49 -40.58
N VAL D 71 38.84 -32.69 -39.28
CA VAL D 71 37.42 -32.70 -38.97
C VAL D 71 37.04 -31.82 -37.83
N TYR D 72 35.79 -31.43 -37.86
CA TYR D 72 35.21 -30.66 -36.79
C TYR D 72 34.93 -31.67 -35.74
N CYS D 73 35.39 -31.37 -34.55
CA CYS D 73 34.95 -32.18 -33.44
C CYS D 73 34.89 -31.31 -32.17
N ASP D 74 33.70 -31.16 -31.60
CA ASP D 74 33.53 -30.58 -30.23
C ASP D 74 33.49 -31.70 -29.27
N VAL D 75 34.52 -31.76 -28.44
CA VAL D 75 34.74 -32.86 -27.48
C VAL D 75 33.62 -32.91 -26.40
N GLN D 76 32.72 -31.92 -26.39
CA GLN D 76 31.52 -32.01 -25.49
C GLN D 76 30.42 -32.92 -26.10
N ASP D 77 30.54 -33.17 -27.40
CA ASP D 77 29.52 -33.85 -28.15
C ASP D 77 30.12 -35.31 -28.30
N ARG D 78 29.80 -36.15 -27.31
CA ARG D 78 30.23 -37.57 -27.33
C ARG D 78 29.87 -38.39 -28.65
N ASP D 79 28.66 -38.18 -29.14
CA ASP D 79 28.20 -38.90 -30.35
C ASP D 79 28.98 -38.54 -31.61
N SER D 80 29.33 -37.27 -31.75
CA SER D 80 30.07 -36.78 -32.88
C SER D 80 31.50 -37.45 -32.85
N MET D 81 32.00 -37.56 -31.66
CA MET D 81 33.26 -38.26 -31.46
C MET D 81 33.20 -39.81 -31.71
N ALA D 82 32.13 -40.47 -31.22
CA ALA D 82 31.91 -41.89 -31.62
C ALA D 82 31.94 -41.99 -33.22
N ARG D 83 31.31 -41.00 -33.88
CA ARG D 83 31.20 -41.02 -35.32
C ARG D 83 32.60 -40.98 -35.95
N ILE D 84 33.37 -39.94 -35.63
CA ILE D 84 34.77 -39.90 -36.07
C ILE D 84 35.61 -41.20 -35.76
N VAL D 85 35.46 -41.68 -34.54
CA VAL D 85 36.28 -42.84 -34.16
C VAL D 85 36.04 -44.01 -35.08
N THR D 86 34.76 -44.25 -35.34
CA THR D 86 34.38 -45.45 -36.06
C THR D 86 34.58 -45.29 -37.57
N GLU D 87 34.24 -44.12 -38.14
CA GLU D 87 34.33 -43.98 -39.58
C GLU D 87 35.77 -43.99 -40.05
N GLN D 88 36.67 -43.46 -39.18
CA GLN D 88 38.06 -43.23 -39.46
C GLN D 88 38.98 -44.35 -38.98
N GLY D 89 38.50 -45.40 -38.28
CA GLY D 89 39.41 -46.56 -37.87
C GLY D 89 40.45 -46.09 -36.81
N VAL D 90 39.98 -45.30 -35.80
CA VAL D 90 40.82 -44.69 -34.77
C VAL D 90 41.10 -45.75 -33.70
N ASP D 91 42.37 -45.93 -33.35
CA ASP D 91 42.71 -46.73 -32.14
C ASP D 91 43.33 -45.88 -31.01
N THR D 92 43.62 -44.59 -31.23
CA THR D 92 44.27 -43.66 -30.27
C THR D 92 43.71 -42.22 -30.39
N ILE D 93 43.38 -41.65 -29.23
CA ILE D 93 42.91 -40.30 -29.13
C ILE D 93 44.04 -39.49 -28.47
N VAL D 94 44.52 -38.47 -29.20
CA VAL D 94 45.50 -37.50 -28.61
C VAL D 94 44.67 -36.28 -28.32
N HIS D 95 44.19 -36.24 -27.07
CA HIS D 95 43.19 -35.27 -26.63
C HIS D 95 43.86 -33.99 -26.18
N MET D 96 44.02 -33.02 -27.06
CA MET D 96 44.63 -31.75 -26.70
C MET D 96 43.53 -30.81 -26.36
N ALA D 97 42.25 -31.14 -26.57
CA ALA D 97 41.32 -30.03 -26.55
C ALA D 97 41.17 -29.56 -25.08
N SER D 98 41.29 -28.24 -24.86
CA SER D 98 41.11 -27.68 -23.58
C SER D 98 40.76 -26.23 -23.67
N LEU D 99 40.10 -25.73 -22.65
CA LEU D 99 40.14 -24.27 -22.40
C LEU D 99 41.29 -24.10 -21.38
N LEU D 100 42.05 -23.01 -21.49
CA LEU D 100 43.30 -22.79 -20.68
C LEU D 100 43.11 -21.81 -19.45
N SER D 101 44.20 -21.45 -18.78
CA SER D 101 44.13 -20.72 -17.51
C SER D 101 43.31 -19.46 -17.59
N ALA D 102 43.48 -18.68 -18.65
CA ALA D 102 42.89 -17.33 -18.75
C ALA D 102 41.41 -17.38 -18.94
N VAL D 103 40.96 -18.04 -20.00
CA VAL D 103 39.51 -18.23 -20.24
C VAL D 103 38.87 -18.93 -19.00
N GLY D 104 39.64 -19.85 -18.33
CA GLY D 104 39.20 -20.53 -17.10
C GLY D 104 38.85 -19.53 -15.98
N GLU D 105 39.78 -18.57 -15.78
CA GLU D 105 39.55 -17.49 -14.83
C GLU D 105 38.42 -16.59 -15.35
N ALA D 106 38.43 -16.31 -16.68
CA ALA D 106 37.46 -15.34 -17.27
C ALA D 106 36.01 -15.85 -17.27
N ASN D 107 35.84 -17.15 -17.40
CA ASN D 107 34.54 -17.76 -17.69
C ASN D 107 34.50 -19.14 -16.97
N PRO D 108 33.78 -19.21 -15.84
CA PRO D 108 34.04 -20.34 -14.93
C PRO D 108 33.61 -21.71 -15.50
N SER D 109 32.39 -21.74 -15.98
CA SER D 109 31.61 -22.98 -16.14
C SER D 109 31.86 -23.58 -17.53
N LEU D 110 32.29 -22.73 -18.45
CA LEU D 110 32.55 -23.16 -19.79
C LEU D 110 33.83 -23.96 -19.77
N ALA D 111 34.86 -23.45 -19.15
CA ALA D 111 36.10 -24.18 -18.93
C ALA D 111 35.87 -25.50 -18.19
N LEU D 112 35.08 -25.43 -17.12
CA LEU D 112 34.73 -26.62 -16.34
C LEU D 112 34.16 -27.62 -17.27
N SER D 113 33.15 -27.16 -18.05
CA SER D 113 32.39 -27.98 -18.98
C SER D 113 33.24 -28.57 -20.19
N VAL D 114 34.11 -27.77 -20.78
CA VAL D 114 34.85 -28.27 -21.94
C VAL D 114 35.85 -29.26 -21.39
N ASN D 115 36.46 -28.96 -20.24
CA ASN D 115 37.62 -29.70 -19.83
C ASN D 115 37.23 -30.99 -19.12
N THR D 116 36.10 -30.98 -18.37
CA THR D 116 35.74 -32.20 -17.69
C THR D 116 34.95 -33.07 -18.62
N ARG D 117 34.03 -32.47 -19.36
CA ARG D 117 33.19 -33.22 -20.29
C ARG D 117 34.09 -33.75 -21.45
N GLY D 118 35.14 -33.02 -21.82
CA GLY D 118 36.02 -33.55 -22.83
C GLY D 118 36.67 -34.84 -22.30
N ILE D 119 37.18 -34.84 -21.04
CA ILE D 119 38.00 -36.02 -20.69
C ILE D 119 37.03 -37.20 -20.48
N GLN D 120 35.83 -36.93 -20.03
CA GLN D 120 34.87 -37.93 -19.68
C GLN D 120 34.31 -38.52 -20.91
N ASN D 121 33.99 -37.74 -21.91
CA ASN D 121 33.62 -38.30 -23.18
C ASN D 121 34.75 -39.13 -23.75
N VAL D 122 35.97 -38.55 -23.88
CA VAL D 122 37.16 -39.23 -24.39
C VAL D 122 37.38 -40.58 -23.68
N LEU D 123 37.26 -40.64 -22.36
CA LEU D 123 37.61 -41.87 -21.63
C LEU D 123 36.48 -42.93 -21.78
N GLU D 124 35.25 -42.43 -21.84
CA GLU D 124 34.14 -43.30 -21.91
C GLU D 124 34.19 -44.02 -23.29
N LEU D 125 34.49 -43.23 -24.33
CA LEU D 125 34.81 -43.73 -25.69
C LEU D 125 35.99 -44.70 -25.75
N ALA D 126 37.15 -44.34 -25.22
CA ALA D 126 38.21 -45.38 -25.11
C ALA D 126 37.82 -46.79 -24.55
N LYS D 127 36.98 -46.84 -23.49
CA LYS D 127 36.55 -48.09 -22.89
C LYS D 127 35.62 -48.87 -23.85
N GLN D 128 34.73 -48.12 -24.50
CA GLN D 128 33.77 -48.66 -25.46
C GLN D 128 34.49 -49.30 -26.68
N TYR D 129 35.41 -48.60 -27.30
CA TYR D 129 35.97 -48.97 -28.58
C TYR D 129 37.36 -49.48 -28.38
N GLN D 130 37.79 -49.60 -27.12
CA GLN D 130 39.22 -49.90 -26.75
C GLN D 130 40.22 -48.93 -27.31
N LEU D 131 40.06 -47.65 -27.01
CA LEU D 131 41.11 -46.80 -27.53
C LEU D 131 42.29 -46.65 -26.52
N ARG D 132 43.49 -46.33 -26.98
CA ARG D 132 44.39 -45.75 -25.97
C ARG D 132 44.23 -44.22 -26.00
N VAL D 133 44.53 -43.54 -24.91
CA VAL D 133 44.47 -42.10 -24.88
C VAL D 133 45.68 -41.39 -24.27
N PHE D 134 46.09 -40.28 -24.92
CA PHE D 134 46.98 -39.38 -24.32
C PHE D 134 46.22 -38.12 -24.01
N ALA D 135 46.38 -37.59 -22.81
CA ALA D 135 45.94 -36.22 -22.54
C ALA D 135 46.94 -35.53 -21.61
N PRO D 136 47.27 -34.27 -21.99
CA PRO D 136 48.34 -33.71 -21.21
C PRO D 136 47.72 -33.01 -19.99
N SER D 137 48.55 -32.95 -18.94
CA SER D 137 48.22 -32.16 -17.81
C SER D 137 49.11 -30.93 -17.90
N THR D 138 49.53 -30.43 -16.72
CA THR D 138 50.00 -29.09 -16.59
C THR D 138 50.66 -28.97 -15.21
N ILE D 139 51.64 -28.07 -15.10
CA ILE D 139 52.14 -27.69 -13.78
C ILE D 139 51.08 -26.98 -12.88
N ALA D 140 50.02 -26.42 -13.47
CA ALA D 140 48.93 -25.77 -12.78
C ALA D 140 48.11 -26.64 -11.84
N VAL D 141 48.41 -27.95 -11.84
CA VAL D 141 47.73 -28.85 -10.93
C VAL D 141 48.26 -28.66 -9.49
N PHE D 142 49.42 -28.03 -9.41
CA PHE D 142 50.09 -27.71 -8.18
C PHE D 142 49.58 -26.42 -7.51
N GLY D 143 49.45 -26.45 -6.17
CA GLY D 143 49.11 -25.27 -5.35
C GLY D 143 50.17 -24.66 -4.40
N PRO D 144 49.73 -23.66 -3.57
CA PRO D 144 50.66 -23.00 -2.61
C PRO D 144 51.21 -23.99 -1.60
N SER D 145 50.43 -24.97 -1.17
CA SER D 145 50.92 -26.03 -0.23
C SER D 145 51.68 -27.18 -0.87
N THR D 146 51.95 -27.10 -2.17
CA THR D 146 52.71 -28.12 -2.90
C THR D 146 54.16 -27.72 -2.81
N PRO D 147 55.06 -28.68 -2.46
CA PRO D 147 56.45 -28.17 -2.38
C PRO D 147 56.87 -27.69 -3.75
N GLN D 148 57.56 -26.56 -3.64
CA GLN D 148 57.72 -25.46 -4.55
C GLN D 148 59.04 -25.75 -5.42
N ASP D 149 59.96 -26.57 -4.89
CA ASP D 149 61.25 -26.84 -5.56
C ASP D 149 61.38 -28.28 -5.85
N GLU D 150 61.81 -28.64 -7.07
CA GLU D 150 61.95 -30.07 -7.44
C GLU D 150 60.66 -30.84 -7.07
N THR D 151 59.54 -30.19 -7.39
CA THR D 151 58.22 -30.77 -7.15
C THR D 151 58.09 -32.22 -7.69
N PRO D 152 57.84 -33.24 -6.79
CA PRO D 152 57.72 -34.65 -7.28
C PRO D 152 56.37 -34.99 -8.00
N ASP D 153 56.31 -36.21 -8.57
CA ASP D 153 55.19 -36.77 -9.36
C ASP D 153 54.01 -37.10 -8.49
N THR D 154 54.28 -37.64 -7.31
CA THR D 154 53.19 -37.74 -6.33
C THR D 154 53.35 -36.80 -5.14
N THR D 155 52.50 -35.79 -5.16
CA THR D 155 52.65 -34.77 -4.13
C THR D 155 51.28 -34.14 -3.83
N ILE D 156 51.26 -33.13 -2.99
CA ILE D 156 49.99 -32.42 -2.71
C ILE D 156 49.54 -31.66 -3.99
N MET D 157 48.24 -31.71 -4.32
CA MET D 157 47.66 -30.98 -5.43
C MET D 157 46.43 -30.16 -5.02
N ARG D 158 46.60 -28.84 -4.91
CA ARG D 158 45.49 -28.01 -4.47
C ARG D 158 45.50 -26.73 -5.27
N PRO D 159 45.05 -26.81 -6.50
CA PRO D 159 45.22 -25.72 -7.46
C PRO D 159 44.30 -24.59 -7.19
N THR D 160 44.75 -23.39 -7.57
CA THR D 160 43.91 -22.20 -7.32
C THR D 160 43.05 -21.80 -8.54
N THR D 161 43.29 -22.42 -9.70
CA THR D 161 42.65 -21.97 -10.94
C THR D 161 41.72 -23.10 -11.31
N MET D 162 40.60 -22.77 -12.00
CA MET D 162 39.63 -23.67 -12.59
C MET D 162 40.40 -24.60 -13.49
N TYR D 163 41.18 -24.01 -14.37
CA TYR D 163 42.06 -24.82 -15.22
C TYR D 163 42.85 -25.87 -14.44
N GLY D 164 43.51 -25.43 -13.40
CA GLY D 164 44.18 -26.48 -12.62
C GLY D 164 43.29 -27.57 -12.02
N LEU D 165 42.19 -27.18 -11.43
CA LEU D 165 41.42 -28.23 -10.80
C LEU D 165 40.87 -29.16 -11.87
N THR D 166 40.47 -28.67 -13.04
CA THR D 166 39.98 -29.62 -14.13
C THR D 166 41.04 -30.53 -14.61
N LYS D 167 42.25 -30.04 -14.57
CA LYS D 167 43.37 -30.94 -14.86
C LYS D 167 43.62 -32.07 -13.86
N VAL D 168 43.21 -31.89 -12.59
CA VAL D 168 43.48 -32.94 -11.57
C VAL D 168 42.53 -34.10 -11.83
N HIS D 169 41.31 -33.70 -12.16
CA HIS D 169 40.29 -34.64 -12.52
C HIS D 169 40.76 -35.45 -13.76
N VAL D 170 41.43 -34.82 -14.73
CA VAL D 170 41.85 -35.52 -15.89
C VAL D 170 42.66 -36.71 -15.48
N GLU D 171 43.71 -36.37 -14.74
CA GLU D 171 44.67 -37.30 -14.17
C GLU D 171 43.98 -38.43 -13.42
N LEU D 172 43.28 -38.06 -12.34
CA LEU D 172 42.68 -39.06 -11.54
C LEU D 172 41.70 -39.85 -12.38
N LEU D 173 40.88 -39.23 -13.25
CA LEU D 173 39.94 -40.01 -14.06
C LEU D 173 40.67 -40.92 -15.07
N GLY D 174 41.79 -40.47 -15.64
CA GLY D 174 42.56 -41.24 -16.68
C GLY D 174 43.20 -42.43 -15.92
N GLU D 175 43.78 -42.18 -14.73
CA GLU D 175 44.42 -43.31 -13.89
C GLU D 175 43.36 -44.35 -13.59
N TYR D 176 42.16 -43.87 -13.28
CA TYR D 176 41.10 -44.81 -12.87
C TYR D 176 40.64 -45.61 -14.09
N TYR D 177 40.61 -45.01 -15.26
CA TYR D 177 40.19 -45.74 -16.44
C TYR D 177 41.27 -46.78 -16.79
N TYR D 178 42.50 -46.47 -16.44
CA TYR D 178 43.60 -47.38 -16.59
C TYR D 178 43.39 -48.59 -15.69
N ASN D 179 43.06 -48.30 -14.43
CA ASN D 179 43.05 -49.32 -13.38
C ASN D 179 41.83 -50.18 -13.38
N LYS D 180 40.74 -49.62 -13.86
CA LYS D 180 39.46 -50.28 -13.77
C LYS D 180 39.13 -51.05 -15.06
N PHE D 181 39.51 -50.51 -16.22
CA PHE D 181 39.19 -51.06 -17.52
C PHE D 181 40.39 -51.27 -18.34
N GLY D 182 41.58 -50.95 -17.86
CA GLY D 182 42.72 -51.20 -18.73
C GLY D 182 42.69 -50.29 -19.95
N VAL D 183 42.01 -49.14 -19.86
CA VAL D 183 42.21 -48.20 -20.90
C VAL D 183 43.65 -47.71 -20.83
N ASP D 184 44.48 -47.99 -21.84
CA ASP D 184 45.79 -47.44 -21.82
C ASP D 184 45.78 -45.92 -21.79
N PHE D 185 45.84 -45.35 -20.62
CA PHE D 185 45.72 -43.90 -20.53
C PHE D 185 47.06 -43.24 -20.16
N ARG D 186 47.50 -42.22 -20.86
CA ARG D 186 48.83 -41.73 -20.49
C ARG D 186 48.79 -40.28 -20.46
N SER D 187 49.71 -39.70 -19.72
CA SER D 187 49.74 -38.20 -19.67
C SER D 187 51.11 -37.63 -19.22
N VAL D 188 51.30 -36.37 -19.58
CA VAL D 188 52.45 -35.61 -19.24
C VAL D 188 51.94 -34.25 -18.70
N ARG D 189 52.52 -33.84 -17.55
CA ARG D 189 52.34 -32.44 -17.02
C ARG D 189 53.28 -31.51 -17.79
N TYR D 190 52.77 -30.76 -18.76
CA TYR D 190 53.62 -29.73 -19.39
C TYR D 190 53.98 -28.54 -18.42
N PRO D 191 55.26 -28.11 -18.44
CA PRO D 191 55.65 -26.82 -17.95
C PRO D 191 55.13 -25.73 -18.97
N GLY D 192 55.39 -24.41 -18.75
CA GLY D 192 55.22 -23.44 -19.80
C GLY D 192 55.87 -23.90 -21.11
N VAL D 193 55.13 -23.75 -22.24
CA VAL D 193 55.69 -24.18 -23.50
C VAL D 193 56.02 -23.04 -24.37
N ILE D 194 57.28 -22.89 -24.78
CA ILE D 194 57.63 -21.79 -25.73
C ILE D 194 57.64 -22.30 -27.20
N SER D 195 56.84 -21.65 -28.06
CA SER D 195 56.73 -21.98 -29.48
C SER D 195 56.91 -20.76 -30.39
N SER D 196 57.49 -21.03 -31.55
CA SER D 196 57.79 -19.97 -32.51
C SER D 196 56.52 -19.67 -33.31
N GLU D 197 55.58 -20.63 -33.33
CA GLU D 197 54.49 -20.64 -34.31
C GLU D 197 53.10 -20.16 -33.89
N ALA D 198 52.64 -20.47 -32.68
CA ALA D 198 51.33 -19.93 -32.22
C ALA D 198 51.53 -18.66 -31.47
N LEU D 199 50.66 -17.72 -31.83
CA LEU D 199 50.61 -16.38 -31.27
C LEU D 199 50.19 -16.48 -29.79
N PRO D 200 50.76 -15.65 -28.88
CA PRO D 200 50.44 -15.88 -27.44
C PRO D 200 48.95 -15.67 -27.14
N GLY D 201 48.40 -16.50 -26.25
CA GLY D 201 46.97 -16.43 -25.87
C GLY D 201 46.67 -15.81 -24.49
N GLY D 202 47.56 -14.96 -24.01
CA GLY D 202 47.29 -14.20 -22.80
C GLY D 202 47.38 -14.96 -21.49
N GLY D 203 47.99 -16.17 -21.55
CA GLY D 203 48.27 -16.99 -20.35
C GLY D 203 49.48 -16.53 -19.56
N THR D 204 49.81 -17.27 -18.51
CA THR D 204 50.71 -16.81 -17.49
C THR D 204 52.18 -17.05 -17.90
N THR D 205 52.49 -18.27 -18.35
CA THR D 205 53.79 -18.57 -18.92
C THR D 205 54.08 -17.85 -20.27
N ASP D 206 53.06 -17.21 -20.86
CA ASP D 206 53.17 -16.62 -22.21
C ASP D 206 54.04 -15.35 -22.31
N TYR D 207 54.39 -14.76 -21.16
CA TYR D 207 55.44 -13.72 -21.13
C TYR D 207 56.66 -14.31 -21.84
N ALA D 208 56.87 -15.65 -21.72
CA ALA D 208 58.01 -16.25 -22.40
C ALA D 208 57.87 -16.38 -23.95
N VAL D 209 56.70 -16.06 -24.49
CA VAL D 209 56.55 -15.98 -25.97
C VAL D 209 56.45 -14.54 -26.46
N GLU D 210 55.68 -13.70 -25.76
CA GLU D 210 55.49 -12.26 -26.09
C GLU D 210 56.85 -11.52 -26.19
N ILE D 211 57.67 -11.78 -25.16
CA ILE D 211 58.97 -11.20 -25.01
C ILE D 211 59.68 -11.16 -26.33
N PHE D 212 59.68 -12.25 -27.10
CA PHE D 212 60.54 -12.40 -28.26
C PHE D 212 60.05 -11.58 -29.41
N TYR D 213 58.70 -11.50 -29.52
CA TYR D 213 58.02 -10.61 -30.46
C TYR D 213 58.46 -9.16 -30.20
N GLU D 214 58.10 -8.67 -29.02
CA GLU D 214 58.51 -7.35 -28.56
C GLU D 214 60.03 -7.11 -28.73
N ALA D 215 60.87 -8.12 -28.39
CA ALA D 215 62.31 -8.03 -28.63
C ALA D 215 62.60 -7.70 -30.09
N LEU D 216 61.99 -8.46 -30.99
CA LEU D 216 62.11 -8.17 -32.42
C LEU D 216 61.38 -6.87 -32.94
N LYS D 217 60.20 -6.57 -32.44
CA LYS D 217 59.46 -5.41 -32.96
C LYS D 217 60.00 -4.06 -32.44
N HIS D 218 60.18 -4.00 -31.11
CA HIS D 218 60.46 -2.74 -30.44
C HIS D 218 61.83 -2.71 -29.73
N GLY D 219 62.53 -3.84 -29.74
CA GLY D 219 63.72 -4.05 -28.91
C GLY D 219 63.48 -3.82 -27.41
N LYS D 220 62.26 -4.10 -26.90
CA LYS D 220 61.88 -3.85 -25.48
C LYS D 220 60.54 -4.47 -25.05
N TYR D 221 60.52 -4.92 -23.82
CA TYR D 221 59.36 -5.59 -23.31
C TYR D 221 58.95 -5.00 -21.95
N THR D 222 57.66 -4.95 -21.66
CA THR D 222 57.18 -4.85 -20.28
C THR D 222 56.60 -6.25 -19.85
N CYS D 223 57.21 -6.83 -18.83
CA CYS D 223 56.82 -8.17 -18.41
C CYS D 223 55.79 -8.08 -17.31
N PHE D 224 54.85 -9.00 -17.29
CA PHE D 224 53.77 -8.91 -16.31
C PHE D 224 53.99 -9.86 -15.16
N LEU D 225 55.13 -10.53 -15.14
CA LEU D 225 55.52 -11.23 -13.90
C LEU D 225 56.62 -10.47 -13.09
N ASN D 226 56.65 -10.60 -11.75
CA ASN D 226 57.83 -10.16 -11.01
C ASN D 226 59.06 -10.64 -11.77
N ARG D 227 59.98 -9.72 -12.06
CA ARG D 227 61.42 -9.98 -12.38
C ARG D 227 62.03 -11.36 -12.06
N ASP D 228 61.63 -11.89 -10.90
CA ASP D 228 62.18 -13.02 -10.21
C ASP D 228 61.23 -14.16 -10.01
N ALA D 229 60.09 -14.17 -10.69
CA ALA D 229 59.19 -15.38 -10.66
C ALA D 229 59.80 -16.52 -11.47
N LYS D 230 60.46 -17.46 -10.78
CA LYS D 230 61.02 -18.65 -11.40
C LYS D 230 59.89 -19.61 -11.79
N LEU D 231 59.97 -20.14 -13.02
CA LEU D 231 59.03 -21.16 -13.51
C LEU D 231 59.75 -22.18 -14.37
N PRO D 232 59.21 -23.43 -14.44
CA PRO D 232 59.62 -24.46 -15.44
C PRO D 232 59.01 -24.13 -16.78
N MET D 233 59.82 -24.31 -17.82
CA MET D 233 59.45 -23.91 -19.14
C MET D 233 60.10 -24.91 -20.06
N MET D 234 59.63 -25.04 -21.31
CA MET D 234 60.39 -25.94 -22.19
C MET D 234 60.05 -25.57 -23.51
N TYR D 235 61.04 -25.75 -24.39
CA TYR D 235 60.94 -25.28 -25.76
C TYR D 235 60.11 -26.28 -26.50
N MET D 236 59.30 -25.83 -27.45
CA MET D 236 58.41 -26.73 -28.28
C MET D 236 58.98 -28.11 -28.75
N PRO D 237 60.21 -28.18 -29.36
CA PRO D 237 60.62 -29.52 -29.89
C PRO D 237 60.72 -30.53 -28.76
N ASP D 238 61.25 -30.13 -27.62
CA ASP D 238 61.28 -31.02 -26.45
C ASP D 238 59.90 -31.47 -25.95
N CYS D 239 58.96 -30.54 -25.97
CA CYS D 239 57.56 -30.85 -25.80
C CYS D 239 57.06 -31.89 -26.81
N LEU D 240 57.52 -31.78 -28.06
CA LEU D 240 57.07 -32.76 -29.04
C LEU D 240 57.70 -34.12 -28.74
N LYS D 241 59.04 -34.09 -28.54
CA LYS D 241 59.87 -35.24 -28.10
C LYS D 241 59.32 -35.93 -26.88
N ALA D 242 58.97 -35.15 -25.85
CA ALA D 242 58.41 -35.78 -24.65
C ALA D 242 57.09 -36.39 -24.95
N THR D 243 56.20 -35.66 -25.70
CA THR D 243 54.87 -36.15 -25.96
C THR D 243 54.98 -37.55 -26.61
N MET D 244 55.69 -37.61 -27.73
CA MET D 244 55.93 -38.84 -28.46
C MET D 244 56.66 -39.91 -27.71
N GLY D 245 57.66 -39.54 -26.89
CA GLY D 245 58.48 -40.47 -26.10
C GLY D 245 57.56 -41.28 -25.22
N LEU D 246 56.70 -40.57 -24.44
CA LEU D 246 55.74 -41.35 -23.55
C LEU D 246 54.67 -42.13 -24.35
N ILE D 247 54.03 -41.50 -25.36
CA ILE D 247 53.08 -42.19 -26.32
C ILE D 247 53.73 -43.47 -26.88
N ASN D 248 54.91 -43.39 -27.51
CA ASN D 248 55.64 -44.63 -27.88
C ASN D 248 56.35 -45.52 -26.80
N ALA D 249 56.41 -45.11 -25.54
CA ALA D 249 57.08 -45.96 -24.61
C ALA D 249 56.33 -47.31 -24.55
N PRO D 250 57.06 -48.46 -24.55
CA PRO D 250 56.25 -49.69 -24.38
C PRO D 250 55.60 -49.63 -23.00
N ASN D 251 54.34 -50.05 -22.91
CA ASN D 251 53.60 -49.97 -21.65
C ASN D 251 54.25 -50.60 -20.40
N ASP D 252 55.02 -51.69 -20.57
CA ASP D 252 55.62 -52.44 -19.46
C ASP D 252 56.65 -51.63 -18.60
N CYS D 253 57.15 -50.49 -19.11
CA CYS D 253 58.21 -49.69 -18.41
C CYS D 253 57.64 -48.54 -17.58
N LEU D 254 56.35 -48.42 -17.56
CA LEU D 254 55.71 -47.23 -16.93
C LEU D 254 55.41 -47.49 -15.43
N SER D 255 56.20 -46.95 -14.54
CA SER D 255 55.85 -47.07 -13.11
C SER D 255 54.52 -46.30 -12.79
N GLN D 256 54.14 -45.38 -13.70
CA GLN D 256 52.95 -44.52 -13.44
C GLN D 256 52.36 -44.13 -14.78
N ARG D 257 51.26 -43.33 -14.74
CA ARG D 257 50.41 -42.96 -15.88
C ARG D 257 50.58 -41.52 -16.36
N THR D 258 50.74 -40.59 -15.43
CA THR D 258 51.16 -39.21 -15.61
C THR D 258 52.64 -38.93 -15.17
N TYR D 259 53.41 -38.17 -15.99
CA TYR D 259 54.78 -37.77 -15.71
C TYR D 259 54.97 -36.28 -15.77
N ASN D 260 55.63 -35.75 -14.74
CA ASN D 260 56.21 -34.40 -14.74
C ASN D 260 57.23 -34.48 -15.82
N ILE D 261 57.35 -33.41 -16.57
CA ILE D 261 58.51 -33.22 -17.46
C ILE D 261 59.11 -31.80 -17.44
N THR D 262 60.42 -31.72 -17.47
CA THR D 262 60.98 -30.39 -17.55
C THR D 262 62.15 -30.41 -18.51
N ALA D 263 62.60 -29.18 -18.79
CA ALA D 263 63.73 -28.85 -19.59
C ALA D 263 64.51 -27.91 -18.68
N VAL D 264 64.04 -26.66 -18.49
CA VAL D 264 64.75 -25.69 -17.65
C VAL D 264 63.78 -25.00 -16.70
N SER D 265 64.30 -24.26 -15.69
CA SER D 265 63.47 -23.23 -15.00
C SER D 265 64.15 -21.90 -15.14
N PHE D 266 63.37 -20.84 -15.39
CA PHE D 266 63.97 -19.52 -15.37
C PHE D 266 63.04 -18.40 -14.87
N THR D 267 63.63 -17.25 -14.61
CA THR D 267 62.92 -16.07 -14.19
C THR D 267 62.85 -15.13 -15.38
N PRO D 268 61.88 -14.22 -15.36
CA PRO D 268 61.95 -13.35 -16.52
C PRO D 268 63.34 -12.67 -16.56
N GLU D 269 63.90 -12.27 -15.41
CA GLU D 269 65.27 -11.65 -15.51
C GLU D 269 66.37 -12.48 -16.16
N GLU D 270 66.27 -13.80 -16.11
CA GLU D 270 67.23 -14.58 -16.81
C GLU D 270 67.01 -14.63 -18.32
N ILE D 271 65.75 -14.66 -18.75
CA ILE D 271 65.47 -14.84 -20.17
C ILE D 271 65.79 -13.51 -20.80
N VAL D 272 65.47 -12.42 -20.07
CA VAL D 272 65.96 -11.06 -20.53
C VAL D 272 67.46 -11.06 -20.85
N ALA D 273 68.26 -11.44 -19.84
CA ALA D 273 69.71 -11.50 -19.89
C ALA D 273 70.15 -12.50 -20.97
N SER D 274 69.45 -13.68 -21.05
CA SER D 274 69.70 -14.62 -22.13
C SER D 274 69.54 -13.95 -23.56
N ILE D 275 68.41 -13.25 -23.75
CA ILE D 275 68.17 -12.50 -25.02
C ILE D 275 69.25 -11.49 -25.30
N GLN D 276 69.65 -10.72 -24.28
CA GLN D 276 70.70 -9.68 -24.54
C GLN D 276 72.10 -10.29 -24.92
N LYS D 277 72.33 -11.58 -24.61
CA LYS D 277 73.48 -12.31 -25.21
C LYS D 277 73.51 -12.30 -26.75
N VAL D 278 72.35 -12.41 -27.36
CA VAL D 278 72.24 -12.21 -28.78
C VAL D 278 71.91 -10.77 -29.18
N MET D 279 71.02 -10.09 -28.45
CA MET D 279 70.56 -8.79 -28.89
C MET D 279 70.80 -7.85 -27.69
N PRO D 280 72.07 -7.37 -27.53
CA PRO D 280 72.51 -6.73 -26.27
C PRO D 280 71.74 -5.48 -25.98
N SER D 281 71.26 -4.77 -27.00
CA SER D 281 70.52 -3.52 -26.75
C SER D 281 69.08 -3.67 -26.20
N PHE D 282 68.61 -4.90 -26.06
CA PHE D 282 67.23 -5.18 -25.67
C PHE D 282 67.07 -4.76 -24.20
N GLN D 283 65.94 -4.15 -23.85
CA GLN D 283 65.58 -3.73 -22.50
C GLN D 283 64.35 -4.47 -21.97
N CYS D 284 64.04 -4.36 -20.68
CA CYS D 284 62.82 -4.95 -20.12
C CYS D 284 62.35 -4.26 -18.81
N ASP D 285 61.15 -3.66 -18.87
CA ASP D 285 60.32 -3.12 -17.76
C ASP D 285 59.67 -4.31 -16.98
N TYR D 286 59.08 -4.01 -15.83
CA TYR D 286 58.29 -5.00 -15.09
C TYR D 286 57.07 -4.32 -14.53
N LYS D 287 55.90 -4.73 -14.99
CA LYS D 287 54.63 -4.25 -14.45
C LYS D 287 53.69 -5.44 -14.12
N PRO D 288 53.85 -6.08 -12.91
CA PRO D 288 52.92 -7.18 -12.49
C PRO D 288 51.44 -6.88 -12.70
N ASP D 289 50.69 -7.89 -13.13
CA ASP D 289 49.24 -7.87 -13.02
C ASP D 289 48.76 -9.15 -12.24
N PHE D 290 47.47 -9.53 -12.30
CA PHE D 290 46.94 -10.79 -11.67
C PHE D 290 47.70 -12.09 -11.97
N ARG D 291 48.44 -12.12 -13.07
CA ARG D 291 49.11 -13.30 -13.48
C ARG D 291 50.25 -13.69 -12.51
N GLN D 292 50.78 -12.69 -11.80
CA GLN D 292 51.82 -12.98 -10.85
C GLN D 292 51.27 -13.88 -9.77
N GLN D 293 50.07 -13.53 -9.29
CA GLN D 293 49.41 -14.20 -8.20
C GLN D 293 49.20 -15.69 -8.53
N ILE D 294 48.84 -15.97 -9.80
CA ILE D 294 48.76 -17.34 -10.34
C ILE D 294 50.16 -18.02 -10.32
N ALA D 295 51.15 -17.40 -10.99
CA ALA D 295 52.53 -17.93 -11.04
C ALA D 295 53.10 -18.28 -9.65
N GLU D 296 52.75 -17.51 -8.61
CA GLU D 296 53.31 -17.70 -7.30
C GLU D 296 52.81 -19.01 -6.74
N THR D 297 51.66 -19.50 -7.22
CA THR D 297 51.05 -20.74 -6.72
C THR D 297 51.62 -21.95 -7.46
N TRP D 298 52.44 -21.73 -8.48
CA TRP D 298 52.93 -22.87 -9.29
C TRP D 298 54.40 -23.23 -8.95
N PRO D 299 54.82 -24.46 -9.31
CA PRO D 299 56.25 -24.83 -9.06
C PRO D 299 57.26 -23.85 -9.66
N ARG D 300 58.40 -23.73 -8.99
CA ARG D 300 59.52 -23.06 -9.54
C ARG D 300 60.34 -24.06 -10.40
N SER D 301 60.37 -25.34 -10.02
CA SER D 301 61.15 -26.38 -10.73
C SER D 301 60.43 -27.66 -10.49
N ILE D 302 60.48 -28.53 -11.49
CA ILE D 302 59.82 -29.85 -11.37
C ILE D 302 60.83 -31.01 -11.44
N ASP D 303 60.70 -31.93 -10.50
CA ASP D 303 61.43 -33.18 -10.51
C ASP D 303 60.72 -34.14 -11.50
N ASP D 304 61.39 -34.33 -12.64
CA ASP D 304 61.01 -35.35 -13.62
C ASP D 304 61.95 -36.57 -13.69
N SER D 305 62.70 -36.89 -12.61
CA SER D 305 63.52 -38.16 -12.53
C SER D 305 62.74 -39.42 -12.99
N ILE D 306 61.52 -39.57 -12.44
CA ILE D 306 60.71 -40.71 -12.82
C ILE D 306 60.50 -40.80 -14.33
N ALA D 307 60.48 -39.70 -15.10
CA ALA D 307 60.39 -39.94 -16.55
C ALA D 307 61.79 -40.28 -17.10
N ARG D 308 62.80 -39.75 -16.44
CA ARG D 308 64.18 -39.99 -16.88
C ARG D 308 64.47 -41.47 -16.84
N LYS D 309 64.06 -42.16 -15.78
CA LYS D 309 64.35 -43.58 -15.52
C LYS D 309 63.45 -44.53 -16.32
N ASP D 310 62.13 -44.40 -16.16
CA ASP D 310 61.12 -45.26 -16.84
C ASP D 310 61.26 -45.20 -18.33
N TRP D 311 61.12 -44.02 -18.95
CA TRP D 311 61.10 -43.95 -20.43
C TRP D 311 62.20 -43.10 -21.07
N ASN D 312 63.31 -42.93 -20.35
CA ASN D 312 64.53 -42.27 -20.88
C ASN D 312 64.36 -40.82 -21.33
N TRP D 313 63.42 -40.13 -20.68
CA TRP D 313 63.05 -38.77 -21.04
C TRP D 313 64.32 -37.96 -20.99
N GLN D 314 64.60 -37.16 -22.04
CA GLN D 314 65.78 -36.32 -22.03
C GLN D 314 65.59 -35.06 -22.90
N HIS D 315 65.57 -33.89 -22.25
CA HIS D 315 65.38 -32.60 -23.01
C HIS D 315 66.68 -32.22 -23.74
N ASP D 316 66.52 -31.40 -24.77
CA ASP D 316 67.64 -31.09 -25.66
C ASP D 316 68.05 -29.61 -25.58
N PHE D 317 67.11 -28.72 -25.22
CA PHE D 317 67.33 -27.28 -25.36
C PHE D 317 67.47 -26.64 -24.03
N ASP D 318 68.50 -25.86 -23.89
CA ASP D 318 68.75 -25.15 -22.64
C ASP D 318 68.15 -23.73 -22.85
N LEU D 319 68.41 -22.84 -21.89
CA LEU D 319 67.78 -21.51 -21.99
C LEU D 319 68.31 -20.88 -23.25
N ASP D 320 69.62 -20.87 -23.37
CA ASP D 320 70.26 -20.08 -24.43
C ASP D 320 69.93 -20.51 -25.86
N SER D 321 70.00 -21.80 -26.14
CA SER D 321 69.64 -22.32 -27.45
C SER D 321 68.18 -22.09 -27.84
N MET D 322 67.31 -22.15 -26.85
CA MET D 322 65.92 -21.90 -27.20
C MET D 322 65.83 -20.42 -27.57
N VAL D 323 66.59 -19.59 -26.87
CA VAL D 323 66.51 -18.15 -27.08
C VAL D 323 67.00 -17.84 -28.46
N GLU D 324 68.11 -18.46 -28.86
CA GLU D 324 68.71 -18.23 -30.20
C GLU D 324 67.83 -18.73 -31.35
N ASP D 325 67.31 -19.95 -31.23
CA ASP D 325 66.42 -20.54 -32.22
C ASP D 325 65.11 -19.73 -32.34
N MET D 326 64.52 -19.29 -31.21
CA MET D 326 63.30 -18.49 -31.27
C MET D 326 63.55 -17.20 -32.04
N LEU D 327 64.68 -16.57 -31.70
CA LEU D 327 65.12 -15.33 -32.34
C LEU D 327 65.30 -15.51 -33.86
N VAL D 328 65.98 -16.56 -34.35
CA VAL D 328 66.08 -16.72 -35.80
C VAL D 328 64.69 -16.99 -36.44
N LYS D 329 63.81 -17.70 -35.75
CA LYS D 329 62.59 -18.09 -36.39
C LYS D 329 61.63 -16.92 -36.60
N LEU D 330 61.35 -16.16 -35.54
CA LEU D 330 60.46 -14.99 -35.60
C LEU D 330 61.02 -13.78 -36.38
N ASP D 331 62.34 -13.69 -36.47
CA ASP D 331 62.98 -12.71 -37.33
C ASP D 331 62.79 -13.14 -38.79
N ALA D 332 62.70 -14.44 -39.04
CA ALA D 332 62.19 -14.96 -40.30
C ALA D 332 60.67 -14.65 -40.46
N LYS D 333 59.83 -15.01 -39.47
CA LYS D 333 58.37 -14.76 -39.54
C LYS D 333 58.04 -13.22 -39.57
N LEU D 334 58.37 -12.58 -40.70
CA LEU D 334 58.07 -11.16 -41.10
C LEU D 334 58.59 -10.88 -42.54
N SER E 25 -17.10 19.64 -6.49
CA SER E 25 -16.48 18.32 -6.18
C SER E 25 -15.34 18.50 -5.20
N ARG E 26 -15.43 17.71 -4.14
CA ARG E 26 -14.46 17.58 -3.04
C ARG E 26 -15.22 16.98 -1.80
N ILE E 27 -14.64 16.00 -1.15
CA ILE E 27 -15.35 15.27 -0.11
C ILE E 27 -14.57 15.48 1.21
N LEU E 28 -15.25 16.02 2.25
CA LEU E 28 -14.74 16.15 3.61
C LEU E 28 -15.06 14.93 4.44
N VAL E 29 -14.03 14.27 4.93
CA VAL E 29 -14.23 13.22 5.94
C VAL E 29 -13.90 13.71 7.40
N THR E 30 -14.85 13.56 8.30
CA THR E 30 -14.52 13.87 9.67
C THR E 30 -14.16 12.54 10.39
N GLY E 31 -13.26 12.57 11.43
CA GLY E 31 -12.81 11.31 12.08
C GLY E 31 -12.03 10.41 11.11
N GLY E 32 -11.30 10.95 10.13
CA GLY E 32 -10.74 10.10 9.07
C GLY E 32 -9.50 9.32 9.51
N THR E 33 -9.15 9.51 10.79
CA THR E 33 -7.79 9.05 11.26
C THR E 33 -8.02 7.84 12.19
N GLY E 34 -9.29 7.49 12.47
CA GLY E 34 -9.58 6.32 13.27
C GLY E 34 -9.43 5.01 12.49
N GLN E 35 -10.02 3.93 13.06
CA GLN E 35 -10.00 2.58 12.49
C GLN E 35 -10.55 2.57 11.03
N ILE E 36 -11.81 3.03 10.87
CA ILE E 36 -12.51 2.96 9.59
C ILE E 36 -11.93 4.00 8.69
N GLY E 37 -11.75 5.22 9.22
CA GLY E 37 -11.17 6.30 8.46
C GLY E 37 -9.84 6.08 7.67
N MET E 38 -8.83 5.65 8.39
CA MET E 38 -7.53 5.41 7.81
C MET E 38 -7.57 4.41 6.66
N GLU E 39 -8.60 3.56 6.57
CA GLU E 39 -8.72 2.68 5.32
C GLU E 39 -9.78 3.23 4.36
N LEU E 40 -10.85 3.87 4.86
CA LEU E 40 -11.80 4.57 3.95
C LEU E 40 -11.15 5.72 3.19
N VAL E 41 -10.21 6.46 3.84
CA VAL E 41 -9.67 7.65 3.21
C VAL E 41 -8.85 7.15 1.93
N PRO E 42 -7.88 6.24 2.11
CA PRO E 42 -7.08 5.85 0.90
C PRO E 42 -7.93 5.20 -0.22
N TYR E 43 -8.95 4.42 0.16
CA TYR E 43 -9.93 3.83 -0.78
C TYR E 43 -10.71 4.89 -1.59
N MET E 44 -11.17 5.95 -0.92
CA MET E 44 -11.81 7.08 -1.60
C MET E 44 -10.81 7.77 -2.42
N ARG E 45 -9.57 7.80 -1.99
CA ARG E 45 -8.58 8.44 -2.86
C ARG E 45 -8.35 7.71 -4.15
N GLN E 46 -8.27 6.37 -4.09
CA GLN E 46 -8.13 5.51 -5.29
C GLN E 46 -9.37 5.66 -6.13
N LEU E 47 -10.58 5.70 -5.53
CA LEU E 47 -11.80 5.86 -6.35
C LEU E 47 -12.00 7.24 -7.03
N PHE E 48 -11.58 8.35 -6.37
CA PHE E 48 -11.91 9.68 -6.82
C PHE E 48 -10.74 10.64 -7.13
N GLY E 49 -9.49 10.24 -6.83
CA GLY E 49 -8.37 11.19 -6.92
C GLY E 49 -7.96 11.64 -5.52
N ALA E 50 -6.63 11.65 -5.32
CA ALA E 50 -6.01 11.88 -4.04
C ALA E 50 -6.54 13.19 -3.59
N ASP E 51 -6.58 14.13 -4.56
CA ASP E 51 -6.89 15.53 -4.32
C ASP E 51 -8.37 15.80 -3.99
N THR E 52 -9.26 14.86 -4.33
CA THR E 52 -10.68 15.07 -4.09
C THR E 52 -11.07 14.90 -2.64
N ILE E 53 -10.21 14.26 -1.81
CA ILE E 53 -10.60 13.87 -0.45
C ILE E 53 -9.82 14.69 0.57
N VAL E 54 -10.58 15.49 1.31
CA VAL E 54 -10.07 16.24 2.44
C VAL E 54 -10.19 15.35 3.69
N ASN E 55 -9.08 14.91 4.23
CA ASN E 55 -9.08 13.99 5.35
C ASN E 55 -8.99 14.99 6.49
N SER E 56 -9.85 14.86 7.47
CA SER E 56 -9.66 15.63 8.63
C SER E 56 -9.88 14.85 9.97
N ASP E 57 -9.27 15.33 11.05
CA ASP E 57 -9.50 14.75 12.39
C ASP E 57 -8.98 15.70 13.44
N ILE E 58 -8.99 15.31 14.72
CA ILE E 58 -8.28 15.97 15.79
C ILE E 58 -6.90 15.34 16.10
N LYS E 59 -6.56 14.18 15.53
CA LYS E 59 -5.20 13.52 15.60
C LYS E 59 -4.70 13.64 14.18
N ALA E 60 -3.40 13.73 13.93
CA ALA E 60 -2.88 13.48 12.57
C ALA E 60 -2.84 11.95 12.25
N PRO E 61 -2.64 11.58 10.97
CA PRO E 61 -2.51 10.11 10.71
C PRO E 61 -1.18 9.56 11.26
N GLY E 62 -1.26 8.41 11.94
CA GLY E 62 -0.07 7.67 12.46
C GLY E 62 0.78 6.99 11.37
N ASP E 67 0.41 12.30 3.61
CA ASP E 67 -1.04 12.43 3.34
C ASP E 67 -1.35 13.32 2.18
N GLY E 68 -1.10 14.61 2.32
CA GLY E 68 -1.35 15.52 1.23
C GLY E 68 -2.40 16.56 1.50
N ASN E 69 -3.54 16.12 1.95
CA ASN E 69 -4.64 16.98 2.31
C ASN E 69 -5.29 16.56 3.60
N PHE E 70 -4.57 16.76 4.67
CA PHE E 70 -5.05 16.54 6.05
C PHE E 70 -5.40 17.89 6.71
N VAL E 71 -6.54 18.00 7.33
CA VAL E 71 -6.81 19.20 8.08
C VAL E 71 -7.41 18.88 9.48
N TYR E 72 -7.29 19.84 10.38
CA TYR E 72 -7.64 19.63 11.78
C TYR E 72 -9.07 20.00 11.83
N CYS E 73 -9.91 19.09 12.23
CA CYS E 73 -11.26 19.51 12.32
C CYS E 73 -11.89 18.85 13.51
N ASP E 74 -12.28 19.63 14.48
CA ASP E 74 -13.06 19.22 15.66
C ASP E 74 -14.41 19.64 15.28
N VAL E 75 -15.21 18.61 15.17
CA VAL E 75 -16.56 18.60 14.66
C VAL E 75 -17.60 19.26 15.64
N GLN E 76 -17.15 19.58 16.84
CA GLN E 76 -17.97 20.41 17.75
C GLN E 76 -17.73 21.94 17.52
N ASP E 77 -16.74 22.23 16.67
CA ASP E 77 -16.53 23.61 16.29
C ASP E 77 -17.15 23.93 14.89
N ARG E 78 -18.41 24.33 14.94
CA ARG E 78 -19.18 24.43 13.71
C ARG E 78 -18.50 25.28 12.62
N ASP E 79 -18.17 26.49 13.01
CA ASP E 79 -17.71 27.37 12.02
C ASP E 79 -16.25 27.10 11.56
N SER E 80 -15.45 26.30 12.29
CA SER E 80 -14.17 25.75 11.65
C SER E 80 -14.51 24.80 10.45
N MET E 81 -15.51 23.96 10.62
CA MET E 81 -16.08 23.23 9.50
C MET E 81 -16.67 24.05 8.31
N ALA E 82 -17.37 25.13 8.62
CA ALA E 82 -17.75 26.16 7.64
C ALA E 82 -16.49 26.60 6.87
N ARG E 83 -15.38 26.94 7.56
CA ARG E 83 -14.16 27.38 6.90
C ARG E 83 -13.68 26.32 5.90
N ILE E 84 -13.37 25.10 6.42
CA ILE E 84 -12.96 23.92 5.62
C ILE E 84 -13.87 23.69 4.35
N VAL E 85 -15.20 23.64 4.59
CA VAL E 85 -16.15 23.35 3.51
C VAL E 85 -16.04 24.38 2.36
N THR E 86 -16.03 25.64 2.76
CA THR E 86 -16.06 26.81 1.91
C THR E 86 -14.75 26.88 1.17
N GLU E 87 -13.59 26.78 1.84
CA GLU E 87 -12.31 26.98 1.16
C GLU E 87 -11.90 25.80 0.23
N GLN E 88 -12.39 24.60 0.55
CA GLN E 88 -11.97 23.37 -0.12
C GLN E 88 -12.99 22.85 -1.13
N GLY E 89 -14.10 23.57 -1.40
CA GLY E 89 -15.10 23.14 -2.42
C GLY E 89 -15.75 21.81 -2.03
N VAL E 90 -16.03 21.63 -0.77
CA VAL E 90 -16.64 20.43 -0.32
C VAL E 90 -18.07 20.36 -0.82
N ASP E 91 -18.56 19.17 -1.26
CA ASP E 91 -20.05 19.09 -1.54
C ASP E 91 -20.75 17.98 -0.74
N THR E 92 -19.97 17.30 0.12
CA THR E 92 -20.34 16.00 0.73
C THR E 92 -19.45 15.89 1.99
N ILE E 93 -20.03 15.65 3.17
CA ILE E 93 -19.28 15.31 4.35
C ILE E 93 -19.46 13.82 4.64
N VAL E 94 -18.37 13.07 4.82
CA VAL E 94 -18.41 11.65 5.23
C VAL E 94 -17.99 11.77 6.68
N HIS E 95 -18.98 11.77 7.57
CA HIS E 95 -18.85 12.19 8.97
C HIS E 95 -18.56 10.96 9.78
N MET E 96 -17.29 10.62 9.87
CA MET E 96 -16.91 9.42 10.70
C MET E 96 -16.65 9.76 12.19
N ALA E 97 -16.39 11.03 12.54
CA ALA E 97 -16.08 11.45 13.93
C ALA E 97 -17.14 10.98 14.91
N SER E 98 -16.63 10.52 16.06
CA SER E 98 -17.38 9.93 17.17
C SER E 98 -16.40 9.52 18.25
N LEU E 99 -16.91 9.53 19.46
CA LEU E 99 -16.38 8.69 20.55
C LEU E 99 -17.10 7.29 20.54
N LEU E 100 -16.39 6.17 20.80
CA LEU E 100 -17.01 4.79 20.69
C LEU E 100 -17.61 4.31 22.05
N SER E 101 -18.02 3.06 22.17
CA SER E 101 -18.86 2.68 23.32
C SER E 101 -18.08 2.70 24.65
N ALA E 102 -16.79 2.30 24.63
CA ALA E 102 -15.88 2.30 25.86
C ALA E 102 -15.70 3.71 26.45
N VAL E 103 -15.12 4.64 25.70
CA VAL E 103 -15.12 6.08 26.11
C VAL E 103 -16.53 6.66 26.47
N GLY E 104 -17.57 6.19 25.70
CA GLY E 104 -18.99 6.51 25.95
C GLY E 104 -19.40 6.09 27.37
N GLU E 105 -19.05 4.86 27.78
CA GLU E 105 -19.34 4.45 29.15
C GLU E 105 -18.38 5.09 30.14
N ALA E 106 -17.12 5.22 29.73
CA ALA E 106 -16.08 5.77 30.64
C ALA E 106 -16.27 7.28 30.85
N ASN E 107 -16.81 8.01 29.87
CA ASN E 107 -16.95 9.50 29.95
C ASN E 107 -18.15 9.88 29.09
N PRO E 108 -19.34 9.87 29.71
CA PRO E 108 -20.62 10.05 29.00
C PRO E 108 -20.92 11.48 28.54
N SER E 109 -20.40 12.43 29.20
CA SER E 109 -20.84 13.76 28.89
C SER E 109 -19.96 14.36 27.72
N LEU E 110 -18.81 13.72 27.50
CA LEU E 110 -18.00 14.16 26.43
C LEU E 110 -18.54 13.48 25.21
N ALA E 111 -18.93 12.20 25.33
CA ALA E 111 -19.42 11.43 24.19
C ALA E 111 -20.73 12.07 23.68
N LEU E 112 -21.60 12.41 24.62
CA LEU E 112 -22.73 13.21 24.36
C LEU E 112 -22.48 14.44 23.52
N SER E 113 -21.50 15.27 23.89
CA SER E 113 -21.12 16.49 23.21
C SER E 113 -20.51 16.20 21.84
N VAL E 114 -19.53 15.29 21.76
CA VAL E 114 -18.90 15.02 20.43
C VAL E 114 -19.89 14.44 19.36
N ASN E 115 -20.62 13.39 19.76
CA ASN E 115 -21.48 12.62 18.88
C ASN E 115 -22.72 13.42 18.47
N THR E 116 -23.39 14.07 19.44
CA THR E 116 -24.56 14.80 19.18
C THR E 116 -24.27 16.13 18.57
N ARG E 117 -23.33 16.91 19.10
CA ARG E 117 -23.07 18.22 18.46
C ARG E 117 -22.42 18.01 17.06
N GLY E 118 -21.53 17.05 16.94
CA GLY E 118 -20.97 16.74 15.65
C GLY E 118 -22.02 16.50 14.52
N ILE E 119 -23.06 15.66 14.75
CA ILE E 119 -24.05 15.43 13.71
C ILE E 119 -24.88 16.69 13.44
N GLN E 120 -25.21 17.42 14.50
CA GLN E 120 -25.93 18.66 14.37
C GLN E 120 -25.20 19.76 13.62
N ASN E 121 -23.93 19.88 13.86
CA ASN E 121 -23.10 20.72 13.07
C ASN E 121 -23.00 20.32 11.61
N VAL E 122 -22.76 19.05 11.32
CA VAL E 122 -22.67 18.56 9.95
C VAL E 122 -24.01 18.82 9.19
N LEU E 123 -25.14 18.71 9.86
CA LEU E 123 -26.38 18.68 9.19
C LEU E 123 -26.82 20.12 8.99
N GLU E 124 -26.68 20.94 10.01
CA GLU E 124 -26.77 22.41 9.88
C GLU E 124 -25.97 23.02 8.73
N LEU E 125 -24.63 22.78 8.68
CA LEU E 125 -23.82 23.09 7.47
C LEU E 125 -24.30 22.45 6.22
N ALA E 126 -24.56 21.15 6.21
CA ALA E 126 -25.16 20.47 5.02
C ALA E 126 -26.35 21.28 4.39
N LYS E 127 -27.21 21.77 5.31
CA LYS E 127 -28.29 22.63 4.96
C LYS E 127 -27.88 24.06 4.45
N GLN E 128 -26.99 24.77 5.15
CA GLN E 128 -26.59 26.07 4.64
C GLN E 128 -26.00 25.94 3.25
N TYR E 129 -25.17 24.90 2.99
CA TYR E 129 -24.23 24.81 1.82
C TYR E 129 -24.64 23.80 0.75
N GLN E 130 -25.80 23.19 1.00
CA GLN E 130 -26.42 22.12 0.13
C GLN E 130 -25.46 20.99 -0.01
N LEU E 131 -25.09 20.42 1.14
CA LEU E 131 -24.15 19.30 1.10
C LEU E 131 -24.85 17.97 1.22
N ARG E 132 -24.22 16.95 0.67
CA ARG E 132 -24.56 15.57 1.11
C ARG E 132 -23.72 15.04 2.28
N VAL E 133 -24.34 14.08 2.96
CA VAL E 133 -23.87 13.52 4.17
C VAL E 133 -23.95 12.02 4.31
N PHE E 134 -22.78 11.48 4.64
CA PHE E 134 -22.75 10.10 5.02
C PHE E 134 -22.41 10.10 6.53
N ALA E 135 -23.16 9.39 7.37
CA ALA E 135 -22.78 9.36 8.81
C ALA E 135 -23.17 7.94 9.29
N PRO E 136 -22.19 7.12 9.66
CA PRO E 136 -22.54 5.74 9.98
C PRO E 136 -23.32 5.67 11.31
N SER E 137 -24.21 4.68 11.41
CA SER E 137 -24.70 4.26 12.69
C SER E 137 -24.14 2.90 13.15
N THR E 138 -24.90 2.16 13.92
CA THR E 138 -24.30 1.13 14.63
C THR E 138 -25.39 0.08 15.02
N ILE E 139 -25.00 -1.18 15.17
CA ILE E 139 -25.84 -2.15 15.79
C ILE E 139 -26.18 -1.75 17.26
N ALA E 140 -25.55 -0.68 17.81
CA ALA E 140 -25.73 -0.39 19.21
C ALA E 140 -26.91 0.46 19.44
N VAL E 141 -27.60 0.86 18.37
CA VAL E 141 -28.92 1.57 18.48
C VAL E 141 -30.00 0.63 19.04
N PHE E 142 -29.72 -0.68 19.01
CA PHE E 142 -30.64 -1.73 19.47
C PHE E 142 -30.32 -2.09 20.92
N GLY E 143 -31.34 -2.59 21.63
CA GLY E 143 -31.20 -3.02 22.98
C GLY E 143 -31.89 -4.32 23.31
N PRO E 144 -32.17 -4.54 24.63
CA PRO E 144 -32.66 -5.84 25.12
C PRO E 144 -34.12 -6.14 24.64
N SER E 145 -34.87 -5.10 24.25
CA SER E 145 -36.26 -5.27 23.76
C SER E 145 -36.33 -5.39 22.23
N THR E 146 -35.20 -5.24 21.55
CA THR E 146 -35.15 -5.42 20.15
C THR E 146 -35.09 -6.95 19.89
N PRO E 147 -35.89 -7.43 18.95
CA PRO E 147 -35.81 -8.81 18.53
C PRO E 147 -34.41 -9.01 18.03
N GLN E 148 -33.73 -9.98 18.60
CA GLN E 148 -32.26 -10.02 18.41
C GLN E 148 -31.73 -11.01 17.33
N ASP E 149 -32.66 -11.69 16.64
CA ASP E 149 -32.36 -12.64 15.52
C ASP E 149 -32.86 -12.06 14.22
N GLU E 150 -31.93 -11.85 13.30
CA GLU E 150 -32.26 -11.14 12.09
C GLU E 150 -33.11 -9.90 12.33
N THR E 151 -32.56 -9.07 13.23
CA THR E 151 -33.05 -7.73 13.60
C THR E 151 -33.33 -6.94 12.28
N PRO E 152 -34.58 -6.46 12.05
CA PRO E 152 -34.92 -5.62 10.88
C PRO E 152 -34.50 -4.16 10.97
N ASP E 153 -34.62 -3.46 9.82
CA ASP E 153 -34.23 -2.08 9.71
C ASP E 153 -35.11 -1.20 10.53
N THR E 154 -36.38 -1.56 10.67
CA THR E 154 -37.30 -0.67 11.36
C THR E 154 -37.84 -1.45 12.57
N THR E 155 -37.36 -1.08 13.75
CA THR E 155 -37.61 -1.90 14.92
C THR E 155 -37.48 -1.17 16.23
N ILE E 156 -37.71 -1.90 17.35
CA ILE E 156 -37.62 -1.25 18.69
C ILE E 156 -36.16 -0.88 18.85
N MET E 157 -35.88 0.29 19.41
CA MET E 157 -34.54 0.82 19.55
C MET E 157 -34.36 1.50 20.95
N ARG E 158 -34.05 0.72 21.98
CA ARG E 158 -33.92 1.31 23.35
C ARG E 158 -32.52 1.00 23.82
N PRO E 159 -31.50 1.66 23.26
CA PRO E 159 -30.17 1.10 23.62
C PRO E 159 -29.73 1.48 25.03
N THR E 160 -28.81 0.69 25.59
CA THR E 160 -28.38 0.87 26.98
C THR E 160 -27.10 1.61 27.07
N THR E 161 -26.38 1.78 25.95
CA THR E 161 -25.21 2.60 26.03
C THR E 161 -25.49 4.07 25.61
N MET E 162 -24.71 4.96 26.23
CA MET E 162 -24.46 6.35 25.81
C MET E 162 -24.13 6.36 24.35
N TYR E 163 -23.16 5.55 23.92
CA TYR E 163 -22.86 5.56 22.48
C TYR E 163 -24.09 5.22 21.56
N GLY E 164 -24.82 4.14 21.92
CA GLY E 164 -26.01 3.84 21.07
C GLY E 164 -27.16 4.90 21.08
N LEU E 165 -27.39 5.51 22.24
CA LEU E 165 -28.49 6.42 22.31
C LEU E 165 -28.02 7.66 21.47
N THR E 166 -26.74 8.00 21.45
CA THR E 166 -26.35 9.15 20.58
C THR E 166 -26.56 8.84 19.14
N LYS E 167 -26.42 7.55 18.78
CA LYS E 167 -26.60 7.20 17.33
C LYS E 167 -28.05 7.08 16.85
N VAL E 168 -29.03 6.88 17.75
CA VAL E 168 -30.37 6.93 17.30
C VAL E 168 -30.63 8.39 17.06
N HIS E 169 -29.96 9.24 17.81
CA HIS E 169 -30.12 10.68 17.58
C HIS E 169 -29.54 11.03 16.17
N VAL E 170 -28.38 10.46 15.88
CA VAL E 170 -27.88 10.57 14.51
C VAL E 170 -28.92 10.27 13.37
N GLU E 171 -29.59 9.11 13.48
CA GLU E 171 -30.49 8.60 12.42
C GLU E 171 -31.67 9.45 12.28
N LEU E 172 -32.29 9.74 13.42
CA LEU E 172 -33.52 10.48 13.49
C LEU E 172 -33.27 11.88 13.00
N LEU E 173 -32.14 12.49 13.36
CA LEU E 173 -31.84 13.81 12.90
C LEU E 173 -31.50 13.84 11.39
N GLY E 174 -30.83 12.80 10.91
CA GLY E 174 -30.37 12.76 9.49
C GLY E 174 -31.62 12.70 8.61
N GLU E 175 -32.47 11.70 8.96
CA GLU E 175 -33.74 11.45 8.29
C GLU E 175 -34.62 12.72 8.33
N TYR E 176 -34.59 13.39 9.47
CA TYR E 176 -35.34 14.63 9.56
C TYR E 176 -34.76 15.69 8.62
N TYR E 177 -33.47 15.84 8.60
CA TYR E 177 -32.95 16.82 7.62
C TYR E 177 -33.30 16.51 6.10
N TYR E 178 -33.32 15.21 5.79
CA TYR E 178 -33.75 14.63 4.50
C TYR E 178 -35.20 15.00 4.20
N ASN E 179 -36.10 14.66 5.13
CA ASN E 179 -37.52 15.00 4.91
C ASN E 179 -37.83 16.49 4.91
N LYS E 180 -37.10 17.27 5.68
CA LYS E 180 -37.57 18.58 5.93
C LYS E 180 -36.92 19.49 4.94
N PHE E 181 -35.63 19.28 4.66
CA PHE E 181 -34.81 20.28 3.94
C PHE E 181 -34.18 19.70 2.68
N GLY E 182 -34.44 18.41 2.41
CA GLY E 182 -33.79 17.86 1.24
C GLY E 182 -32.30 17.58 1.44
N VAL E 183 -31.83 17.58 2.70
CA VAL E 183 -30.40 17.29 2.78
C VAL E 183 -30.26 15.79 2.51
N ASP E 184 -29.43 15.46 1.50
CA ASP E 184 -29.23 14.13 1.12
C ASP E 184 -28.44 13.44 2.19
N PHE E 185 -29.15 12.72 3.03
CA PHE E 185 -28.50 12.17 4.17
C PHE E 185 -28.49 10.67 3.98
N ARG E 186 -27.44 9.99 4.39
CA ARG E 186 -27.41 8.54 4.27
C ARG E 186 -26.67 7.92 5.36
N SER E 187 -27.05 6.69 5.71
CA SER E 187 -26.37 5.99 6.78
C SER E 187 -26.49 4.45 6.66
N VAL E 188 -25.48 3.82 7.25
CA VAL E 188 -25.31 2.43 7.35
C VAL E 188 -25.09 2.09 8.78
N ARG E 189 -25.75 1.06 9.29
CA ARG E 189 -25.47 0.61 10.66
C ARG E 189 -24.34 -0.38 10.59
N TYR E 190 -23.09 0.01 10.86
CA TYR E 190 -22.08 -1.05 11.07
C TYR E 190 -22.39 -2.19 12.11
N PRO E 191 -22.12 -3.44 11.67
CA PRO E 191 -21.93 -4.51 12.64
C PRO E 191 -20.44 -4.30 13.26
N GLY E 192 -19.86 -5.22 14.06
CA GLY E 192 -18.47 -5.11 14.38
C GLY E 192 -17.58 -5.14 13.13
N VAL E 193 -16.60 -4.24 13.07
CA VAL E 193 -15.71 -4.17 11.91
C VAL E 193 -14.37 -4.83 12.28
N ILE E 194 -13.82 -5.69 11.42
CA ILE E 194 -12.57 -6.32 11.81
C ILE E 194 -11.57 -5.79 10.83
N SER E 195 -10.40 -5.37 11.29
CA SER E 195 -9.38 -5.02 10.32
C SER E 195 -7.93 -5.18 10.77
N SER E 196 -7.03 -5.27 9.80
CA SER E 196 -5.58 -5.34 10.06
C SER E 196 -4.90 -3.97 10.36
N GLU E 197 -5.46 -2.86 9.87
CA GLU E 197 -4.73 -1.56 9.99
C GLU E 197 -4.78 -0.82 11.34
N ALA E 198 -5.93 -0.25 11.74
CA ALA E 198 -6.07 0.14 13.17
C ALA E 198 -5.99 -1.02 14.14
N LEU E 199 -5.45 -0.68 15.28
CA LEU E 199 -5.13 -1.60 16.33
C LEU E 199 -6.16 -1.40 17.46
N PRO E 200 -6.67 -2.47 18.06
CA PRO E 200 -7.77 -2.37 19.02
C PRO E 200 -7.47 -1.61 20.29
N GLY E 201 -8.54 -1.26 20.98
CA GLY E 201 -8.49 -0.43 22.13
C GLY E 201 -9.85 -0.30 22.79
N GLY E 202 -10.36 -1.43 23.27
CA GLY E 202 -11.46 -1.43 24.20
C GLY E 202 -12.90 -1.69 23.86
N GLY E 203 -13.24 -1.77 22.59
CA GLY E 203 -14.67 -2.00 22.23
C GLY E 203 -15.15 -3.36 22.71
N THR E 204 -16.41 -3.64 22.50
CA THR E 204 -16.98 -4.96 22.75
C THR E 204 -16.70 -5.99 21.62
N THR E 205 -16.48 -5.50 20.41
CA THR E 205 -16.28 -6.38 19.25
C THR E 205 -14.82 -6.37 18.88
N ASP E 206 -14.02 -5.62 19.63
CA ASP E 206 -12.53 -5.55 19.44
C ASP E 206 -11.90 -6.89 19.76
N TYR E 207 -12.57 -7.66 20.63
CA TYR E 207 -12.28 -9.12 20.86
C TYR E 207 -11.86 -9.88 19.61
N ALA E 208 -12.57 -9.67 18.50
CA ALA E 208 -12.24 -10.26 17.20
C ALA E 208 -11.12 -9.56 16.50
N VAL E 209 -10.53 -8.52 17.04
CA VAL E 209 -9.24 -8.12 16.43
C VAL E 209 -8.04 -8.53 17.28
N GLU E 210 -8.20 -8.37 18.61
CA GLU E 210 -7.21 -8.72 19.65
C GLU E 210 -6.70 -10.15 19.45
N ILE E 211 -7.69 -11.03 19.21
CA ILE E 211 -7.56 -12.47 19.17
C ILE E 211 -6.48 -12.84 18.18
N PHE E 212 -6.44 -12.13 17.04
CA PHE E 212 -5.49 -12.36 15.99
C PHE E 212 -4.05 -12.05 16.44
N TYR E 213 -3.82 -10.83 16.98
CA TYR E 213 -2.53 -10.39 17.59
C TYR E 213 -2.05 -11.43 18.62
N GLU E 214 -2.95 -11.85 19.49
CA GLU E 214 -2.62 -12.82 20.51
C GLU E 214 -2.38 -14.24 19.97
N ALA E 215 -3.13 -14.58 18.92
CA ALA E 215 -2.93 -15.82 18.17
C ALA E 215 -1.55 -15.77 17.66
N LEU E 216 -1.14 -14.71 16.98
CA LEU E 216 0.22 -14.71 16.44
C LEU E 216 1.38 -14.48 17.47
N LYS E 217 1.17 -13.64 18.49
CA LYS E 217 2.30 -13.31 19.45
C LYS E 217 2.55 -14.43 20.45
N HIS E 218 1.47 -15.06 20.92
CA HIS E 218 1.49 -16.00 22.04
C HIS E 218 0.99 -17.46 21.76
N GLY E 219 0.18 -17.66 20.71
CA GLY E 219 -0.43 -18.98 20.41
C GLY E 219 -1.69 -19.13 21.24
N LYS E 220 -2.14 -18.03 21.84
CA LYS E 220 -3.26 -18.09 22.76
C LYS E 220 -3.84 -16.72 23.09
N TYR E 221 -5.07 -16.71 23.56
CA TYR E 221 -5.77 -15.50 23.90
C TYR E 221 -6.70 -15.76 25.08
N THR E 222 -7.00 -14.73 25.86
CA THR E 222 -8.13 -14.71 26.78
C THR E 222 -9.29 -13.79 26.23
N CYS E 223 -10.45 -14.38 25.88
CA CYS E 223 -11.65 -13.63 25.38
C CYS E 223 -12.49 -13.00 26.50
N PHE E 224 -12.83 -11.71 26.41
CA PHE E 224 -13.51 -11.07 27.54
C PHE E 224 -15.00 -11.10 27.28
N LEU E 225 -15.43 -11.78 26.21
CA LEU E 225 -16.86 -12.09 25.99
C LEU E 225 -17.12 -13.56 26.29
N ASN E 226 -18.35 -13.91 26.71
CA ASN E 226 -18.80 -15.31 26.81
C ASN E 226 -18.42 -16.05 25.55
N ARG E 227 -17.93 -17.30 25.73
CA ARG E 227 -17.68 -18.35 24.71
C ARG E 227 -18.65 -18.22 23.50
N ASP E 228 -19.91 -17.97 23.84
CA ASP E 228 -21.03 -18.09 22.89
C ASP E 228 -21.78 -16.78 22.61
N ALA E 229 -21.14 -15.62 22.83
CA ALA E 229 -21.82 -14.29 22.64
C ALA E 229 -21.76 -13.96 21.18
N LYS E 230 -22.90 -14.21 20.53
CA LYS E 230 -23.00 -14.23 19.06
C LYS E 230 -23.25 -12.79 18.63
N LEU E 231 -22.52 -12.31 17.62
CA LEU E 231 -22.64 -10.92 17.22
C LEU E 231 -22.37 -10.84 15.78
N PRO E 232 -23.05 -9.88 15.07
CA PRO E 232 -22.84 -9.73 13.58
C PRO E 232 -21.60 -8.94 13.36
N MET E 233 -20.81 -9.30 12.37
CA MET E 233 -19.49 -8.74 12.20
C MET E 233 -19.23 -8.66 10.74
N MET E 234 -18.20 -7.92 10.37
CA MET E 234 -17.91 -7.61 8.98
C MET E 234 -16.44 -7.29 8.85
N TYR E 235 -15.83 -7.85 7.81
CA TYR E 235 -14.42 -7.59 7.57
C TYR E 235 -14.38 -6.24 6.86
N MET E 236 -13.33 -5.49 7.12
CA MET E 236 -13.13 -4.11 6.56
C MET E 236 -13.48 -3.95 5.08
N PRO E 237 -12.95 -4.81 4.18
CA PRO E 237 -13.10 -4.37 2.77
C PRO E 237 -14.57 -4.40 2.35
N ASP E 238 -15.32 -5.35 2.90
CA ASP E 238 -16.78 -5.33 2.85
C ASP E 238 -17.29 -4.02 3.48
N CYS E 239 -16.71 -3.59 4.63
CA CYS E 239 -17.25 -2.41 5.31
C CYS E 239 -17.12 -1.22 4.33
N LEU E 240 -15.93 -1.18 3.69
CA LEU E 240 -15.61 -0.18 2.73
C LEU E 240 -16.52 -0.33 1.55
N LYS E 241 -16.86 -1.55 1.23
CA LYS E 241 -17.65 -1.74 0.02
C LYS E 241 -19.09 -1.32 0.23
N ALA E 242 -19.61 -1.57 1.44
CA ALA E 242 -20.98 -1.17 1.84
C ALA E 242 -21.06 0.32 1.98
N THR E 243 -20.06 0.96 2.64
CA THR E 243 -19.96 2.43 2.66
C THR E 243 -20.00 3.11 1.24
N MET E 244 -19.13 2.75 0.31
CA MET E 244 -19.26 3.30 -1.04
C MET E 244 -20.49 2.88 -1.84
N GLY E 245 -20.99 1.66 -1.63
CA GLY E 245 -22.24 1.17 -2.22
C GLY E 245 -23.38 2.12 -1.86
N LEU E 246 -23.63 2.39 -0.55
CA LEU E 246 -24.72 3.33 -0.21
C LEU E 246 -24.40 4.76 -0.74
N ILE E 247 -23.16 5.24 -0.50
CA ILE E 247 -22.74 6.56 -0.98
C ILE E 247 -23.03 6.77 -2.46
N ASN E 248 -22.59 5.81 -3.31
CA ASN E 248 -22.85 5.94 -4.77
C ASN E 248 -24.23 5.54 -5.27
N ALA E 249 -25.07 4.91 -4.45
CA ALA E 249 -26.32 4.42 -4.98
C ALA E 249 -27.07 5.70 -5.51
N PRO E 250 -27.88 5.56 -6.60
CA PRO E 250 -28.61 6.79 -7.07
C PRO E 250 -29.79 7.04 -6.08
N ASN E 251 -30.06 8.30 -5.74
CA ASN E 251 -31.06 8.57 -4.72
C ASN E 251 -32.40 7.88 -4.94
N ASP E 252 -32.79 7.68 -6.23
CA ASP E 252 -34.15 7.15 -6.56
C ASP E 252 -34.32 5.65 -6.19
N CYS E 253 -33.22 4.93 -6.01
CA CYS E 253 -33.43 3.54 -5.57
C CYS E 253 -33.71 3.38 -4.03
N LEU E 254 -33.56 4.44 -3.24
CA LEU E 254 -33.46 4.25 -1.80
C LEU E 254 -34.76 4.31 -1.07
N SER E 255 -35.20 3.18 -0.55
CA SER E 255 -36.49 3.17 0.15
C SER E 255 -36.39 3.78 1.57
N GLN E 256 -35.14 3.91 2.07
CA GLN E 256 -34.93 4.48 3.44
C GLN E 256 -33.60 5.24 3.39
N ARG E 257 -33.23 5.80 4.51
CA ARG E 257 -32.00 6.52 4.59
C ARG E 257 -30.89 5.83 5.34
N THR E 258 -31.27 5.18 6.43
CA THR E 258 -30.38 4.28 7.16
C THR E 258 -30.64 2.79 6.81
N TYR E 259 -29.55 2.04 6.55
CA TYR E 259 -29.62 0.63 6.21
C TYR E 259 -28.87 -0.27 7.20
N ASN E 260 -29.50 -1.28 7.81
CA ASN E 260 -28.71 -2.43 8.40
C ASN E 260 -27.77 -2.95 7.29
N ILE E 261 -26.52 -3.21 7.64
CA ILE E 261 -25.67 -3.96 6.76
C ILE E 261 -24.91 -5.06 7.56
N THR E 262 -24.94 -6.29 7.06
CA THR E 262 -24.08 -7.31 7.66
C THR E 262 -23.34 -8.22 6.64
N ALA E 263 -22.37 -8.95 7.15
CA ALA E 263 -21.68 -9.91 6.35
C ALA E 263 -21.97 -11.33 6.89
N VAL E 264 -21.42 -11.61 8.08
CA VAL E 264 -21.65 -12.81 8.91
C VAL E 264 -21.94 -12.52 10.40
N SER E 265 -22.33 -13.58 11.10
CA SER E 265 -22.45 -13.59 12.53
C SER E 265 -21.59 -14.78 13.10
N PHE E 266 -21.03 -14.61 14.28
CA PHE E 266 -20.29 -15.63 14.90
C PHE E 266 -20.12 -15.31 16.37
N THR E 267 -19.66 -16.33 17.08
CA THR E 267 -19.38 -16.33 18.51
C THR E 267 -17.87 -16.50 18.67
N PRO E 268 -17.37 -16.02 19.79
CA PRO E 268 -15.95 -16.13 19.91
C PRO E 268 -15.51 -17.62 19.66
N GLU E 269 -16.28 -18.60 20.11
CA GLU E 269 -15.81 -20.01 19.89
C GLU E 269 -15.74 -20.45 18.42
N GLU E 270 -16.57 -19.80 17.56
CA GLU E 270 -16.55 -20.03 16.14
C GLU E 270 -15.35 -19.35 15.52
N ILE E 271 -14.96 -18.15 15.99
CA ILE E 271 -13.79 -17.54 15.39
C ILE E 271 -12.54 -18.28 15.84
N VAL E 272 -12.55 -18.71 17.10
CA VAL E 272 -11.45 -19.60 17.60
C VAL E 272 -11.29 -20.88 16.69
N ALA E 273 -12.44 -21.55 16.46
CA ALA E 273 -12.49 -22.73 15.62
C ALA E 273 -11.99 -22.33 14.22
N SER E 274 -12.27 -21.07 13.80
CA SER E 274 -11.85 -20.68 12.46
C SER E 274 -10.34 -20.55 12.31
N ILE E 275 -9.75 -19.81 13.22
CA ILE E 275 -8.30 -19.65 13.39
C ILE E 275 -7.54 -20.99 13.47
N GLN E 276 -8.14 -21.93 14.20
CA GLN E 276 -7.49 -23.25 14.32
C GLN E 276 -7.44 -24.01 13.03
N LYS E 277 -8.28 -23.66 12.05
CA LYS E 277 -8.23 -24.27 10.70
C LYS E 277 -6.94 -23.84 9.98
N VAL E 278 -6.30 -22.78 10.49
CA VAL E 278 -5.01 -22.30 10.03
C VAL E 278 -3.91 -22.61 11.04
N MET E 279 -4.23 -22.53 12.34
CA MET E 279 -3.21 -22.56 13.41
C MET E 279 -3.72 -23.55 14.43
N PRO E 280 -3.54 -24.86 14.17
CA PRO E 280 -4.28 -25.89 14.95
C PRO E 280 -4.02 -25.76 16.40
N SER E 281 -2.84 -25.24 16.72
CA SER E 281 -2.38 -25.18 18.02
C SER E 281 -2.90 -23.98 18.84
N PHE E 282 -3.57 -23.01 18.19
CA PHE E 282 -4.12 -21.84 18.93
C PHE E 282 -5.13 -22.25 20.05
N GLN E 283 -5.11 -21.56 21.18
CA GLN E 283 -5.93 -21.95 22.33
C GLN E 283 -6.58 -20.69 22.85
N CYS E 284 -7.72 -20.82 23.52
CA CYS E 284 -8.49 -19.70 23.90
C CYS E 284 -9.18 -19.83 25.25
N ASP E 285 -9.12 -18.76 26.06
CA ASP E 285 -9.70 -18.71 27.44
C ASP E 285 -10.82 -17.72 27.46
N TYR E 286 -11.74 -17.87 28.41
CA TYR E 286 -12.90 -17.00 28.59
C TYR E 286 -12.89 -16.39 30.04
N LYS E 287 -12.55 -15.11 30.11
CA LYS E 287 -12.71 -14.24 31.28
C LYS E 287 -13.64 -13.04 30.94
N PRO E 288 -14.99 -13.26 30.91
CA PRO E 288 -15.99 -12.24 30.61
C PRO E 288 -15.93 -11.05 31.58
N ASP E 289 -16.06 -9.83 31.08
CA ASP E 289 -16.16 -8.64 31.95
C ASP E 289 -17.45 -7.81 31.61
N PHE E 290 -17.43 -6.52 31.89
CA PHE E 290 -18.61 -5.67 31.67
C PHE E 290 -19.11 -5.68 30.21
N ARG E 291 -18.21 -5.91 29.24
CA ARG E 291 -18.58 -5.87 27.82
C ARG E 291 -19.55 -6.97 27.41
N GLN E 292 -19.52 -8.08 28.13
CA GLN E 292 -20.59 -9.06 28.11
C GLN E 292 -21.98 -8.47 28.31
N GLN E 293 -22.14 -7.64 29.34
CA GLN E 293 -23.44 -7.10 29.62
C GLN E 293 -23.80 -6.08 28.50
N ILE E 294 -22.78 -5.53 27.83
CA ILE E 294 -22.96 -4.80 26.57
C ILE E 294 -23.42 -5.75 25.39
N ALA E 295 -22.53 -6.65 24.95
CA ALA E 295 -22.83 -7.64 23.85
C ALA E 295 -24.23 -8.24 23.96
N GLU E 296 -24.58 -8.70 25.15
CA GLU E 296 -25.93 -9.22 25.46
C GLU E 296 -27.16 -8.38 25.06
N THR E 297 -27.04 -7.05 24.95
CA THR E 297 -28.18 -6.19 24.57
C THR E 297 -28.12 -5.80 23.10
N TRP E 298 -27.20 -6.44 22.39
CA TRP E 298 -27.00 -6.24 20.93
C TRP E 298 -27.54 -7.35 20.04
N PRO E 299 -27.68 -7.09 18.72
CA PRO E 299 -28.33 -8.19 17.97
C PRO E 299 -27.37 -9.33 17.86
N ARG E 300 -27.93 -10.53 17.74
CA ARG E 300 -27.15 -11.71 17.28
C ARG E 300 -26.83 -11.71 15.79
N SER E 301 -27.79 -11.29 14.97
CA SER E 301 -27.70 -11.36 13.53
C SER E 301 -28.56 -10.22 13.07
N ILE E 302 -28.19 -9.65 11.94
CA ILE E 302 -28.99 -8.52 11.43
C ILE E 302 -29.58 -8.81 10.05
N ASP E 303 -30.81 -8.36 9.86
CA ASP E 303 -31.44 -8.46 8.57
C ASP E 303 -31.14 -7.23 7.73
N ASP E 304 -30.22 -7.39 6.78
CA ASP E 304 -29.93 -6.38 5.78
C ASP E 304 -30.62 -6.54 4.35
N SER E 305 -31.75 -7.29 4.28
CA SER E 305 -32.31 -7.66 2.93
C SER E 305 -32.72 -6.36 2.20
N ILE E 306 -33.20 -5.38 2.98
CA ILE E 306 -33.54 -4.09 2.37
C ILE E 306 -32.32 -3.46 1.68
N ALA E 307 -31.16 -3.46 2.28
CA ALA E 307 -29.99 -2.94 1.60
C ALA E 307 -29.64 -3.86 0.40
N ARG E 308 -29.92 -5.16 0.52
CA ARG E 308 -29.72 -6.11 -0.61
C ARG E 308 -30.66 -5.82 -1.83
N LYS E 309 -31.87 -5.32 -1.58
CA LYS E 309 -32.84 -5.02 -2.66
C LYS E 309 -32.75 -3.59 -3.25
N ASP E 310 -32.75 -2.55 -2.43
CA ASP E 310 -32.60 -1.21 -2.94
C ASP E 310 -31.23 -0.98 -3.59
N TRP E 311 -30.11 -1.38 -3.00
CA TRP E 311 -28.89 -0.94 -3.70
C TRP E 311 -27.86 -2.00 -3.93
N ASN E 312 -28.36 -3.22 -4.08
CA ASN E 312 -27.53 -4.38 -4.43
C ASN E 312 -26.33 -4.68 -3.48
N TRP E 313 -26.52 -4.35 -2.19
CA TRP E 313 -25.53 -4.75 -1.16
C TRP E 313 -25.23 -6.26 -1.20
N GLN E 314 -23.97 -6.63 -1.37
CA GLN E 314 -23.50 -8.05 -1.24
C GLN E 314 -22.12 -8.11 -0.56
N HIS E 315 -22.06 -8.70 0.64
CA HIS E 315 -20.76 -9.02 1.26
C HIS E 315 -19.93 -10.03 0.47
N ASP E 316 -18.61 -9.84 0.50
CA ASP E 316 -17.73 -10.84 -0.11
C ASP E 316 -17.09 -11.86 0.87
N PHE E 317 -16.99 -11.53 2.16
CA PHE E 317 -16.12 -12.29 3.08
C PHE E 317 -16.99 -12.95 4.13
N ASP E 318 -16.84 -14.27 4.24
CA ASP E 318 -17.34 -15.03 5.37
C ASP E 318 -16.22 -15.21 6.43
N LEU E 319 -16.61 -15.78 7.56
CA LEU E 319 -15.68 -16.04 8.67
C LEU E 319 -14.33 -16.58 8.26
N ASP E 320 -14.30 -17.74 7.63
CA ASP E 320 -13.09 -18.42 7.35
C ASP E 320 -12.17 -17.63 6.46
N SER E 321 -12.69 -16.82 5.55
CA SER E 321 -11.74 -16.08 4.69
C SER E 321 -11.22 -14.79 5.26
N MET E 322 -12.00 -14.14 6.13
CA MET E 322 -11.47 -12.93 6.75
C MET E 322 -10.44 -13.36 7.74
N VAL E 323 -10.67 -14.51 8.42
CA VAL E 323 -9.72 -15.09 9.34
C VAL E 323 -8.43 -15.45 8.60
N GLU E 324 -8.54 -16.07 7.41
CA GLU E 324 -7.32 -16.38 6.59
C GLU E 324 -6.55 -15.14 6.30
N ASP E 325 -7.28 -14.11 5.84
CA ASP E 325 -6.71 -12.91 5.34
C ASP E 325 -6.16 -12.01 6.46
N MET E 326 -6.82 -11.98 7.63
CA MET E 326 -6.28 -11.31 8.84
C MET E 326 -4.97 -11.91 9.29
N LEU E 327 -4.95 -13.23 9.38
CA LEU E 327 -3.77 -13.93 9.79
C LEU E 327 -2.55 -13.61 8.84
N VAL E 328 -2.74 -13.72 7.50
CA VAL E 328 -1.64 -13.29 6.59
C VAL E 328 -1.32 -11.81 6.76
N LYS E 329 -2.35 -10.96 6.88
CA LYS E 329 -2.04 -9.54 6.81
C LYS E 329 -1.30 -9.13 8.11
N LEU E 330 -1.69 -9.69 9.26
CA LEU E 330 -1.00 -9.41 10.52
C LEU E 330 0.36 -10.05 10.61
N ASP E 331 0.48 -11.26 10.09
CA ASP E 331 1.78 -11.87 10.10
C ASP E 331 2.79 -11.05 9.33
N ALA E 332 2.40 -10.55 8.15
CA ALA E 332 3.24 -9.58 7.43
C ALA E 332 3.20 -8.15 8.04
N SER F 25 16.48 -17.31 5.80
CA SER F 25 15.28 -18.11 5.96
C SER F 25 15.60 -19.60 5.83
N ARG F 26 15.52 -20.20 4.66
CA ARG F 26 15.45 -21.67 4.63
C ARG F 26 16.72 -22.43 4.21
N ILE F 27 16.86 -23.67 4.72
CA ILE F 27 17.94 -24.61 4.38
C ILE F 27 17.43 -25.72 3.46
N LEU F 28 18.13 -25.91 2.33
CA LEU F 28 17.86 -27.01 1.40
C LEU F 28 18.80 -28.12 1.61
N VAL F 29 18.27 -29.27 2.05
CA VAL F 29 19.15 -30.48 2.05
C VAL F 29 18.93 -31.33 0.75
N THR F 30 20.02 -31.63 0.04
CA THR F 30 19.91 -32.56 -1.01
C THR F 30 20.27 -33.94 -0.53
N GLY F 31 19.71 -35.00 -1.16
CA GLY F 31 19.98 -36.41 -0.77
C GLY F 31 19.55 -36.56 0.68
N GLY F 32 18.52 -35.80 1.08
CA GLY F 32 17.98 -35.85 2.44
C GLY F 32 17.49 -37.25 2.86
N THR F 33 17.50 -38.27 1.99
CA THR F 33 16.89 -39.56 2.37
C THR F 33 17.96 -40.56 2.68
N GLY F 34 19.23 -40.18 2.46
CA GLY F 34 20.40 -41.02 2.73
C GLY F 34 20.48 -41.38 4.19
N GLN F 35 21.38 -42.32 4.44
CA GLN F 35 21.88 -42.68 5.77
C GLN F 35 22.05 -41.48 6.73
N ILE F 36 22.79 -40.45 6.29
CA ILE F 36 23.09 -39.34 7.18
C ILE F 36 21.90 -38.40 7.23
N GLY F 37 21.31 -38.22 6.05
CA GLY F 37 20.17 -37.34 5.84
C GLY F 37 18.93 -37.75 6.62
N MET F 38 18.67 -39.06 6.80
CA MET F 38 17.43 -39.42 7.42
C MET F 38 17.46 -38.99 8.93
N GLU F 39 18.66 -38.74 9.47
CA GLU F 39 18.87 -38.25 10.82
C GLU F 39 19.26 -36.75 10.92
N LEU F 40 20.13 -36.26 9.99
CA LEU F 40 20.54 -34.81 9.91
C LEU F 40 19.34 -33.97 9.73
N VAL F 41 18.49 -34.35 8.78
CA VAL F 41 17.28 -33.62 8.62
C VAL F 41 16.51 -33.41 9.99
N PRO F 42 16.10 -34.49 10.75
CA PRO F 42 15.29 -34.17 12.00
C PRO F 42 16.00 -33.26 13.03
N TYR F 43 17.33 -33.36 13.04
CA TYR F 43 18.16 -32.72 13.98
C TYR F 43 18.13 -31.23 13.66
N MET F 44 18.46 -30.90 12.42
CA MET F 44 18.40 -29.55 11.95
C MET F 44 17.03 -28.98 12.21
N ARG F 45 15.97 -29.79 12.11
CA ARG F 45 14.57 -29.33 12.46
C ARG F 45 14.32 -29.08 13.96
N GLN F 46 15.12 -29.71 14.85
CA GLN F 46 15.11 -29.43 16.27
C GLN F 46 15.89 -28.14 16.48
N LEU F 47 17.01 -27.92 15.78
CA LEU F 47 17.76 -26.67 16.01
C LEU F 47 17.12 -25.42 15.45
N PHE F 48 16.58 -25.42 14.21
CA PHE F 48 16.01 -24.24 13.59
C PHE F 48 14.48 -24.27 13.31
N GLY F 49 13.75 -25.36 13.65
CA GLY F 49 12.29 -25.43 13.41
C GLY F 49 11.97 -26.21 12.15
N ALA F 50 10.85 -26.95 12.16
CA ALA F 50 10.54 -27.94 11.12
C ALA F 50 10.43 -27.29 9.73
N ASP F 51 9.79 -26.11 9.74
CA ASP F 51 9.46 -25.37 8.55
C ASP F 51 10.70 -24.75 7.89
N THR F 52 11.79 -24.69 8.62
CA THR F 52 13.00 -24.08 8.07
C THR F 52 14.05 -24.98 7.30
N ILE F 53 13.79 -26.28 7.20
CA ILE F 53 14.66 -27.23 6.50
C ILE F 53 13.83 -27.79 5.37
N VAL F 54 14.24 -27.52 4.13
CA VAL F 54 13.62 -28.15 2.98
C VAL F 54 14.33 -29.46 2.70
N ASN F 55 13.59 -30.57 2.78
CA ASN F 55 14.12 -31.90 2.66
C ASN F 55 13.90 -32.39 1.23
N SER F 56 14.95 -32.76 0.52
CA SER F 56 14.77 -33.16 -0.89
C SER F 56 15.62 -34.40 -1.15
N ASP F 57 15.22 -35.14 -2.18
CA ASP F 57 15.85 -36.36 -2.64
C ASP F 57 15.12 -36.86 -3.89
N ILE F 58 15.60 -37.94 -4.46
CA ILE F 58 14.87 -38.64 -5.47
C ILE F 58 14.10 -39.84 -4.91
N LYS F 59 14.20 -40.17 -3.61
CA LYS F 59 13.27 -41.19 -2.99
C LYS F 59 12.53 -40.52 -1.84
N ALA F 60 11.28 -40.84 -1.65
CA ALA F 60 10.54 -40.28 -0.57
C ALA F 60 11.15 -40.85 0.71
N PRO F 61 11.06 -40.10 1.84
CA PRO F 61 11.37 -40.63 3.22
C PRO F 61 10.61 -41.91 3.50
N GLY F 62 11.32 -42.94 3.98
CA GLY F 62 10.77 -44.28 4.20
C GLY F 62 9.92 -44.38 5.47
N ARG F 66 5.13 -38.56 8.97
CA ARG F 66 5.54 -38.07 7.67
C ARG F 66 6.99 -37.54 7.70
N ASP F 67 7.37 -36.84 6.62
CA ASP F 67 8.41 -35.82 6.64
C ASP F 67 7.69 -34.46 6.80
N GLY F 68 7.08 -34.01 5.70
CA GLY F 68 6.14 -32.90 5.75
C GLY F 68 6.83 -31.60 5.48
N ASN F 69 7.59 -31.62 4.39
CA ASN F 69 8.32 -30.49 3.86
C ASN F 69 9.33 -31.08 2.87
N PHE F 70 8.84 -32.15 2.22
CA PHE F 70 9.58 -32.95 1.24
C PHE F 70 9.42 -32.50 -0.22
N VAL F 71 10.51 -32.37 -0.96
CA VAL F 71 10.39 -32.07 -2.39
C VAL F 71 11.31 -32.99 -3.11
N TYR F 72 10.91 -33.44 -4.29
CA TYR F 72 11.81 -34.17 -5.24
C TYR F 72 12.82 -33.22 -5.79
N CYS F 73 14.07 -33.63 -5.74
CA CYS F 73 15.07 -32.81 -6.36
C CYS F 73 16.17 -33.69 -6.89
N ASP F 74 16.31 -33.80 -8.22
CA ASP F 74 17.45 -34.39 -8.83
C ASP F 74 18.50 -33.32 -9.03
N VAL F 75 19.61 -33.56 -8.38
CA VAL F 75 20.71 -32.63 -8.22
C VAL F 75 21.36 -32.55 -9.64
N GLN F 76 21.14 -33.55 -10.48
CA GLN F 76 21.66 -33.25 -11.85
C GLN F 76 20.77 -32.22 -12.68
N ASP F 77 19.68 -31.80 -12.09
CA ASP F 77 18.84 -30.88 -12.85
C ASP F 77 18.93 -29.51 -12.13
N ARG F 78 19.82 -28.69 -12.62
CA ARG F 78 20.01 -27.25 -12.24
C ARG F 78 18.74 -26.39 -12.10
N ASP F 79 17.93 -26.39 -13.13
CA ASP F 79 16.68 -25.58 -13.08
C ASP F 79 15.74 -25.98 -11.96
N SER F 80 15.56 -27.29 -11.74
CA SER F 80 14.60 -27.66 -10.70
C SER F 80 15.09 -27.10 -9.33
N MET F 81 16.40 -27.18 -9.17
CA MET F 81 17.06 -26.67 -8.00
C MET F 81 16.83 -25.17 -7.96
N ALA F 82 17.03 -24.48 -9.11
CA ALA F 82 16.76 -22.97 -9.18
C ALA F 82 15.33 -22.69 -8.66
N ARG F 83 14.40 -23.61 -9.00
CA ARG F 83 13.04 -23.45 -8.68
C ARG F 83 12.87 -23.61 -7.16
N ILE F 84 13.50 -24.63 -6.57
CA ILE F 84 13.41 -24.83 -5.09
C ILE F 84 14.03 -23.66 -4.28
N VAL F 85 15.26 -23.31 -4.65
CA VAL F 85 15.97 -22.23 -4.03
C VAL F 85 15.07 -20.95 -4.04
N THR F 86 14.46 -20.60 -5.18
CA THR F 86 13.70 -19.37 -5.32
C THR F 86 12.41 -19.47 -4.55
N GLU F 87 11.78 -20.63 -4.60
CA GLU F 87 10.45 -20.69 -4.11
C GLU F 87 10.49 -20.81 -2.61
N GLN F 88 11.53 -21.42 -2.07
CA GLN F 88 11.55 -21.78 -0.66
C GLN F 88 12.31 -20.77 0.19
N GLY F 89 12.92 -19.76 -0.45
CA GLY F 89 13.64 -18.71 0.23
C GLY F 89 14.94 -19.26 0.83
N VAL F 90 15.69 -20.05 0.06
CA VAL F 90 16.81 -20.84 0.57
C VAL F 90 18.00 -19.90 0.61
N ASP F 91 18.80 -19.99 1.65
CA ASP F 91 20.07 -19.28 1.73
C ASP F 91 21.27 -20.22 1.89
N THR F 92 21.03 -21.50 2.18
CA THR F 92 22.10 -22.45 2.41
C THR F 92 21.74 -23.73 1.66
N ILE F 93 22.71 -24.42 1.06
CA ILE F 93 22.48 -25.82 0.55
C ILE F 93 23.39 -26.79 1.34
N VAL F 94 22.78 -27.84 1.89
CA VAL F 94 23.49 -28.87 2.66
C VAL F 94 23.44 -30.01 1.67
N HIS F 95 24.41 -30.06 0.77
CA HIS F 95 24.37 -30.95 -0.41
C HIS F 95 24.79 -32.38 0.02
N MET F 96 23.80 -33.23 0.34
CA MET F 96 24.13 -34.60 0.79
C MET F 96 24.13 -35.51 -0.42
N ALA F 97 23.44 -35.15 -1.52
CA ALA F 97 23.31 -36.13 -2.66
C ALA F 97 24.62 -36.66 -3.20
N SER F 98 24.66 -37.97 -3.41
CA SER F 98 25.83 -38.70 -3.94
C SER F 98 25.46 -40.16 -4.21
N LEU F 99 26.21 -40.76 -5.14
CA LEU F 99 26.35 -42.22 -5.25
C LEU F 99 27.55 -42.52 -4.43
N LEU F 100 27.53 -43.64 -3.66
CA LEU F 100 28.62 -44.07 -2.78
C LEU F 100 29.62 -45.04 -3.54
N SER F 101 30.56 -45.65 -2.82
CA SER F 101 31.72 -46.44 -3.36
C SER F 101 31.27 -47.70 -4.06
N ALA F 102 30.23 -48.37 -3.52
CA ALA F 102 29.65 -49.61 -4.11
C ALA F 102 29.14 -49.33 -5.50
N VAL F 103 28.14 -48.47 -5.60
CA VAL F 103 27.47 -48.21 -6.87
C VAL F 103 28.49 -47.53 -7.80
N GLY F 104 29.41 -46.78 -7.19
CA GLY F 104 30.50 -46.10 -7.91
C GLY F 104 31.26 -47.09 -8.77
N GLU F 105 31.64 -48.24 -8.18
CA GLU F 105 32.38 -49.30 -8.90
C GLU F 105 31.46 -50.09 -9.84
N ALA F 106 30.26 -50.42 -9.35
CA ALA F 106 29.34 -51.30 -10.08
C ALA F 106 28.90 -50.56 -11.36
N ASN F 107 28.74 -49.24 -11.26
CA ASN F 107 28.19 -48.38 -12.33
C ASN F 107 28.92 -47.02 -12.29
N PRO F 108 30.16 -46.99 -12.84
CA PRO F 108 31.04 -45.83 -12.73
C PRO F 108 30.56 -44.59 -13.51
N SER F 109 29.69 -44.78 -14.49
CA SER F 109 29.31 -43.62 -15.27
C SER F 109 28.30 -42.85 -14.43
N LEU F 110 27.55 -43.60 -13.62
CA LEU F 110 26.44 -42.97 -12.99
C LEU F 110 26.98 -42.08 -11.92
N ALA F 111 27.83 -42.63 -11.09
CA ALA F 111 28.41 -41.94 -9.99
C ALA F 111 29.07 -40.64 -10.43
N LEU F 112 29.84 -40.76 -11.48
CA LEU F 112 30.52 -39.64 -12.05
C LEU F 112 29.55 -38.48 -12.41
N SER F 113 28.40 -38.76 -13.00
CA SER F 113 27.47 -37.70 -13.36
C SER F 113 26.71 -37.16 -12.11
N VAL F 114 26.29 -38.00 -11.16
CA VAL F 114 25.50 -37.50 -9.99
C VAL F 114 26.38 -36.67 -9.13
N ASN F 115 27.59 -37.17 -8.85
CA ASN F 115 28.57 -36.52 -7.91
C ASN F 115 29.12 -35.21 -8.52
N THR F 116 29.64 -35.24 -9.77
CA THR F 116 30.34 -34.07 -10.34
C THR F 116 29.30 -33.15 -10.79
N ARG F 117 28.23 -33.62 -11.40
CA ARG F 117 27.19 -32.68 -11.82
C ARG F 117 26.28 -32.10 -10.68
N GLY F 118 25.96 -32.93 -9.66
CA GLY F 118 25.29 -32.39 -8.51
C GLY F 118 26.15 -31.31 -7.83
N ILE F 119 27.46 -31.53 -7.65
CA ILE F 119 28.17 -30.44 -7.00
C ILE F 119 28.42 -29.15 -7.83
N GLN F 120 28.64 -29.32 -9.13
CA GLN F 120 28.73 -28.16 -10.01
C GLN F 120 27.49 -27.32 -10.04
N ASN F 121 26.35 -27.93 -10.13
CA ASN F 121 25.11 -27.20 -10.14
C ASN F 121 24.87 -26.49 -8.84
N VAL F 122 25.34 -27.09 -7.74
CA VAL F 122 25.09 -26.52 -6.40
C VAL F 122 25.93 -25.26 -6.29
N LEU F 123 27.17 -25.34 -6.73
CA LEU F 123 28.06 -24.17 -6.63
C LEU F 123 27.61 -23.02 -7.58
N GLU F 124 27.36 -23.35 -8.85
CA GLU F 124 26.78 -22.37 -9.82
C GLU F 124 25.57 -21.70 -9.19
N LEU F 125 24.58 -22.45 -8.73
CA LEU F 125 23.50 -21.79 -7.97
C LEU F 125 23.96 -21.03 -6.74
N ALA F 126 24.95 -21.54 -5.99
CA ALA F 126 25.38 -20.87 -4.76
C ALA F 126 25.94 -19.49 -5.17
N LYS F 127 26.68 -19.50 -6.28
CA LYS F 127 27.02 -18.26 -6.83
C LYS F 127 25.90 -17.36 -7.37
N GLN F 128 24.96 -17.89 -8.16
CA GLN F 128 23.99 -16.94 -8.72
C GLN F 128 23.07 -16.42 -7.63
N TYR F 129 22.86 -17.14 -6.52
CA TYR F 129 21.84 -16.78 -5.57
C TYR F 129 22.48 -16.41 -4.22
N GLN F 130 23.82 -16.33 -4.19
CA GLN F 130 24.58 -16.09 -2.96
C GLN F 130 24.20 -17.06 -1.91
N LEU F 131 24.45 -18.33 -2.17
CA LEU F 131 24.11 -19.26 -1.15
C LEU F 131 25.36 -19.68 -0.46
N ARG F 132 25.15 -20.21 0.71
CA ARG F 132 26.30 -20.96 1.25
C ARG F 132 26.14 -22.39 1.05
N VAL F 133 27.21 -23.15 1.20
CA VAL F 133 27.10 -24.58 0.93
C VAL F 133 27.91 -25.44 1.84
N PHE F 134 27.28 -26.51 2.23
CA PHE F 134 27.96 -27.54 2.95
C PHE F 134 27.86 -28.74 2.05
N ALA F 135 28.98 -29.41 1.82
CA ALA F 135 28.99 -30.69 1.11
C ALA F 135 30.02 -31.66 1.77
N PRO F 136 29.60 -32.90 2.06
CA PRO F 136 30.58 -33.80 2.57
C PRO F 136 31.69 -34.23 1.54
N SER F 137 32.88 -34.44 2.06
CA SER F 137 33.85 -35.19 1.41
C SER F 137 33.87 -36.46 2.22
N THR F 138 35.02 -37.16 2.22
CA THR F 138 35.19 -38.55 2.67
C THR F 138 36.67 -38.92 2.70
N ILE F 139 36.99 -39.93 3.53
CA ILE F 139 38.34 -40.47 3.66
C ILE F 139 38.77 -41.18 2.41
N ALA F 140 37.82 -41.51 1.54
CA ALA F 140 38.10 -42.17 0.25
C ALA F 140 38.69 -41.19 -0.72
N VAL F 141 38.76 -39.89 -0.34
CA VAL F 141 39.63 -39.01 -1.15
C VAL F 141 41.09 -39.41 -1.17
N PHE F 142 41.52 -40.19 -0.16
CA PHE F 142 42.90 -40.61 -0.05
C PHE F 142 43.18 -41.94 -0.75
N GLY F 143 44.46 -42.13 -1.11
CA GLY F 143 44.96 -43.24 -1.90
C GLY F 143 46.16 -43.96 -1.27
N PRO F 144 46.67 -45.02 -1.94
CA PRO F 144 47.71 -45.86 -1.29
C PRO F 144 49.04 -45.18 -1.09
N SER F 145 49.29 -44.09 -1.81
CA SER F 145 50.47 -43.18 -1.62
C SER F 145 50.23 -42.04 -0.63
N THR F 146 49.08 -42.06 0.03
CA THR F 146 48.82 -41.11 1.05
C THR F 146 49.32 -41.79 2.34
N PRO F 147 50.03 -41.05 3.19
CA PRO F 147 50.46 -41.49 4.51
C PRO F 147 49.21 -41.90 5.29
N GLN F 148 49.19 -43.19 5.68
CA GLN F 148 47.99 -43.84 6.19
C GLN F 148 47.65 -43.80 7.70
N ASP F 149 48.61 -43.37 8.51
CA ASP F 149 48.43 -43.14 9.96
C ASP F 149 48.39 -41.67 10.17
N GLU F 150 47.41 -41.22 10.91
CA GLU F 150 47.39 -39.80 11.24
C GLU F 150 47.45 -38.92 9.96
N THR F 151 46.75 -39.40 8.93
CA THR F 151 46.49 -38.60 7.68
C THR F 151 46.14 -37.09 7.92
N PRO F 152 47.03 -36.20 7.40
CA PRO F 152 46.94 -34.72 7.49
C PRO F 152 45.82 -34.23 6.62
N ASP F 153 45.31 -33.04 6.97
CA ASP F 153 44.33 -32.28 6.15
C ASP F 153 44.89 -31.97 4.80
N THR F 154 46.18 -31.66 4.76
CA THR F 154 46.69 -31.38 3.46
C THR F 154 47.85 -32.29 3.02
N THR F 155 47.56 -33.16 2.09
CA THR F 155 48.42 -34.31 1.83
C THR F 155 48.36 -34.79 0.34
N ILE F 156 48.94 -35.96 0.06
CA ILE F 156 48.80 -36.59 -1.29
C ILE F 156 47.40 -37.26 -1.38
N MET F 157 46.68 -36.94 -2.44
CA MET F 157 45.36 -37.50 -2.63
C MET F 157 45.25 -38.22 -4.01
N ARG F 158 45.43 -39.54 -4.10
CA ARG F 158 45.33 -40.23 -5.45
C ARG F 158 44.45 -41.43 -5.36
N PRO F 159 43.13 -41.21 -5.17
CA PRO F 159 42.25 -42.26 -4.77
C PRO F 159 42.08 -43.18 -5.90
N THR F 160 41.80 -44.44 -5.56
CA THR F 160 41.59 -45.50 -6.57
C THR F 160 40.10 -45.67 -6.83
N THR F 161 39.19 -44.98 -6.13
CA THR F 161 37.83 -45.34 -6.43
C THR F 161 37.17 -44.19 -7.22
N MET F 162 36.13 -44.50 -8.00
CA MET F 162 35.40 -43.46 -8.72
C MET F 162 34.78 -42.53 -7.68
N TYR F 163 34.20 -43.16 -6.69
CA TYR F 163 33.62 -42.38 -5.64
C TYR F 163 34.64 -41.44 -5.04
N GLY F 164 35.82 -41.95 -4.69
CA GLY F 164 36.83 -41.06 -4.16
C GLY F 164 37.25 -39.85 -5.00
N LEU F 165 37.55 -40.10 -6.25
CA LEU F 165 38.00 -39.06 -7.14
C LEU F 165 36.87 -38.06 -7.45
N THR F 166 35.65 -38.49 -7.66
CA THR F 166 34.58 -37.44 -7.69
C THR F 166 34.60 -36.48 -6.45
N LYS F 167 35.10 -36.94 -5.28
CA LYS F 167 35.12 -36.14 -4.00
C LYS F 167 36.32 -35.19 -3.88
N VAL F 168 37.49 -35.57 -4.40
CA VAL F 168 38.53 -34.59 -4.64
C VAL F 168 37.93 -33.39 -5.46
N HIS F 169 37.12 -33.69 -6.47
CA HIS F 169 36.61 -32.62 -7.36
C HIS F 169 35.61 -31.79 -6.52
N VAL F 170 34.76 -32.46 -5.72
CA VAL F 170 33.89 -31.72 -4.83
C VAL F 170 34.75 -30.74 -4.01
N GLU F 171 35.86 -31.25 -3.42
CA GLU F 171 36.74 -30.41 -2.59
C GLU F 171 37.37 -29.28 -3.35
N LEU F 172 38.05 -29.57 -4.47
CA LEU F 172 38.71 -28.50 -5.23
C LEU F 172 37.73 -27.46 -5.83
N LEU F 173 36.56 -27.89 -6.30
CA LEU F 173 35.66 -26.91 -6.92
C LEU F 173 34.98 -26.03 -5.83
N GLY F 174 34.74 -26.60 -4.63
CA GLY F 174 34.12 -25.86 -3.48
C GLY F 174 35.14 -24.80 -2.98
N GLU F 175 36.38 -25.23 -2.85
CA GLU F 175 37.39 -24.34 -2.43
C GLU F 175 37.56 -23.23 -3.49
N TYR F 176 37.46 -23.62 -4.77
CA TYR F 176 37.71 -22.63 -5.82
C TYR F 176 36.56 -21.57 -5.85
N TYR F 177 35.32 -21.98 -5.79
CA TYR F 177 34.18 -21.08 -5.55
C TYR F 177 34.28 -20.14 -4.34
N TYR F 178 34.89 -20.64 -3.24
CA TYR F 178 35.14 -19.86 -2.05
C TYR F 178 36.04 -18.69 -2.47
N ASN F 179 37.21 -19.03 -3.02
CA ASN F 179 38.26 -18.03 -3.25
C ASN F 179 37.94 -17.26 -4.45
N LYS F 180 37.18 -17.81 -5.39
CA LYS F 180 36.92 -17.03 -6.60
C LYS F 180 35.71 -16.09 -6.51
N PHE F 181 34.64 -16.50 -5.85
CA PHE F 181 33.39 -15.82 -5.89
C PHE F 181 32.81 -15.60 -4.50
N GLY F 182 33.57 -15.95 -3.48
CA GLY F 182 33.10 -15.75 -2.12
C GLY F 182 31.87 -16.60 -1.80
N VAL F 183 31.78 -17.76 -2.41
CA VAL F 183 30.76 -18.63 -1.95
C VAL F 183 31.29 -19.23 -0.64
N ASP F 184 30.56 -19.00 0.46
CA ASP F 184 30.93 -19.68 1.68
C ASP F 184 30.71 -21.23 1.48
N PHE F 185 31.81 -21.97 1.31
CA PHE F 185 31.77 -23.38 0.94
C PHE F 185 32.39 -24.04 2.12
N ARG F 186 31.77 -25.05 2.73
CA ARG F 186 32.52 -25.80 3.81
C ARG F 186 32.29 -27.27 3.72
N SER F 187 33.29 -28.03 4.15
CA SER F 187 33.23 -29.46 3.98
C SER F 187 33.93 -30.23 5.04
N VAL F 188 33.42 -31.43 5.26
CA VAL F 188 33.98 -32.31 6.18
C VAL F 188 34.18 -33.69 5.62
N ARG F 189 35.40 -34.23 5.87
CA ARG F 189 35.79 -35.60 5.32
C ARG F 189 35.29 -36.60 6.30
N TYR F 190 34.13 -37.15 5.98
CA TYR F 190 33.61 -38.14 6.96
C TYR F 190 34.47 -39.40 6.88
N PRO F 191 34.72 -39.99 8.05
CA PRO F 191 35.31 -41.30 8.15
C PRO F 191 34.16 -42.33 8.00
N GLY F 192 34.36 -43.64 8.31
CA GLY F 192 33.25 -44.62 8.30
C GLY F 192 32.21 -44.13 9.29
N VAL F 193 30.92 -44.09 8.87
CA VAL F 193 29.82 -43.62 9.76
C VAL F 193 28.89 -44.82 10.18
N ILE F 194 28.63 -44.99 11.49
CA ILE F 194 27.82 -46.06 11.95
C ILE F 194 26.51 -45.54 12.51
N SER F 195 25.40 -46.22 12.20
CA SER F 195 24.09 -45.90 12.82
C SER F 195 23.10 -47.03 12.85
N SER F 196 22.17 -46.91 13.81
CA SER F 196 21.13 -47.92 14.01
C SER F 196 19.97 -47.82 13.00
N GLU F 197 19.73 -46.62 12.43
CA GLU F 197 18.53 -46.39 11.61
C GLU F 197 18.56 -46.51 10.12
N ALA F 198 19.68 -46.18 9.51
CA ALA F 198 19.85 -46.41 8.08
C ALA F 198 20.28 -47.84 7.90
N LEU F 199 19.79 -48.46 6.86
CA LEU F 199 20.08 -49.85 6.64
C LEU F 199 21.42 -49.96 6.00
N PRO F 200 22.14 -51.00 6.36
CA PRO F 200 23.45 -51.28 5.80
C PRO F 200 23.39 -51.58 4.33
N GLY F 201 24.38 -51.05 3.63
CA GLY F 201 24.47 -51.15 2.19
C GLY F 201 25.60 -52.06 1.84
N GLY F 202 26.29 -51.75 0.76
CA GLY F 202 27.40 -52.53 0.33
C GLY F 202 28.71 -51.80 0.44
N GLY F 203 28.79 -50.92 1.43
CA GLY F 203 29.97 -50.12 1.62
C GLY F 203 31.07 -50.88 2.30
N THR F 204 32.28 -50.39 2.13
CA THR F 204 33.51 -50.93 2.69
C THR F 204 33.43 -50.74 4.18
N THR F 205 33.11 -49.55 4.65
CA THR F 205 32.97 -49.39 6.10
C THR F 205 31.68 -49.93 6.69
N ASP F 206 30.80 -50.52 5.88
CA ASP F 206 29.46 -50.92 6.28
C ASP F 206 29.45 -52.14 7.10
N TYR F 207 30.52 -52.94 7.03
CA TYR F 207 30.58 -54.12 7.90
C TYR F 207 30.20 -53.77 9.34
N ALA F 208 30.50 -52.54 9.75
CA ALA F 208 30.32 -52.12 11.15
C ALA F 208 28.90 -51.73 11.52
N VAL F 209 28.04 -51.73 10.50
CA VAL F 209 26.61 -51.60 10.71
C VAL F 209 25.98 -53.01 10.71
N GLU F 210 26.38 -53.89 9.76
CA GLU F 210 25.96 -55.32 9.65
C GLU F 210 26.27 -56.11 10.89
N ILE F 211 27.55 -56.05 11.32
CA ILE F 211 28.07 -56.79 12.44
C ILE F 211 27.01 -56.82 13.50
N PHE F 212 26.34 -55.69 13.76
CA PHE F 212 25.33 -55.54 14.86
C PHE F 212 24.00 -56.26 14.71
N TYR F 213 23.43 -56.14 13.49
CA TYR F 213 22.26 -56.93 13.02
C TYR F 213 22.62 -58.40 13.14
N GLU F 214 23.83 -58.75 12.69
CA GLU F 214 24.22 -60.17 12.77
C GLU F 214 24.51 -60.65 14.19
N ALA F 215 25.05 -59.76 15.02
CA ALA F 215 25.19 -60.02 16.44
C ALA F 215 23.81 -60.43 17.00
N LEU F 216 22.87 -59.48 16.93
CA LEU F 216 21.51 -59.63 17.45
C LEU F 216 20.66 -60.76 16.84
N LYS F 217 20.72 -60.95 15.53
CA LYS F 217 19.88 -61.98 14.86
C LYS F 217 20.45 -63.43 15.00
N HIS F 218 21.77 -63.55 14.86
CA HIS F 218 22.44 -64.90 14.80
C HIS F 218 23.52 -65.26 15.90
N GLY F 219 24.18 -64.25 16.47
CA GLY F 219 25.14 -64.42 17.57
C GLY F 219 26.50 -64.60 16.95
N LYS F 220 26.55 -64.29 15.65
CA LYS F 220 27.75 -64.50 14.85
C LYS F 220 27.58 -63.73 13.59
N TYR F 221 28.73 -63.28 13.09
CA TYR F 221 28.86 -62.61 11.80
C TYR F 221 30.10 -63.14 11.05
N THR F 222 30.07 -63.00 9.75
CA THR F 222 31.20 -63.19 8.89
C THR F 222 31.42 -61.78 8.31
N CYS F 223 32.56 -61.24 8.59
CA CYS F 223 32.98 -59.96 8.11
C CYS F 223 33.65 -60.14 6.73
N PHE F 224 33.55 -59.09 5.92
CA PHE F 224 34.03 -59.11 4.57
C PHE F 224 35.32 -58.27 4.44
N LEU F 225 35.90 -57.81 5.56
CA LEU F 225 37.30 -57.32 5.56
C LEU F 225 38.14 -58.26 6.43
N ASN F 226 39.47 -58.19 6.30
CA ASN F 226 40.40 -58.91 7.20
C ASN F 226 40.18 -58.52 8.63
N ARG F 227 40.52 -59.42 9.56
CA ARG F 227 40.47 -59.15 11.04
C ARG F 227 41.07 -57.81 11.57
N ASP F 228 42.03 -57.28 10.80
CA ASP F 228 42.97 -56.27 11.25
C ASP F 228 43.01 -55.00 10.36
N ALA F 229 42.01 -54.83 9.48
CA ALA F 229 41.96 -53.60 8.63
C ALA F 229 41.44 -52.46 9.47
N LYS F 230 42.36 -51.59 9.89
CA LYS F 230 42.02 -50.47 10.77
C LYS F 230 41.39 -49.46 9.82
N LEU F 231 40.29 -48.86 10.28
CA LEU F 231 39.68 -47.71 9.64
C LEU F 231 39.22 -46.59 10.58
N PRO F 232 39.18 -45.36 10.05
CA PRO F 232 38.50 -44.37 10.94
C PRO F 232 36.99 -44.49 10.88
N MET F 233 36.40 -44.38 12.05
CA MET F 233 35.00 -44.51 12.16
C MET F 233 34.44 -43.47 13.13
N MET F 234 33.12 -43.27 13.12
CA MET F 234 32.49 -42.28 13.95
C MET F 234 31.07 -42.76 14.11
N TYR F 235 30.53 -42.61 15.30
CA TYR F 235 29.16 -42.91 15.47
C TYR F 235 28.32 -41.70 15.09
N MET F 236 27.10 -41.98 14.63
CA MET F 236 26.20 -41.00 13.97
C MET F 236 26.04 -39.70 14.76
N PRO F 237 25.81 -39.77 16.13
CA PRO F 237 25.63 -38.43 16.81
C PRO F 237 26.87 -37.53 16.74
N ASP F 238 28.05 -38.10 16.61
CA ASP F 238 29.26 -37.28 16.37
C ASP F 238 29.28 -36.69 14.96
N CYS F 239 28.90 -37.53 14.01
CA CYS F 239 28.72 -37.09 12.62
C CYS F 239 27.78 -35.85 12.49
N LEU F 240 26.62 -35.96 13.15
CA LEU F 240 25.71 -34.88 13.20
C LEU F 240 26.30 -33.74 13.95
N LYS F 241 26.97 -34.02 15.08
CA LYS F 241 27.68 -32.97 15.83
C LYS F 241 28.63 -32.14 14.98
N ALA F 242 29.58 -32.85 14.34
CA ALA F 242 30.66 -32.24 13.56
C ALA F 242 30.10 -31.41 12.41
N THR F 243 28.98 -31.87 11.87
CA THR F 243 28.34 -31.25 10.74
C THR F 243 27.76 -29.95 11.20
N MET F 244 27.13 -29.98 12.34
CA MET F 244 26.55 -28.75 12.82
C MET F 244 27.57 -27.78 13.39
N GLY F 245 28.70 -28.31 13.90
CA GLY F 245 29.76 -27.42 14.41
C GLY F 245 30.45 -26.74 13.21
N LEU F 246 30.71 -27.48 12.11
CA LEU F 246 31.45 -26.79 11.03
C LEU F 246 30.54 -25.70 10.40
N ILE F 247 29.26 -26.06 10.16
CA ILE F 247 28.22 -25.20 9.56
C ILE F 247 27.91 -23.93 10.38
N ASN F 248 27.79 -24.01 11.70
CA ASN F 248 27.70 -22.79 12.56
C ASN F 248 29.02 -22.13 13.03
N ALA F 249 30.19 -22.75 12.80
CA ALA F 249 31.42 -22.03 13.09
C ALA F 249 31.35 -20.63 12.47
N PRO F 250 31.97 -19.59 13.10
CA PRO F 250 31.95 -18.32 12.33
C PRO F 250 33.07 -18.34 11.22
N ASN F 251 32.75 -17.75 10.06
CA ASN F 251 33.64 -17.89 8.93
C ASN F 251 35.10 -17.61 9.34
N ASP F 252 35.29 -16.51 10.13
CA ASP F 252 36.61 -15.94 10.51
C ASP F 252 37.50 -16.87 11.35
N CYS F 253 36.95 -17.95 11.91
CA CYS F 253 37.83 -18.91 12.61
C CYS F 253 38.31 -20.08 11.75
N LEU F 254 37.90 -20.14 10.48
CA LEU F 254 38.26 -21.28 9.64
C LEU F 254 39.49 -21.02 8.81
N SER F 255 40.61 -21.63 9.17
CA SER F 255 41.82 -21.60 8.32
C SER F 255 41.71 -22.42 6.98
N GLN F 256 40.77 -23.37 6.87
CA GLN F 256 40.63 -24.17 5.61
C GLN F 256 39.15 -24.23 5.35
N ARG F 257 38.75 -24.86 4.24
CA ARG F 257 37.39 -25.07 3.92
C ARG F 257 36.94 -26.45 4.12
N THR F 258 37.89 -27.36 3.91
CA THR F 258 37.69 -28.77 4.13
C THR F 258 38.46 -29.28 5.37
N TYR F 259 37.80 -30.10 6.20
CA TYR F 259 38.48 -30.67 7.42
C TYR F 259 38.26 -32.15 7.51
N ASN F 260 39.34 -32.91 7.77
CA ASN F 260 39.26 -34.25 8.42
C ASN F 260 38.44 -34.21 9.68
N ILE F 261 37.63 -35.21 9.95
CA ILE F 261 37.08 -35.41 11.29
C ILE F 261 37.13 -36.87 11.72
N THR F 262 37.56 -37.14 12.93
CA THR F 262 37.52 -38.50 13.42
C THR F 262 36.95 -38.54 14.85
N ALA F 263 36.74 -39.77 15.31
CA ALA F 263 36.29 -40.08 16.64
C ALA F 263 37.23 -41.20 17.16
N VAL F 264 37.27 -42.35 16.46
CA VAL F 264 38.15 -43.47 16.82
C VAL F 264 38.68 -44.09 15.59
N SER F 265 39.32 -45.23 15.73
CA SER F 265 39.74 -46.08 14.64
C SER F 265 39.87 -47.49 15.18
N PHE F 266 39.25 -48.43 14.49
CA PHE F 266 39.36 -49.79 14.90
C PHE F 266 39.24 -50.81 13.71
N THR F 267 39.67 -52.01 14.06
CA THR F 267 39.69 -53.10 13.18
C THR F 267 38.39 -53.88 13.51
N PRO F 268 38.01 -54.78 12.59
CA PRO F 268 36.85 -55.67 12.90
C PRO F 268 37.13 -56.47 14.15
N GLU F 269 38.34 -57.02 14.22
CA GLU F 269 38.75 -57.83 15.36
C GLU F 269 38.32 -57.10 16.65
N GLU F 270 38.65 -55.82 16.71
CA GLU F 270 38.39 -55.08 17.88
C GLU F 270 36.96 -54.59 18.07
N ILE F 271 36.18 -54.34 17.00
CA ILE F 271 34.75 -54.05 17.24
C ILE F 271 34.02 -55.31 17.70
N VAL F 272 34.51 -56.44 17.22
CA VAL F 272 34.01 -57.76 17.69
C VAL F 272 34.23 -57.94 19.20
N ALA F 273 35.48 -57.91 19.71
CA ALA F 273 35.79 -57.94 21.14
C ALA F 273 34.93 -56.94 21.94
N SER F 274 34.71 -55.75 21.37
CA SER F 274 33.89 -54.73 22.08
C SER F 274 32.45 -55.25 22.26
N ILE F 275 31.82 -55.67 21.15
CA ILE F 275 30.50 -56.35 21.19
C ILE F 275 30.47 -57.51 22.22
N GLN F 276 31.54 -58.31 22.23
CA GLN F 276 31.57 -59.51 23.11
C GLN F 276 31.71 -59.20 24.59
N LYS F 277 32.12 -57.99 24.92
CA LYS F 277 31.98 -57.60 26.30
C LYS F 277 30.52 -57.29 26.84
N VAL F 278 29.64 -57.06 25.88
CA VAL F 278 28.22 -56.89 26.13
C VAL F 278 27.47 -58.18 25.84
N MET F 279 27.83 -58.90 24.76
CA MET F 279 27.25 -60.19 24.42
C MET F 279 28.45 -61.12 24.23
N PRO F 280 28.93 -61.79 25.35
CA PRO F 280 30.08 -62.71 25.23
C PRO F 280 29.97 -63.83 24.16
N SER F 281 28.78 -64.37 23.93
CA SER F 281 28.65 -65.50 22.99
C SER F 281 28.81 -65.12 21.48
N PHE F 282 29.15 -63.87 21.23
CA PHE F 282 29.26 -63.39 19.84
C PHE F 282 30.55 -63.94 19.28
N GLN F 283 30.45 -64.49 18.08
CA GLN F 283 31.57 -65.02 17.37
C GLN F 283 31.74 -64.23 16.08
N CYS F 284 32.95 -64.25 15.55
CA CYS F 284 33.16 -63.68 14.26
C CYS F 284 34.12 -64.52 13.44
N ASP F 285 33.90 -64.45 12.14
CA ASP F 285 34.61 -65.23 11.14
C ASP F 285 34.99 -64.24 10.01
N TYR F 286 36.00 -64.57 9.18
CA TYR F 286 36.52 -63.57 8.23
C TYR F 286 36.72 -64.07 6.77
N LYS F 287 35.82 -63.70 5.88
CA LYS F 287 35.98 -64.00 4.45
C LYS F 287 36.11 -62.71 3.63
N PRO F 288 37.36 -62.27 3.33
CA PRO F 288 37.64 -60.97 2.71
C PRO F 288 37.40 -60.88 1.17
N ASP F 289 36.41 -60.09 0.74
CA ASP F 289 36.13 -59.89 -0.71
C ASP F 289 36.90 -58.66 -1.25
N PHE F 290 36.46 -58.11 -2.40
CA PHE F 290 37.14 -56.95 -3.04
C PHE F 290 37.13 -55.68 -2.15
N ARG F 291 36.16 -55.59 -1.22
CA ARG F 291 36.04 -54.44 -0.33
C ARG F 291 37.32 -54.23 0.52
N GLN F 292 37.98 -55.35 0.79
CA GLN F 292 39.34 -55.40 1.29
C GLN F 292 40.33 -54.63 0.43
N GLN F 293 40.36 -54.84 -0.90
CA GLN F 293 41.25 -54.05 -1.79
C GLN F 293 40.79 -52.58 -1.86
N ILE F 294 39.59 -52.29 -1.34
CA ILE F 294 39.19 -50.86 -1.23
C ILE F 294 39.77 -50.29 0.09
N ALA F 295 39.37 -50.92 1.24
CA ALA F 295 39.85 -50.69 2.66
C ALA F 295 41.35 -50.36 2.81
N GLU F 296 42.23 -51.21 2.27
CA GLU F 296 43.66 -51.02 2.45
C GLU F 296 44.19 -49.84 1.66
N THR F 297 43.42 -49.30 0.73
CA THR F 297 43.90 -48.04 0.16
C THR F 297 43.45 -46.84 1.01
N TRP F 298 42.66 -47.06 2.05
CA TRP F 298 42.30 -45.96 2.96
C TRP F 298 43.16 -45.72 4.21
N PRO F 299 43.16 -44.50 4.72
CA PRO F 299 43.70 -44.21 6.05
C PRO F 299 43.24 -45.16 7.13
N ARG F 300 44.17 -45.42 8.07
CA ARG F 300 43.92 -46.18 9.32
C ARG F 300 43.48 -45.19 10.39
N SER F 301 44.00 -43.94 10.35
CA SER F 301 43.61 -42.88 11.31
C SER F 301 43.70 -41.55 10.64
N ILE F 302 42.82 -40.63 11.00
CA ILE F 302 42.99 -39.25 10.46
C ILE F 302 43.28 -38.26 11.53
N ASP F 303 44.16 -37.35 11.10
CA ASP F 303 44.58 -36.30 11.98
C ASP F 303 43.59 -35.22 11.73
N ASP F 304 42.83 -34.91 12.78
CA ASP F 304 41.83 -33.89 12.72
C ASP F 304 42.11 -32.70 13.64
N SER F 305 43.37 -32.51 14.02
CA SER F 305 43.77 -31.34 14.86
C SER F 305 43.26 -29.93 14.41
N ILE F 306 43.44 -29.67 13.11
CA ILE F 306 42.93 -28.40 12.61
C ILE F 306 41.44 -28.06 12.96
N ALA F 307 40.52 -28.97 12.70
CA ALA F 307 39.14 -28.82 13.23
C ALA F 307 39.07 -28.67 14.80
N ARG F 308 39.97 -29.36 15.53
CA ARG F 308 40.00 -29.27 17.06
C ARG F 308 40.29 -27.81 17.35
N LYS F 309 41.42 -27.34 16.81
CA LYS F 309 41.88 -25.94 16.83
C LYS F 309 40.86 -24.92 16.34
N ASP F 310 40.58 -24.89 15.03
CA ASP F 310 39.72 -23.86 14.44
C ASP F 310 38.34 -23.81 14.99
N TRP F 311 37.62 -24.93 15.03
CA TRP F 311 36.19 -24.85 15.47
C TRP F 311 35.73 -25.72 16.63
N ASN F 312 36.73 -26.17 17.39
CA ASN F 312 36.54 -26.91 18.62
C ASN F 312 35.81 -28.19 18.42
N TRP F 313 36.16 -28.85 17.32
CA TRP F 313 35.71 -30.19 17.07
C TRP F 313 36.06 -31.10 18.24
N GLN F 314 35.05 -31.61 18.96
CA GLN F 314 35.24 -32.69 19.97
C GLN F 314 34.19 -33.84 19.80
N HIS F 315 34.62 -35.08 19.57
CA HIS F 315 33.70 -36.26 19.45
C HIS F 315 33.39 -36.74 20.86
N ASP F 316 32.24 -37.37 21.05
CA ASP F 316 31.87 -37.88 22.35
C ASP F 316 31.78 -39.42 22.41
N PHE F 317 31.69 -40.14 21.27
CA PHE F 317 31.60 -41.64 21.32
C PHE F 317 32.87 -42.37 20.95
N ASP F 318 33.47 -43.01 21.94
CA ASP F 318 34.42 -44.09 21.66
C ASP F 318 33.74 -45.40 21.29
N LEU F 319 34.55 -46.43 21.18
CA LEU F 319 34.03 -47.65 20.61
C LEU F 319 33.01 -48.29 21.56
N ASP F 320 33.38 -48.40 22.84
CA ASP F 320 32.54 -49.22 23.66
C ASP F 320 31.18 -48.55 23.81
N SER F 321 31.12 -47.23 23.90
CA SER F 321 29.82 -46.51 24.04
C SER F 321 28.94 -46.52 22.78
N MET F 322 29.53 -46.38 21.59
CA MET F 322 28.73 -46.58 20.38
C MET F 322 28.17 -48.02 20.26
N VAL F 323 28.93 -49.01 20.76
CA VAL F 323 28.53 -50.46 20.68
C VAL F 323 27.29 -50.71 21.55
N GLU F 324 27.40 -50.32 22.84
CA GLU F 324 26.27 -50.43 23.80
C GLU F 324 25.05 -49.78 23.26
N ASP F 325 25.25 -48.61 22.63
CA ASP F 325 24.14 -47.82 22.09
C ASP F 325 23.48 -48.44 20.83
N MET F 326 24.33 -48.88 19.89
CA MET F 326 23.89 -49.58 18.69
C MET F 326 23.07 -50.79 19.09
N LEU F 327 23.69 -51.63 19.93
CA LEU F 327 23.14 -52.86 20.42
C LEU F 327 21.79 -52.63 21.10
N VAL F 328 21.73 -51.72 22.06
CA VAL F 328 20.45 -51.41 22.73
C VAL F 328 19.36 -50.97 21.70
N LYS F 329 19.66 -49.97 20.88
CA LYS F 329 18.72 -49.45 19.85
C LYS F 329 18.25 -50.48 18.78
N LEU F 330 19.13 -51.32 18.25
CA LEU F 330 18.66 -52.37 17.34
C LEU F 330 17.86 -53.46 18.10
N ASP F 331 18.20 -53.71 19.36
CA ASP F 331 17.46 -54.70 20.09
C ASP F 331 15.98 -54.26 20.11
N ALA F 332 15.75 -52.98 20.37
CA ALA F 332 14.41 -52.38 20.33
C ALA F 332 13.79 -52.52 18.94
N LYS F 333 14.50 -52.04 17.91
CA LYS F 333 14.03 -52.01 16.52
C LYS F 333 13.72 -53.40 15.95
N LEU F 334 13.76 -54.44 16.79
CA LEU F 334 13.40 -55.81 16.43
C LEU F 334 12.67 -56.41 17.62
#